data_5GS0
#
_entry.id   5GS0
#
_cell.length_a   98.519
_cell.length_b   141.329
_cell.length_c   150.831
_cell.angle_alpha   90.00
_cell.angle_beta   106.88
_cell.angle_gamma   90.00
#
_symmetry.space_group_name_H-M   'P 1 21 1'
#
loop_
_entity.id
_entity.type
_entity.pdbx_description
1 polymer 'Toll-like receptor 3'
2 polymer 'light chain (anti-TLR3)'
3 polymer 'heavy chain (anti-TLR3)'
4 polymer 'heavy chain (anti-Lid)'
5 polymer 'light chain (anti-Lid)'
6 non-polymer 2-acetamido-2-deoxy-beta-D-glucopyranose
7 non-polymer beta-D-mannopyranose
8 non-polymer alpha-D-mannopyranose
#
loop_
_entity_poly.entity_id
_entity_poly.type
_entity_poly.pdbx_seq_one_letter_code
_entity_poly.pdbx_strand_id
1 'polypeptide(L)'
;KCTVSHEVADCSHLKLTQVPDDLPTNITVLNLTHNQLRRLPAANFTRYSQLTSLDVGFNTISKLEPELCQKLPMLKVLNL
QHNELSQLSDKTFAFCTNLTELHLMSNSIQKIKNNPFVKQKNLITLDLSHNGLSSTKLGTQVQLENLQELLLSNNKIQAL
KSEELDIFANSSLKKLELSSNQIKEFSPGCFHAIGRLFGLFLNNVQLGPSLTEKLCLELANTSIRNLSLSNSQLSTTSNT
TFLGLKWTNLTMLDLSYNNLNVVGNDSFAWLPQLEYFFLEYNNIQHLFSHSLHGLFNVRYLNLKRSFTKQSISLASLPKI
DDFSFQWLKCLEHLNMEDNDIPGIKSNMFTGLINLKYLSLSNSFTSLRTLTNETFVSLAHSPLHILNLTKNKISKIESDA
FSWLGHLEVLDLGLNEIGQELTGQEWRGLENIFEIYLSYNKYLQLTRNSFALVPSLQRLMLRRVALKNVDSSPSPFQPLR
NLTILDLSNNNIANINDDMLEGLEKLEILDLQHNNLARLWKHANPGGPIYFLKGLSHLHILNLESNGFDEIPVEVFKDLF
ELKIIDLGLNNLNTLPASVFNNQVSLKSLNLQKNLITSVEKKVFGPAFRNLTELDMRFNPFDCTCESIAWFVNWINETHT
NIPELSSHYLCNTPPHYHGFPVRLFDTSSCK
;
A,B
2 'polypeptide(L)'
;DIVLTQPPSVSVAPGQTARISCSGDNIGSYYVHWYQQKPGQAPVLVIYEDSERPSGIPERFSGSNSGNTATLTISGTQAE
DEADYYCSSYDDPNFQVFGGGTKLTVK
;
C,E
3 'polypeptide(L)'
;QVQLQQSGPGLVKPSQTLSLTCAISGDSVSSNSAAWGWIRQSPGRGLEWLGIIQKRSKWYNNYAVKVKSKITINPDTSKN
QFSLQLSSVTPEDTAVYYCARYSYPFYSIDYWGQGTLVTVSSGGGGS
;
D,F
4 'polypeptide(L)'
;QVQLKESGPGLVRPSQSLSLTCSVTGYSITSGYYWNWIRQFPGNKLEWMGYISYDGSNNYNPSLKGRISITRDTSKNQFF
LKLNSVTTDDTATYYCARAYIGFAYWGQGTLVTVSSGGGGS
;
X,H
5 'polypeptide(L)'
;DIQLTQSTSSLPASLGDRVTISCRAGQDISNHLNWYQQKPDGTVKLLIYYTSRLHSGVPSRFSGSGSGTDYSLTISNLEQ
EDIATYFCQQGNTLPWTFGGGSKLEIK
;
Y,L
#
# COMPACT_ATOMS: atom_id res chain seq x y z
N THR A 3 1.94 -1.14 -42.54
CA THR A 3 2.99 -0.43 -43.28
C THR A 3 4.36 -1.23 -43.34
N VAL A 4 4.39 -2.41 -42.70
CA VAL A 4 5.54 -3.31 -42.70
C VAL A 4 5.03 -4.75 -42.66
N SER A 5 5.64 -5.64 -43.42
CA SER A 5 5.11 -7.00 -43.54
C SER A 5 6.18 -8.00 -43.96
N HIS A 6 6.18 -9.16 -43.31
CA HIS A 6 6.88 -10.39 -43.69
C HIS A 6 6.11 -11.51 -42.99
N GLU A 7 4.94 -11.84 -43.53
CA GLU A 7 3.91 -12.68 -42.90
C GLU A 7 3.40 -12.05 -41.61
N VAL A 8 3.94 -10.91 -41.20
CA VAL A 8 3.62 -10.27 -39.92
C VAL A 8 3.38 -8.79 -40.21
N ALA A 9 2.16 -8.32 -39.98
CA ALA A 9 1.80 -6.95 -40.30
C ALA A 9 2.15 -6.06 -39.11
N ASP A 10 3.27 -5.35 -39.21
CA ASP A 10 3.66 -4.37 -38.19
C ASP A 10 3.13 -3.00 -38.60
N CYS A 11 2.10 -2.53 -37.89
CA CYS A 11 1.58 -1.18 -38.10
C CYS A 11 1.67 -0.37 -36.81
N SER A 12 2.75 -0.58 -36.07
CA SER A 12 2.90 0.03 -34.76
C SER A 12 3.48 1.44 -34.86
N HIS A 13 2.94 2.35 -34.05
CA HIS A 13 3.41 3.73 -33.99
C HIS A 13 3.22 4.49 -35.30
N LEU A 14 2.00 4.44 -35.86
CA LEU A 14 1.74 5.14 -37.11
C LEU A 14 0.63 6.19 -37.01
N LYS A 15 0.29 6.67 -35.81
CA LYS A 15 -0.78 7.65 -35.64
C LYS A 15 -2.09 7.20 -36.27
N LEU A 16 -2.26 5.88 -36.44
CA LEU A 16 -3.43 5.33 -37.11
C LEU A 16 -4.70 5.55 -36.28
N THR A 17 -5.76 6.04 -36.94
CA THR A 17 -7.11 6.13 -36.34
C THR A 17 -8.09 5.21 -37.03
N GLN A 18 -7.59 4.26 -37.83
CA GLN A 18 -8.42 3.47 -38.72
C GLN A 18 -7.69 2.17 -39.00
N VAL A 19 -8.37 1.05 -38.89
CA VAL A 19 -7.69 -0.20 -39.16
C VAL A 19 -7.34 -0.31 -40.64
N PRO A 20 -6.06 -0.46 -40.99
CA PRO A 20 -5.67 -0.56 -42.41
C PRO A 20 -6.44 -1.65 -43.17
N ASP A 21 -7.06 -1.26 -44.28
CA ASP A 21 -7.57 -2.17 -45.29
C ASP A 21 -6.57 -2.43 -46.42
N ASP A 22 -5.38 -1.83 -46.33
CA ASP A 22 -4.33 -1.99 -47.33
C ASP A 22 -3.73 -3.40 -47.30
N LEU A 23 -3.45 -3.91 -46.09
CA LEU A 23 -2.59 -5.06 -45.88
C LEU A 23 -3.07 -6.29 -46.65
N PRO A 24 -2.16 -7.23 -46.94
CA PRO A 24 -2.58 -8.47 -47.61
C PRO A 24 -3.43 -9.36 -46.73
N THR A 25 -4.39 -10.04 -47.35
CA THR A 25 -5.37 -10.81 -46.62
C THR A 25 -4.87 -12.16 -46.16
N ASN A 26 -3.56 -12.41 -46.24
CA ASN A 26 -3.00 -13.69 -45.80
C ASN A 26 -2.11 -13.53 -44.58
N ILE A 27 -2.19 -12.38 -43.89
CA ILE A 27 -1.36 -12.13 -42.71
C ILE A 27 -1.89 -12.93 -41.53
N THR A 28 -0.97 -13.35 -40.66
CA THR A 28 -1.34 -14.08 -39.47
C THR A 28 -1.00 -13.37 -38.17
N VAL A 29 -0.27 -12.25 -38.23
CA VAL A 29 -0.03 -11.41 -37.07
C VAL A 29 -0.19 -9.95 -37.46
N LEU A 30 -0.82 -9.17 -36.57
CA LEU A 30 -1.16 -7.77 -36.84
C LEU A 30 -0.88 -6.94 -35.59
N ASN A 31 0.26 -6.24 -35.60
CA ASN A 31 0.64 -5.34 -34.51
C ASN A 31 0.12 -3.95 -34.82
N LEU A 32 -0.84 -3.49 -34.02
CA LEU A 32 -1.42 -2.16 -34.14
C LEU A 32 -1.19 -1.34 -32.88
N THR A 33 -0.07 -1.56 -32.21
CA THR A 33 0.16 -0.93 -30.92
C THR A 33 0.59 0.53 -31.06
N HIS A 34 0.28 1.31 -30.01
CA HIS A 34 0.62 2.72 -29.89
C HIS A 34 -0.01 3.59 -31.00
N ASN A 35 -1.34 3.54 -31.11
CA ASN A 35 -2.06 4.36 -32.07
C ASN A 35 -3.25 5.05 -31.40
N GLN A 36 -4.05 5.77 -32.20
CA GLN A 36 -5.24 6.47 -31.72
C GLN A 36 -6.54 5.74 -32.07
N LEU A 37 -6.53 4.41 -32.12
CA LEU A 37 -7.74 3.64 -32.36
C LEU A 37 -8.69 3.71 -31.17
N ARG A 38 -9.98 3.85 -31.44
CA ARG A 38 -10.98 3.93 -30.37
C ARG A 38 -12.05 2.85 -30.43
N ARG A 39 -12.06 2.02 -31.47
CA ARG A 39 -12.98 0.89 -31.59
C ARG A 39 -12.56 0.05 -32.78
N LEU A 40 -12.88 -1.24 -32.72
CA LEU A 40 -12.46 -2.22 -33.72
C LEU A 40 -13.70 -2.85 -34.34
N PRO A 41 -14.39 -2.16 -35.25
CA PRO A 41 -15.64 -2.70 -35.78
C PRO A 41 -15.40 -3.97 -36.59
N ALA A 42 -16.19 -5.00 -36.30
CA ALA A 42 -15.91 -6.32 -36.87
C ALA A 42 -15.86 -6.30 -38.39
N ALA A 43 -16.57 -5.37 -39.03
CA ALA A 43 -16.53 -5.32 -40.48
C ALA A 43 -15.11 -5.10 -40.95
N ASN A 44 -14.40 -4.20 -40.30
CA ASN A 44 -13.06 -3.84 -40.77
C ASN A 44 -12.05 -4.95 -40.56
N PHE A 45 -12.45 -6.04 -39.92
CA PHE A 45 -11.60 -7.21 -39.74
C PHE A 45 -12.07 -8.40 -40.57
N THR A 46 -13.02 -8.18 -41.48
CA THR A 46 -13.53 -9.33 -42.22
C THR A 46 -12.49 -9.91 -43.16
N ARG A 47 -11.68 -9.06 -43.79
CA ARG A 47 -10.70 -9.55 -44.75
C ARG A 47 -9.50 -10.20 -44.08
N TYR A 48 -9.25 -9.90 -42.81
CA TYR A 48 -8.11 -10.43 -42.07
C TYR A 48 -8.61 -11.61 -41.25
N SER A 49 -8.84 -12.73 -41.90
CA SER A 49 -9.47 -13.83 -41.20
C SER A 49 -8.46 -14.85 -40.77
N GLN A 50 -7.24 -14.72 -41.25
CA GLN A 50 -6.13 -15.61 -40.99
C GLN A 50 -5.35 -15.23 -39.74
N LEU A 51 -5.80 -14.18 -39.03
CA LEU A 51 -5.12 -13.68 -37.85
C LEU A 51 -5.12 -14.69 -36.72
N THR A 52 -3.92 -15.00 -36.22
CA THR A 52 -3.76 -15.78 -35.01
C THR A 52 -3.27 -14.96 -33.85
N SER A 53 -2.61 -13.82 -34.12
CA SER A 53 -2.20 -12.89 -33.08
C SER A 53 -2.68 -11.50 -33.48
N LEU A 54 -3.35 -10.83 -32.55
CA LEU A 54 -3.82 -9.46 -32.75
C LEU A 54 -3.38 -8.63 -31.56
N ASP A 55 -2.32 -7.83 -31.71
CA ASP A 55 -1.86 -6.95 -30.63
C ASP A 55 -2.32 -5.54 -30.94
N VAL A 56 -3.24 -5.02 -30.12
CA VAL A 56 -3.76 -3.67 -30.34
C VAL A 56 -3.63 -2.84 -29.07
N GLY A 57 -2.56 -3.09 -28.31
CA GLY A 57 -2.31 -2.32 -27.10
C GLY A 57 -2.02 -0.85 -27.37
N PHE A 58 -2.18 -0.06 -26.30
CA PHE A 58 -1.87 1.37 -26.31
C PHE A 58 -2.75 2.16 -27.29
N ASN A 59 -4.06 2.09 -27.09
CA ASN A 59 -5.03 2.84 -27.88
C ASN A 59 -6.11 3.36 -26.92
N THR A 60 -7.16 3.99 -27.48
CA THR A 60 -8.28 4.53 -26.72
C THR A 60 -9.53 3.62 -26.81
N ILE A 61 -9.33 2.30 -26.97
CA ILE A 61 -10.45 1.39 -27.18
C ILE A 61 -11.33 1.29 -25.93
N SER A 62 -12.64 1.46 -26.11
CA SER A 62 -13.60 1.50 -25.02
C SER A 62 -14.39 0.20 -24.84
N LYS A 63 -14.77 -0.47 -25.92
CA LYS A 63 -15.38 -1.78 -25.76
C LYS A 63 -15.27 -2.54 -27.07
N LEU A 64 -15.42 -3.85 -26.98
CA LEU A 64 -15.35 -4.72 -28.13
C LEU A 64 -16.73 -5.24 -28.46
N GLU A 65 -17.11 -5.12 -29.74
CA GLU A 65 -18.33 -5.76 -30.21
C GLU A 65 -18.11 -7.26 -30.35
N PRO A 66 -19.11 -8.07 -30.05
CA PRO A 66 -18.91 -9.53 -30.11
C PRO A 66 -18.42 -10.02 -31.45
N GLU A 67 -18.94 -9.44 -32.54
CA GLU A 67 -18.65 -9.92 -33.89
C GLU A 67 -17.16 -9.85 -34.22
N LEU A 68 -16.44 -8.91 -33.61
CA LEU A 68 -15.00 -8.81 -33.84
C LEU A 68 -14.35 -10.18 -33.71
N CYS A 69 -14.71 -10.91 -32.67
CA CYS A 69 -14.19 -12.26 -32.48
C CYS A 69 -14.64 -13.19 -33.59
N GLN A 70 -15.90 -13.08 -34.03
CA GLN A 70 -16.41 -14.00 -35.06
C GLN A 70 -15.66 -13.82 -36.36
N LYS A 71 -15.19 -12.61 -36.62
CA LYS A 71 -14.46 -12.33 -37.84
C LYS A 71 -13.05 -12.89 -37.84
N LEU A 72 -12.50 -13.27 -36.69
CA LEU A 72 -11.15 -13.82 -36.60
C LEU A 72 -11.28 -15.16 -35.90
N PRO A 73 -11.45 -16.22 -36.60
CA PRO A 73 -11.83 -17.45 -35.90
C PRO A 73 -10.63 -18.30 -35.61
N MET A 74 -9.48 -17.75 -35.96
CA MET A 74 -8.20 -18.36 -35.65
C MET A 74 -7.44 -17.60 -34.58
N LEU A 75 -8.01 -16.53 -34.04
CA LEU A 75 -7.30 -15.66 -33.12
C LEU A 75 -6.93 -16.40 -31.84
N LYS A 76 -5.62 -16.55 -31.60
CA LYS A 76 -5.14 -17.25 -30.41
C LYS A 76 -4.53 -16.32 -29.37
N VAL A 77 -4.04 -15.16 -29.78
CA VAL A 77 -3.40 -14.20 -28.90
C VAL A 77 -4.05 -12.84 -29.13
N LEU A 78 -4.74 -12.33 -28.13
CA LEU A 78 -5.37 -11.01 -28.14
C LEU A 78 -4.74 -10.16 -27.06
N ASN A 79 -4.22 -9.00 -27.42
CA ASN A 79 -3.55 -8.12 -26.49
C ASN A 79 -4.23 -6.76 -26.57
N LEU A 80 -5.06 -6.47 -25.56
CA LEU A 80 -5.78 -5.21 -25.41
C LEU A 80 -5.23 -4.38 -24.24
N GLN A 81 -3.95 -4.56 -23.92
CA GLN A 81 -3.38 -3.91 -22.75
C GLN A 81 -3.30 -2.41 -22.97
N HIS A 82 -3.33 -1.67 -21.86
CA HIS A 82 -3.19 -0.21 -21.87
C HIS A 82 -4.17 0.46 -22.81
N ASN A 83 -5.45 0.15 -22.57
CA ASN A 83 -6.55 0.74 -23.31
C ASN A 83 -7.54 1.28 -22.29
N GLU A 84 -8.67 1.81 -22.74
CA GLU A 84 -9.71 2.31 -21.85
C GLU A 84 -10.80 1.28 -21.65
N LEU A 85 -10.47 -0.01 -21.82
CA LEU A 85 -11.45 -1.09 -21.77
C LEU A 85 -11.76 -1.47 -20.31
N SER A 86 -12.79 -0.84 -19.72
CA SER A 86 -13.07 -0.98 -18.29
C SER A 86 -14.41 -1.62 -17.93
N GLN A 87 -15.33 -1.80 -18.89
CA GLN A 87 -16.59 -2.50 -18.65
C GLN A 87 -16.58 -3.81 -19.43
N LEU A 88 -16.60 -4.93 -18.73
CA LEU A 88 -16.59 -6.23 -19.36
C LEU A 88 -17.97 -6.85 -19.23
N SER A 89 -18.54 -7.27 -20.35
CA SER A 89 -19.82 -7.96 -20.38
C SER A 89 -19.62 -9.42 -20.71
N ASP A 90 -20.73 -10.18 -20.69
CA ASP A 90 -20.67 -11.57 -21.10
C ASP A 90 -20.40 -11.77 -22.58
N LYS A 91 -20.43 -10.69 -23.37
CA LYS A 91 -20.25 -10.79 -24.80
C LYS A 91 -18.92 -10.22 -25.29
N THR A 92 -18.11 -9.61 -24.42
CA THR A 92 -16.89 -8.97 -24.88
C THR A 92 -15.90 -9.99 -25.44
N PHE A 93 -15.83 -11.16 -24.84
CA PHE A 93 -14.93 -12.18 -25.36
C PHE A 93 -15.65 -13.45 -25.76
N ALA A 94 -16.98 -13.44 -25.80
CA ALA A 94 -17.77 -14.66 -25.90
C ALA A 94 -17.42 -15.51 -27.11
N PHE A 95 -17.00 -14.90 -28.20
CA PHE A 95 -16.74 -15.65 -29.42
C PHE A 95 -15.25 -15.85 -29.66
N CYS A 96 -14.40 -15.31 -28.79
CA CYS A 96 -12.95 -15.50 -28.88
C CYS A 96 -12.57 -16.80 -28.17
N THR A 97 -12.93 -17.90 -28.83
CA THR A 97 -12.80 -19.20 -28.19
C THR A 97 -11.43 -19.81 -28.33
N ASN A 98 -10.81 -19.67 -29.50
CA ASN A 98 -9.50 -20.27 -29.70
C ASN A 98 -8.39 -19.51 -28.99
N LEU A 99 -8.71 -18.42 -28.31
CA LEU A 99 -7.76 -17.66 -27.51
C LEU A 99 -7.03 -18.54 -26.52
N THR A 100 -5.69 -18.38 -26.45
CA THR A 100 -4.83 -18.95 -25.41
C THR A 100 -4.14 -17.90 -24.56
N GLU A 101 -4.09 -16.65 -25.01
CA GLU A 101 -3.56 -15.55 -24.22
C GLU A 101 -4.50 -14.37 -24.32
N LEU A 102 -4.93 -13.86 -23.17
CA LEU A 102 -5.73 -12.65 -23.11
C LEU A 102 -4.98 -11.66 -22.23
N HIS A 103 -4.59 -10.53 -22.81
CA HIS A 103 -3.82 -9.49 -22.13
C HIS A 103 -4.70 -8.27 -21.88
N LEU A 104 -5.02 -7.99 -20.61
CA LEU A 104 -5.92 -6.90 -20.25
C LEU A 104 -5.31 -5.97 -19.20
N MET A 105 -4.00 -5.74 -19.25
CA MET A 105 -3.32 -4.89 -18.29
C MET A 105 -3.65 -3.40 -18.48
N SER A 106 -3.80 -2.68 -17.37
CA SER A 106 -3.85 -1.22 -17.36
C SER A 106 -5.10 -0.65 -18.05
N ASN A 107 -6.28 -1.12 -17.64
CA ASN A 107 -7.52 -0.63 -18.24
C ASN A 107 -8.52 -0.01 -17.25
N SER A 108 -8.10 0.37 -16.04
CA SER A 108 -9.02 0.94 -15.06
C SER A 108 -10.23 0.05 -14.80
N ILE A 109 -10.04 -1.26 -14.97
CA ILE A 109 -11.08 -2.25 -14.71
C ILE A 109 -11.25 -2.34 -13.20
N GLN A 110 -12.35 -1.79 -12.67
CA GLN A 110 -12.52 -1.72 -11.22
C GLN A 110 -13.14 -3.00 -10.66
N LYS A 111 -14.05 -3.61 -11.42
CA LYS A 111 -14.71 -4.84 -10.98
C LYS A 111 -15.11 -5.66 -12.19
N ILE A 112 -15.33 -6.96 -11.96
CA ILE A 112 -15.74 -7.89 -12.98
C ILE A 112 -17.09 -8.48 -12.59
N LYS A 113 -18.02 -8.47 -13.54
CA LYS A 113 -19.43 -8.69 -13.22
C LYS A 113 -19.84 -10.16 -13.20
N ASN A 114 -19.95 -10.77 -14.38
CA ASN A 114 -20.71 -12.01 -14.37
C ASN A 114 -19.83 -13.19 -14.74
N ASN A 115 -19.54 -13.33 -16.02
CA ASN A 115 -18.73 -14.42 -16.55
C ASN A 115 -18.13 -14.01 -17.88
N PRO A 116 -17.20 -13.06 -17.90
CA PRO A 116 -16.66 -12.62 -19.18
C PRO A 116 -15.84 -13.71 -19.83
N PHE A 117 -15.24 -14.56 -19.02
CA PHE A 117 -14.24 -15.52 -19.46
C PHE A 117 -14.77 -16.94 -19.55
N VAL A 118 -16.04 -17.16 -19.22
CA VAL A 118 -16.56 -18.51 -19.17
C VAL A 118 -16.44 -19.21 -20.51
N LYS A 119 -16.31 -18.45 -21.58
CA LYS A 119 -16.22 -19.00 -22.92
C LYS A 119 -14.81 -19.41 -23.31
N GLN A 120 -13.78 -18.84 -22.67
CA GLN A 120 -12.37 -19.03 -23.07
C GLN A 120 -11.84 -20.35 -22.52
N LYS A 121 -12.34 -21.45 -23.11
CA LYS A 121 -12.00 -22.78 -22.63
C LYS A 121 -10.59 -23.20 -23.00
N ASN A 122 -10.02 -22.60 -24.04
CA ASN A 122 -8.65 -22.91 -24.41
C ASN A 122 -7.62 -22.00 -23.75
N LEU A 123 -8.06 -20.98 -23.01
CA LEU A 123 -7.15 -19.94 -22.54
C LEU A 123 -6.09 -20.52 -21.60
N ILE A 124 -4.82 -20.14 -21.82
CA ILE A 124 -3.73 -20.59 -20.96
C ILE A 124 -3.25 -19.47 -20.03
N THR A 125 -3.32 -18.23 -20.51
CA THR A 125 -2.79 -17.09 -19.78
C THR A 125 -3.81 -15.96 -19.75
N LEU A 126 -4.11 -15.47 -18.54
CA LEU A 126 -5.00 -14.34 -18.35
C LEU A 126 -4.25 -13.32 -17.50
N ASP A 127 -4.09 -12.10 -18.04
CA ASP A 127 -3.38 -11.04 -17.33
C ASP A 127 -4.31 -9.84 -17.11
N LEU A 128 -4.67 -9.59 -15.84
CA LEU A 128 -5.53 -8.49 -15.41
C LEU A 128 -4.81 -7.56 -14.45
N SER A 129 -3.49 -7.40 -14.65
CA SER A 129 -2.68 -6.61 -13.75
C SER A 129 -2.84 -5.12 -14.05
N HIS A 130 -2.51 -4.29 -13.05
CA HIS A 130 -2.66 -2.83 -13.12
C HIS A 130 -4.11 -2.43 -13.43
N ASN A 131 -5.04 -3.05 -12.70
CA ASN A 131 -6.43 -2.67 -12.70
C ASN A 131 -6.90 -2.56 -11.26
N GLY A 132 -7.93 -1.75 -11.05
CA GLY A 132 -8.37 -1.49 -9.69
C GLY A 132 -9.09 -2.64 -9.02
N LEU A 133 -8.83 -3.88 -9.46
CA LEU A 133 -9.59 -5.02 -8.96
C LEU A 133 -9.45 -5.13 -7.45
N SER A 134 -10.58 -5.13 -6.77
CA SER A 134 -10.62 -5.24 -5.33
C SER A 134 -10.85 -6.67 -4.86
N SER A 135 -10.97 -7.61 -5.79
CA SER A 135 -11.27 -9.01 -5.48
C SER A 135 -10.83 -9.89 -6.63
N THR A 136 -10.63 -11.18 -6.33
CA THR A 136 -10.27 -12.16 -7.33
C THR A 136 -11.47 -12.84 -7.99
N LYS A 137 -12.67 -12.26 -7.86
CA LYS A 137 -13.88 -12.85 -8.43
C LYS A 137 -13.88 -12.60 -9.93
N LEU A 138 -13.79 -13.67 -10.70
CA LEU A 138 -13.82 -13.60 -12.15
C LEU A 138 -15.00 -14.34 -12.75
N GLY A 139 -15.73 -15.12 -11.96
CA GLY A 139 -16.88 -15.81 -12.50
C GLY A 139 -17.84 -16.18 -11.39
N THR A 140 -19.01 -16.64 -11.80
CA THR A 140 -19.99 -17.17 -10.87
C THR A 140 -20.13 -18.69 -10.99
N GLN A 141 -19.19 -19.33 -11.67
CA GLN A 141 -19.20 -20.76 -11.89
C GLN A 141 -17.77 -21.20 -12.16
N VAL A 142 -17.57 -22.51 -12.13
CA VAL A 142 -16.25 -23.07 -12.35
C VAL A 142 -15.93 -22.99 -13.84
N GLN A 143 -14.88 -22.25 -14.19
CA GLN A 143 -14.51 -22.10 -15.58
C GLN A 143 -12.99 -22.16 -15.68
N LEU A 144 -12.49 -21.87 -16.88
CA LEU A 144 -11.05 -21.70 -17.10
C LEU A 144 -10.23 -22.89 -16.60
N GLU A 145 -10.75 -24.11 -16.81
CA GLU A 145 -10.02 -25.28 -16.31
C GLU A 145 -8.69 -25.48 -17.02
N ASN A 146 -8.50 -24.88 -18.18
CA ASN A 146 -7.24 -24.99 -18.89
C ASN A 146 -6.26 -23.87 -18.55
N LEU A 147 -6.66 -22.92 -17.73
CA LEU A 147 -5.81 -21.79 -17.41
C LEU A 147 -4.57 -22.27 -16.65
N GLN A 148 -3.41 -21.77 -17.07
CA GLN A 148 -2.15 -22.01 -16.37
C GLN A 148 -1.57 -20.78 -15.69
N GLU A 149 -1.80 -19.59 -16.24
CA GLU A 149 -1.23 -18.37 -15.70
C GLU A 149 -2.33 -17.37 -15.42
N LEU A 150 -2.62 -17.13 -14.15
CA LEU A 150 -3.53 -16.08 -13.73
C LEU A 150 -2.70 -14.96 -13.15
N LEU A 151 -2.77 -13.79 -13.78
CA LEU A 151 -1.95 -12.66 -13.37
C LEU A 151 -2.88 -11.57 -12.88
N LEU A 152 -2.76 -11.24 -11.59
CA LEU A 152 -3.56 -10.19 -10.98
C LEU A 152 -2.70 -9.21 -10.20
N SER A 153 -1.41 -9.15 -10.50
CA SER A 153 -0.52 -8.28 -9.75
C SER A 153 -0.93 -6.81 -9.90
N ASN A 154 -0.49 -5.99 -8.95
CA ASN A 154 -0.63 -4.53 -9.05
C ASN A 154 -2.09 -4.08 -9.04
N ASN A 155 -2.91 -4.73 -8.21
CA ASN A 155 -4.31 -4.39 -8.02
C ASN A 155 -4.57 -4.07 -6.55
N LYS A 156 -5.78 -3.62 -6.26
CA LYS A 156 -6.21 -3.31 -4.91
C LYS A 156 -6.78 -4.53 -4.17
N ILE A 157 -6.45 -5.75 -4.61
CA ILE A 157 -6.94 -6.98 -3.99
C ILE A 157 -6.43 -7.14 -2.55
N GLN A 158 -7.35 -7.16 -1.57
CA GLN A 158 -6.94 -7.36 -0.19
C GLN A 158 -7.48 -8.59 0.56
N ALA A 159 -8.05 -9.58 -0.11
CA ALA A 159 -8.31 -10.84 0.59
C ALA A 159 -8.31 -12.00 -0.38
N LEU A 160 -7.96 -13.16 0.11
CA LEU A 160 -8.03 -14.38 -0.69
C LEU A 160 -9.07 -15.27 -0.04
N LYS A 161 -10.22 -15.43 -0.69
CA LYS A 161 -11.36 -16.13 -0.11
C LYS A 161 -11.75 -17.29 -1.01
N SER A 162 -11.95 -18.46 -0.41
CA SER A 162 -12.30 -19.64 -1.21
C SER A 162 -13.59 -19.44 -1.99
N GLU A 163 -14.47 -18.54 -1.56
CA GLU A 163 -15.70 -18.27 -2.29
C GLU A 163 -15.44 -17.66 -3.67
N GLU A 164 -14.22 -17.19 -3.93
CA GLU A 164 -13.87 -16.54 -5.19
C GLU A 164 -12.82 -17.29 -6.00
N LEU A 165 -11.95 -18.06 -5.36
CA LEU A 165 -10.97 -18.81 -6.11
C LEU A 165 -11.45 -20.20 -6.48
N ASP A 166 -12.50 -20.71 -5.83
CA ASP A 166 -12.95 -22.06 -6.16
C ASP A 166 -13.54 -22.18 -7.57
N ILE A 167 -13.69 -21.07 -8.31
CA ILE A 167 -14.04 -21.16 -9.71
C ILE A 167 -12.90 -21.72 -10.53
N PHE A 168 -11.76 -21.96 -9.90
CA PHE A 168 -10.62 -22.62 -10.49
C PHE A 168 -10.45 -24.05 -10.00
N ALA A 169 -11.50 -24.63 -9.42
CA ALA A 169 -11.37 -25.93 -8.78
C ALA A 169 -11.07 -27.05 -9.76
N ASN A 170 -11.10 -26.77 -11.07
CA ASN A 170 -10.70 -27.73 -12.08
C ASN A 170 -9.44 -27.29 -12.81
N SER A 171 -8.75 -26.27 -12.31
CA SER A 171 -7.63 -25.65 -13.03
C SER A 171 -6.32 -25.94 -12.31
N SER A 172 -5.25 -26.10 -13.09
CA SER A 172 -3.89 -26.33 -12.55
C SER A 172 -3.02 -25.12 -12.87
N LEU A 173 -2.95 -24.19 -11.91
CA LEU A 173 -2.23 -22.94 -12.10
C LEU A 173 -0.72 -23.12 -11.88
N LYS A 174 0.06 -23.04 -12.95
CA LYS A 174 1.51 -23.01 -12.80
C LYS A 174 1.96 -21.69 -12.21
N LYS A 175 1.27 -20.59 -12.53
CA LYS A 175 1.64 -19.26 -12.05
C LYS A 175 0.37 -18.57 -11.55
N LEU A 176 0.38 -18.13 -10.28
CA LEU A 176 -0.69 -17.31 -9.67
C LEU A 176 0.02 -16.07 -9.12
N GLU A 177 0.10 -15.04 -9.95
CA GLU A 177 0.86 -13.83 -9.63
C GLU A 177 -0.05 -12.86 -8.90
N LEU A 178 0.18 -12.71 -7.60
CA LEU A 178 -0.60 -11.80 -6.77
C LEU A 178 0.26 -10.73 -6.11
N SER A 179 1.38 -10.37 -6.74
CA SER A 179 2.30 -9.43 -6.13
C SER A 179 1.75 -8.02 -6.19
N SER A 180 2.42 -7.13 -5.47
CA SER A 180 2.03 -5.72 -5.42
C SER A 180 0.54 -5.57 -5.13
N ASN A 181 -0.01 -6.54 -4.41
CA ASN A 181 -1.36 -6.42 -3.88
C ASN A 181 -1.29 -6.35 -2.37
N GLN A 182 -2.21 -5.61 -1.78
CA GLN A 182 -2.19 -5.41 -0.33
C GLN A 182 -3.13 -6.43 0.27
N ILE A 183 -2.65 -7.64 0.49
CA ILE A 183 -3.48 -8.67 1.10
C ILE A 183 -3.36 -8.48 2.59
N LYS A 184 -4.44 -8.74 3.29
CA LYS A 184 -4.37 -8.70 4.72
C LYS A 184 -4.92 -9.96 5.39
N GLU A 185 -5.57 -10.84 4.65
CA GLU A 185 -6.17 -12.03 5.21
C GLU A 185 -6.14 -13.14 4.17
N PHE A 186 -5.83 -14.36 4.61
CA PHE A 186 -5.93 -15.55 3.78
C PHE A 186 -7.01 -16.40 4.40
N SER A 187 -8.27 -16.14 4.04
CA SER A 187 -9.39 -16.81 4.68
C SER A 187 -9.34 -18.32 4.42
N PRO A 188 -9.75 -19.15 5.38
CA PRO A 188 -9.41 -20.58 5.33
C PRO A 188 -9.85 -21.26 4.04
N GLY A 189 -9.14 -22.33 3.67
CA GLY A 189 -9.41 -23.07 2.45
C GLY A 189 -9.03 -22.40 1.15
N CYS A 190 -8.66 -21.10 1.16
CA CYS A 190 -8.57 -20.33 -0.08
C CYS A 190 -7.65 -20.96 -1.12
N PHE A 191 -6.62 -21.65 -0.68
CA PHE A 191 -5.71 -22.21 -1.68
C PHE A 191 -6.11 -23.60 -2.10
N HIS A 192 -6.77 -24.36 -1.23
CA HIS A 192 -7.29 -25.63 -1.68
C HIS A 192 -8.49 -25.47 -2.59
N ALA A 193 -9.05 -24.26 -2.68
CA ALA A 193 -10.08 -23.97 -3.67
C ALA A 193 -9.61 -24.28 -5.09
N ILE A 194 -8.34 -23.95 -5.40
CA ILE A 194 -7.77 -24.15 -6.72
C ILE A 194 -7.51 -25.64 -6.95
N GLY A 195 -7.79 -26.11 -8.18
CA GLY A 195 -7.64 -27.53 -8.46
C GLY A 195 -6.26 -28.06 -8.14
N ARG A 196 -5.24 -27.31 -8.56
CA ARG A 196 -3.83 -27.54 -8.26
C ARG A 196 -3.15 -26.18 -8.32
N LEU A 197 -2.35 -25.87 -7.30
CA LEU A 197 -1.61 -24.61 -7.22
C LEU A 197 -0.12 -24.94 -7.14
N PHE A 198 0.62 -24.65 -8.21
CA PHE A 198 2.04 -24.94 -8.33
C PHE A 198 2.93 -23.76 -7.96
N GLY A 199 2.60 -22.58 -8.45
CA GLY A 199 3.40 -21.39 -8.18
C GLY A 199 2.56 -20.25 -7.67
N LEU A 200 3.00 -19.63 -6.58
CA LEU A 200 2.35 -18.46 -6.03
C LEU A 200 3.38 -17.35 -5.92
N PHE A 201 3.01 -16.15 -6.35
CA PHE A 201 3.95 -15.03 -6.32
C PHE A 201 3.34 -13.89 -5.53
N LEU A 202 3.98 -13.55 -4.40
CA LEU A 202 3.53 -12.50 -3.51
C LEU A 202 4.79 -11.69 -3.25
N ASN A 203 5.13 -10.80 -4.17
CA ASN A 203 6.30 -9.96 -4.03
C ASN A 203 5.78 -8.57 -3.76
N ASN A 204 6.55 -7.74 -3.08
CA ASN A 204 6.11 -6.38 -2.77
C ASN A 204 4.76 -6.39 -2.06
N VAL A 205 4.35 -7.56 -1.59
CA VAL A 205 3.18 -7.72 -0.74
C VAL A 205 3.60 -7.50 0.71
N GLN A 206 3.20 -6.38 1.28
CA GLN A 206 3.51 -6.08 2.67
C GLN A 206 2.81 -7.13 3.52
N LEU A 207 3.57 -8.06 4.08
CA LEU A 207 2.93 -9.16 4.81
C LEU A 207 3.34 -9.26 6.28
N GLY A 208 4.63 -9.41 6.56
CA GLY A 208 5.10 -9.58 7.90
C GLY A 208 5.20 -11.00 8.41
N PRO A 209 6.01 -11.18 9.46
CA PRO A 209 6.31 -12.53 9.94
C PRO A 209 5.10 -13.34 10.42
N SER A 210 4.15 -12.72 11.13
CA SER A 210 3.02 -13.50 11.63
C SER A 210 2.01 -13.81 10.53
N LEU A 211 1.69 -12.80 9.72
CA LEU A 211 0.81 -13.03 8.57
C LEU A 211 1.37 -14.09 7.62
N THR A 212 2.69 -14.01 7.34
CA THR A 212 3.36 -15.02 6.51
C THR A 212 3.16 -16.42 7.06
N GLU A 213 3.19 -16.56 8.39
CA GLU A 213 2.99 -17.86 9.00
C GLU A 213 1.65 -18.44 8.59
N LYS A 214 0.60 -17.61 8.63
CA LYS A 214 -0.74 -18.08 8.28
C LYS A 214 -0.81 -18.57 6.84
N LEU A 215 -0.26 -17.77 5.90
CA LEU A 215 -0.24 -18.14 4.48
C LEU A 215 0.31 -19.55 4.27
N CYS A 216 1.38 -19.90 4.98
CA CYS A 216 1.97 -21.21 4.80
C CYS A 216 1.07 -22.29 5.37
N LEU A 217 0.38 -22.00 6.49
CA LEU A 217 -0.59 -22.95 6.98
C LEU A 217 -1.69 -23.14 5.94
N GLU A 218 -2.14 -22.05 5.31
CA GLU A 218 -3.14 -22.19 4.26
C GLU A 218 -2.58 -22.95 3.05
N LEU A 219 -1.29 -22.80 2.76
CA LEU A 219 -0.66 -23.54 1.68
C LEU A 219 -0.42 -24.99 2.02
N ALA A 220 -0.68 -25.42 3.24
CA ALA A 220 -0.43 -26.80 3.61
C ALA A 220 -1.24 -27.75 2.74
N ASN A 221 -0.61 -28.86 2.36
CA ASN A 221 -1.25 -29.87 1.51
C ASN A 221 -1.74 -29.29 0.18
N THR A 222 -0.88 -28.53 -0.48
CA THR A 222 -1.14 -28.06 -1.83
C THR A 222 0.01 -28.50 -2.72
N SER A 223 -0.24 -28.51 -4.02
CA SER A 223 0.80 -28.93 -4.95
C SER A 223 1.86 -27.86 -5.14
N ILE A 224 1.96 -26.94 -4.17
CA ILE A 224 2.83 -25.77 -4.32
C ILE A 224 4.26 -26.23 -4.51
N ARG A 225 4.96 -25.57 -5.44
CA ARG A 225 6.35 -25.92 -5.72
C ARG A 225 7.22 -24.67 -5.73
N ASN A 226 6.63 -23.53 -6.12
CA ASN A 226 7.34 -22.25 -6.20
C ASN A 226 6.61 -21.23 -5.34
N LEU A 227 7.31 -20.66 -4.36
CA LEU A 227 6.76 -19.63 -3.49
C LEU A 227 7.73 -18.45 -3.49
N SER A 228 7.24 -17.25 -3.78
CA SER A 228 8.11 -16.11 -3.96
C SER A 228 7.59 -14.98 -3.07
N LEU A 229 8.29 -14.73 -1.95
CA LEU A 229 7.91 -13.71 -0.99
C LEU A 229 8.92 -12.56 -0.98
N SER A 230 9.42 -12.20 -2.17
CA SER A 230 10.37 -11.11 -2.30
C SER A 230 9.77 -9.77 -1.89
N ASN A 231 10.54 -9.00 -1.14
CA ASN A 231 10.12 -7.69 -0.65
C ASN A 231 8.83 -7.78 0.15
N SER A 232 8.68 -8.88 0.90
CA SER A 232 7.55 -9.12 1.78
C SER A 232 7.69 -8.44 3.16
N GLN A 233 8.70 -7.58 3.38
CA GLN A 233 8.95 -6.97 4.69
C GLN A 233 9.09 -8.04 5.77
N LEU A 234 9.76 -9.13 5.45
CA LEU A 234 10.00 -10.21 6.41
C LEU A 234 11.13 -9.75 7.33
N SER A 235 10.76 -9.09 8.43
CA SER A 235 11.77 -8.57 9.34
C SER A 235 12.62 -9.68 9.92
N THR A 236 11.99 -10.77 10.38
CA THR A 236 12.66 -11.91 10.98
C THR A 236 11.99 -13.19 10.50
N THR A 237 12.50 -14.34 10.96
CA THR A 237 11.85 -15.62 10.79
C THR A 237 11.91 -16.37 12.11
N SER A 238 11.17 -17.47 12.18
CA SER A 238 11.20 -18.32 13.36
C SER A 238 10.97 -19.76 12.95
N ASN A 239 11.24 -20.66 13.90
CA ASN A 239 10.92 -22.06 13.67
C ASN A 239 9.45 -22.24 13.35
N THR A 240 8.61 -21.25 13.64
CA THR A 240 7.18 -21.35 13.43
C THR A 240 6.70 -20.80 12.09
N THR A 241 7.51 -19.98 11.42
CA THR A 241 7.01 -19.21 10.28
C THR A 241 6.56 -20.10 9.16
N PHE A 242 7.50 -20.77 8.52
CA PHE A 242 7.14 -21.62 7.39
C PHE A 242 6.67 -23.00 7.82
N LEU A 243 5.96 -23.06 8.95
CA LEU A 243 5.51 -24.32 9.54
C LEU A 243 4.61 -25.10 8.59
N GLY A 244 3.57 -24.44 8.07
CA GLY A 244 2.68 -25.13 7.16
C GLY A 244 3.38 -25.70 5.93
N LEU A 245 4.45 -25.04 5.47
CA LEU A 245 5.20 -25.57 4.34
C LEU A 245 5.76 -26.95 4.64
N LYS A 246 5.71 -27.39 5.89
CA LYS A 246 6.06 -28.76 6.24
C LYS A 246 5.31 -29.76 5.36
N TRP A 247 4.01 -29.55 5.18
CA TRP A 247 3.15 -30.45 4.41
C TRP A 247 3.11 -30.10 2.92
N THR A 248 4.24 -29.67 2.36
CA THR A 248 4.37 -29.35 0.94
C THR A 248 5.63 -30.02 0.41
N ASN A 249 5.74 -30.01 -0.92
CA ASN A 249 6.96 -30.40 -1.62
C ASN A 249 7.60 -29.19 -2.32
N LEU A 250 7.54 -28.04 -1.65
CA LEU A 250 8.07 -26.81 -2.19
C LEU A 250 9.55 -26.99 -2.53
N THR A 251 9.90 -26.65 -3.77
CA THR A 251 11.28 -26.78 -4.26
C THR A 251 11.92 -25.44 -4.61
N MET A 252 11.21 -24.32 -4.49
CA MET A 252 11.80 -23.02 -4.73
C MET A 252 11.22 -22.03 -3.73
N LEU A 253 12.07 -21.24 -3.08
CA LEU A 253 11.64 -20.22 -2.13
C LEU A 253 12.44 -18.95 -2.36
N ASP A 254 11.77 -17.85 -2.64
CA ASP A 254 12.45 -16.56 -2.74
C ASP A 254 12.14 -15.74 -1.50
N LEU A 255 13.18 -15.33 -0.76
CA LEU A 255 13.01 -14.41 0.35
C LEU A 255 13.94 -13.19 0.21
N SER A 256 14.25 -12.79 -1.01
CA SER A 256 15.17 -11.68 -1.24
C SER A 256 14.49 -10.32 -1.02
N TYR A 257 15.33 -9.33 -0.71
CA TYR A 257 14.90 -7.93 -0.58
C TYR A 257 13.88 -7.74 0.54
N ASN A 258 14.12 -8.40 1.67
CA ASN A 258 13.21 -8.41 2.79
C ASN A 258 13.76 -7.73 4.03
N ASN A 259 14.94 -7.14 3.96
CA ASN A 259 15.62 -6.64 5.16
C ASN A 259 15.66 -7.71 6.24
N LEU A 260 15.67 -8.97 5.83
CA LEU A 260 15.67 -10.09 6.75
C LEU A 260 16.79 -9.95 7.78
N ASN A 261 16.43 -9.67 9.03
CA ASN A 261 17.39 -9.27 10.06
C ASN A 261 17.88 -10.40 10.93
N VAL A 262 16.99 -11.33 11.30
CA VAL A 262 17.33 -12.45 12.15
C VAL A 262 16.66 -13.68 11.61
N VAL A 263 17.44 -14.72 11.38
CA VAL A 263 16.90 -15.98 10.91
C VAL A 263 16.99 -16.94 12.08
N GLY A 264 15.84 -17.19 12.71
CA GLY A 264 15.82 -18.13 13.79
C GLY A 264 16.21 -19.52 13.34
N ASN A 265 16.55 -20.35 14.31
CA ASN A 265 16.99 -21.69 14.02
C ASN A 265 15.81 -22.54 13.59
N ASP A 266 16.08 -23.47 12.68
CA ASP A 266 15.05 -24.30 12.08
C ASP A 266 13.99 -23.49 11.35
N SER A 267 14.25 -22.20 11.11
CA SER A 267 13.30 -21.39 10.35
C SER A 267 12.91 -22.11 9.08
N PHE A 268 13.89 -22.74 8.41
CA PHE A 268 13.65 -23.48 7.19
C PHE A 268 13.81 -24.98 7.40
N ALA A 269 13.62 -25.46 8.63
CA ALA A 269 13.65 -26.90 8.89
C ALA A 269 12.55 -27.66 8.15
N TRP A 270 11.42 -27.00 7.90
CA TRP A 270 10.25 -27.61 7.29
C TRP A 270 10.37 -27.83 5.78
N LEU A 271 11.51 -27.53 5.15
CA LEU A 271 11.64 -27.56 3.70
C LEU A 271 12.68 -28.59 3.28
N PRO A 272 12.34 -29.89 3.31
CA PRO A 272 13.36 -30.89 3.01
C PRO A 272 13.42 -31.20 1.53
N GLN A 273 12.42 -30.71 0.79
CA GLN A 273 12.41 -30.91 -0.64
C GLN A 273 12.90 -29.69 -1.38
N LEU A 274 13.16 -28.58 -0.67
CA LEU A 274 13.63 -27.37 -1.31
C LEU A 274 14.91 -27.65 -2.09
N GLU A 275 14.96 -27.10 -3.32
CA GLU A 275 16.14 -27.19 -4.18
C GLU A 275 16.75 -25.85 -4.56
N TYR A 276 16.01 -24.75 -4.47
CA TYR A 276 16.51 -23.44 -4.85
C TYR A 276 16.11 -22.44 -3.79
N PHE A 277 17.09 -21.77 -3.22
CA PHE A 277 16.88 -20.83 -2.12
C PHE A 277 17.51 -19.51 -2.54
N PHE A 278 16.71 -18.46 -2.57
CA PHE A 278 17.17 -17.13 -2.96
C PHE A 278 17.05 -16.20 -1.78
N LEU A 279 18.16 -15.96 -1.08
CA LEU A 279 18.17 -15.14 0.12
C LEU A 279 18.92 -13.83 -0.08
N GLU A 280 19.19 -13.45 -1.32
CA GLU A 280 20.05 -12.29 -1.55
C GLU A 280 19.42 -11.00 -1.03
N TYR A 281 20.27 -10.00 -0.84
CA TYR A 281 19.86 -8.63 -0.52
C TYR A 281 19.06 -8.55 0.79
N ASN A 282 19.65 -9.08 1.86
CA ASN A 282 19.05 -8.92 3.16
C ASN A 282 20.05 -8.27 4.10
N ASN A 283 19.66 -8.16 5.37
CA ASN A 283 20.44 -7.51 6.41
C ASN A 283 20.69 -8.47 7.57
N ILE A 284 20.81 -9.76 7.28
CA ILE A 284 21.05 -10.77 8.31
C ILE A 284 22.24 -10.38 9.18
N GLN A 285 22.01 -10.38 10.48
CA GLN A 285 23.00 -9.95 11.46
C GLN A 285 23.96 -11.08 11.81
N HIS A 286 23.44 -12.27 12.02
CA HIS A 286 24.25 -13.36 12.56
C HIS A 286 23.66 -14.68 12.08
N LEU A 287 24.43 -15.44 11.31
CA LEU A 287 23.96 -16.74 10.82
C LEU A 287 24.38 -17.79 11.85
N PHE A 288 23.45 -18.16 12.72
CA PHE A 288 23.76 -19.09 13.80
C PHE A 288 24.06 -20.48 13.25
N SER A 289 24.32 -21.40 14.17
CA SER A 289 24.58 -22.76 13.74
C SER A 289 23.41 -23.34 12.97
N HIS A 290 22.24 -23.44 13.60
CA HIS A 290 21.13 -24.22 13.05
C HIS A 290 20.21 -23.39 12.17
N SER A 291 20.67 -22.21 11.74
CA SER A 291 19.84 -21.33 10.93
C SER A 291 19.39 -22.00 9.64
N LEU A 292 20.28 -22.74 8.99
CA LEU A 292 19.92 -23.45 7.76
C LEU A 292 19.68 -24.93 7.99
N HIS A 293 19.33 -25.34 9.21
CA HIS A 293 19.09 -26.75 9.45
C HIS A 293 17.88 -27.23 8.66
N GLY A 294 18.00 -28.43 8.07
CA GLY A 294 16.91 -29.05 7.35
C GLY A 294 16.97 -28.95 5.84
N LEU A 295 17.69 -27.95 5.31
CA LEU A 295 17.77 -27.73 3.87
C LEU A 295 18.70 -28.72 3.20
N PHE A 296 18.52 -30.02 3.46
CA PHE A 296 19.50 -30.98 3.00
C PHE A 296 19.30 -31.41 1.55
N ASN A 297 18.31 -30.85 0.85
CA ASN A 297 18.13 -31.16 -0.56
C ASN A 297 18.40 -29.97 -1.47
N VAL A 298 18.53 -28.77 -0.89
CA VAL A 298 18.88 -27.58 -1.64
C VAL A 298 20.14 -27.79 -2.44
N ARG A 299 20.09 -27.54 -3.74
CA ARG A 299 21.31 -27.58 -4.53
C ARG A 299 21.73 -26.22 -5.09
N TYR A 300 21.05 -25.14 -4.70
CA TYR A 300 21.44 -23.82 -5.16
C TYR A 300 21.02 -22.82 -4.09
N LEU A 301 22.00 -22.20 -3.46
CA LEU A 301 21.77 -21.14 -2.50
C LEU A 301 22.42 -19.88 -3.04
N ASN A 302 21.84 -18.73 -2.71
CA ASN A 302 22.33 -17.44 -3.16
C ASN A 302 22.30 -16.49 -1.98
N LEU A 303 23.49 -16.13 -1.47
CA LEU A 303 23.60 -15.25 -0.32
C LEU A 303 24.23 -13.91 -0.67
N LYS A 304 24.16 -13.50 -1.92
CA LYS A 304 24.70 -12.21 -2.34
C LYS A 304 24.10 -11.07 -1.51
N ARG A 305 24.96 -10.27 -0.89
CA ARG A 305 24.52 -9.14 -0.08
C ARG A 305 23.46 -9.54 0.95
N SER A 306 23.54 -10.78 1.43
CA SER A 306 22.56 -11.32 2.37
C SER A 306 22.76 -10.82 3.79
N PHE A 307 24.00 -10.51 4.16
CA PHE A 307 24.34 -10.15 5.53
C PHE A 307 24.49 -8.65 5.69
N THR A 308 24.48 -8.23 6.96
CA THR A 308 24.54 -6.81 7.27
C THR A 308 25.90 -6.24 6.90
N LYS A 309 25.91 -4.93 6.64
CA LYS A 309 27.08 -4.18 6.21
C LYS A 309 27.76 -3.52 7.40
N GLN A 310 29.09 -3.44 7.33
CA GLN A 310 29.88 -2.89 8.43
C GLN A 310 29.50 -1.43 8.68
N SER A 311 28.87 -1.16 9.79
CA SER A 311 28.48 0.21 10.05
C SER A 311 29.56 1.20 10.38
N ILE A 312 30.18 1.04 11.54
CA ILE A 312 31.25 1.93 11.91
C ILE A 312 32.32 1.03 12.46
N SER A 313 32.11 -0.26 12.24
CA SER A 313 33.02 -1.33 12.60
C SER A 313 33.06 -1.73 14.06
N LEU A 314 32.07 -1.42 14.88
CA LEU A 314 32.41 -1.82 16.24
C LEU A 314 31.73 -3.19 16.12
N ALA A 315 32.40 -4.10 15.41
CA ALA A 315 31.91 -5.45 15.21
C ALA A 315 30.45 -5.43 14.79
N SER A 316 30.09 -4.35 14.12
CA SER A 316 28.87 -4.24 13.34
C SER A 316 28.93 -5.09 12.08
N LEU A 317 30.04 -5.80 11.89
CA LEU A 317 30.18 -6.80 10.86
C LEU A 317 29.20 -7.94 11.07
N PRO A 318 28.92 -8.70 10.04
CA PRO A 318 28.16 -9.94 10.22
C PRO A 318 28.97 -10.97 10.96
N LYS A 319 28.40 -12.15 11.14
CA LYS A 319 29.10 -13.22 11.85
C LYS A 319 28.51 -14.55 11.38
N ILE A 320 29.34 -15.41 10.81
CA ILE A 320 28.89 -16.72 10.37
C ILE A 320 29.57 -17.76 11.23
N ASP A 321 28.81 -18.43 12.07
CA ASP A 321 29.40 -19.45 12.91
C ASP A 321 29.85 -20.63 12.06
N ASP A 322 30.86 -21.33 12.55
CA ASP A 322 31.33 -22.53 11.86
C ASP A 322 30.21 -23.56 11.79
N PHE A 323 30.34 -24.47 10.83
CA PHE A 323 29.38 -25.53 10.56
C PHE A 323 28.03 -25.00 10.12
N SER A 324 27.90 -23.69 9.89
CA SER A 324 26.62 -23.13 9.51
C SER A 324 26.11 -23.70 8.21
N PHE A 325 26.98 -24.33 7.41
CA PHE A 325 26.57 -24.92 6.15
C PHE A 325 26.62 -26.43 6.15
N GLN A 326 26.86 -27.06 7.30
CA GLN A 326 27.09 -28.49 7.33
C GLN A 326 25.86 -29.31 6.93
N TRP A 327 24.66 -28.73 6.90
CA TRP A 327 23.47 -29.53 6.59
C TRP A 327 23.15 -29.56 5.13
N LEU A 328 23.67 -28.64 4.33
CA LEU A 328 23.30 -28.59 2.92
C LEU A 328 24.17 -29.63 2.26
N LYS A 329 23.65 -30.84 2.19
CA LYS A 329 24.45 -31.96 1.72
C LYS A 329 24.48 -31.98 0.22
N CYS A 330 23.37 -31.58 -0.42
CA CYS A 330 23.28 -31.56 -1.87
C CYS A 330 23.69 -30.24 -2.49
N LEU A 331 24.10 -29.25 -1.69
CA LEU A 331 24.43 -27.93 -2.22
C LEU A 331 25.49 -27.99 -3.32
N GLU A 332 25.09 -27.72 -4.56
CA GLU A 332 26.03 -27.76 -5.67
C GLU A 332 26.63 -26.41 -5.97
N HIS A 333 25.92 -25.31 -5.67
CA HIS A 333 26.28 -23.98 -6.18
C HIS A 333 25.96 -22.95 -5.11
N LEU A 334 27.00 -22.38 -4.52
CA LEU A 334 26.84 -21.38 -3.48
C LEU A 334 27.41 -20.04 -3.94
N ASN A 335 26.63 -19.00 -3.78
CA ASN A 335 27.06 -17.65 -4.08
C ASN A 335 26.91 -16.78 -2.84
N MET A 336 28.00 -16.17 -2.41
CA MET A 336 27.94 -15.29 -1.25
C MET A 336 28.48 -13.90 -1.55
N GLU A 337 28.60 -13.54 -2.83
CA GLU A 337 29.38 -12.38 -3.17
C GLU A 337 28.76 -11.07 -2.64
N ASP A 338 29.61 -10.04 -2.57
CA ASP A 338 29.23 -8.71 -2.09
C ASP A 338 28.82 -8.73 -0.62
N ASN A 339 29.78 -9.01 0.26
CA ASN A 339 29.45 -9.01 1.67
C ASN A 339 30.60 -8.41 2.49
N ASP A 340 30.46 -8.53 3.81
CA ASP A 340 31.41 -8.05 4.81
C ASP A 340 31.69 -9.14 5.83
N ILE A 341 31.71 -10.39 5.42
CA ILE A 341 32.17 -11.46 6.32
C ILE A 341 33.62 -11.16 6.71
N PRO A 342 33.97 -11.25 7.99
CA PRO A 342 35.34 -10.89 8.37
C PRO A 342 36.39 -11.84 7.81
N GLY A 343 36.08 -13.12 7.63
CA GLY A 343 37.07 -14.03 7.07
C GLY A 343 36.57 -15.45 7.10
N ILE A 344 37.36 -16.34 6.52
CA ILE A 344 37.06 -17.77 6.49
C ILE A 344 37.54 -18.44 7.78
N LYS A 345 36.62 -18.98 8.57
CA LYS A 345 36.99 -19.75 9.75
C LYS A 345 37.32 -21.19 9.37
N SER A 346 37.78 -21.97 10.35
CA SER A 346 38.38 -23.27 10.03
C SER A 346 37.36 -24.34 9.69
N ASN A 347 36.07 -24.06 9.90
CA ASN A 347 34.99 -24.97 9.56
C ASN A 347 33.86 -24.26 8.83
N MET A 348 34.12 -23.07 8.28
CA MET A 348 33.08 -22.32 7.59
C MET A 348 32.34 -23.20 6.60
N PHE A 349 33.07 -23.84 5.68
CA PHE A 349 32.45 -24.57 4.57
C PHE A 349 32.35 -26.07 4.84
N THR A 350 32.63 -26.51 6.06
CA THR A 350 32.55 -27.92 6.41
C THR A 350 31.17 -28.48 6.12
N GLY A 351 31.14 -29.70 5.61
CA GLY A 351 29.91 -30.42 5.38
C GLY A 351 29.28 -30.25 4.02
N LEU A 352 29.94 -29.56 3.08
CA LEU A 352 29.34 -29.29 1.78
C LEU A 352 30.01 -30.29 0.85
N ILE A 353 29.49 -31.50 0.83
CA ILE A 353 30.15 -32.60 0.13
C ILE A 353 29.82 -32.62 -1.37
N ASN A 354 28.93 -31.74 -1.86
CA ASN A 354 28.59 -31.67 -3.27
C ASN A 354 28.96 -30.35 -3.91
N LEU A 355 29.49 -29.40 -3.14
CA LEU A 355 29.82 -28.07 -3.63
C LEU A 355 30.79 -28.14 -4.82
N LYS A 356 30.37 -27.63 -5.96
CA LYS A 356 31.21 -27.55 -7.15
C LYS A 356 31.64 -26.13 -7.47
N TYR A 357 30.73 -25.16 -7.36
CA TYR A 357 30.96 -23.76 -7.64
C TYR A 357 30.71 -22.94 -6.38
N LEU A 358 31.71 -22.12 -6.01
CA LEU A 358 31.62 -21.21 -4.87
C LEU A 358 32.14 -19.85 -5.32
N SER A 359 31.27 -18.85 -5.28
CA SER A 359 31.64 -17.48 -5.63
C SER A 359 31.79 -16.69 -4.35
N LEU A 360 32.99 -16.17 -4.11
CA LEU A 360 33.28 -15.41 -2.91
C LEU A 360 33.71 -13.99 -3.25
N SER A 361 33.25 -13.45 -4.38
CA SER A 361 33.69 -12.13 -4.82
C SER A 361 33.31 -11.04 -3.82
N ASN A 362 34.30 -10.33 -3.30
CA ASN A 362 34.09 -9.22 -2.36
C ASN A 362 33.23 -9.64 -1.17
N SER A 363 33.10 -10.96 -0.97
CA SER A 363 32.39 -11.55 0.14
C SER A 363 32.92 -11.10 1.50
N PHE A 364 34.16 -10.63 1.57
CA PHE A 364 34.84 -10.36 2.82
C PHE A 364 35.15 -8.87 2.95
N THR A 365 35.33 -8.46 4.20
CA THR A 365 35.95 -7.18 4.50
C THR A 365 37.29 -7.14 3.78
N SER A 366 38.17 -8.05 4.18
CA SER A 366 39.41 -8.27 3.47
C SER A 366 39.92 -9.64 3.82
N LEU A 367 40.36 -10.36 2.81
CA LEU A 367 41.13 -11.58 3.02
C LEU A 367 42.55 -11.12 2.71
N ARG A 368 43.34 -10.83 3.75
CA ARG A 368 44.62 -10.17 3.53
C ARG A 368 45.66 -11.18 3.14
N THR A 369 45.50 -12.41 3.63
CA THR A 369 46.48 -13.46 3.43
C THR A 369 45.80 -14.81 3.33
N LEU A 370 45.99 -15.49 2.20
CA LEU A 370 45.54 -16.85 2.05
C LEU A 370 46.62 -17.78 2.58
N THR A 371 46.25 -18.66 3.50
CA THR A 371 47.21 -19.60 4.03
C THR A 371 46.70 -21.02 3.86
N ASN A 372 47.60 -21.94 4.22
CA ASN A 372 47.30 -23.37 4.18
C ASN A 372 46.23 -23.77 5.16
N GLU A 373 45.77 -22.85 6.01
CA GLU A 373 44.61 -23.08 6.86
C GLU A 373 43.33 -22.50 6.30
N THR A 374 43.43 -21.53 5.40
CA THR A 374 42.26 -20.75 5.00
C THR A 374 41.14 -21.65 4.49
N PHE A 375 41.36 -22.31 3.36
CA PHE A 375 40.31 -23.10 2.73
C PHE A 375 40.32 -24.53 3.20
N VAL A 376 40.63 -24.78 4.46
CA VAL A 376 40.68 -26.15 4.92
C VAL A 376 39.27 -26.72 5.02
N SER A 377 38.28 -25.88 5.31
CA SER A 377 36.96 -26.43 5.45
C SER A 377 36.40 -26.97 4.13
N LEU A 378 37.06 -26.70 3.00
CA LEU A 378 36.61 -27.17 1.70
C LEU A 378 37.23 -28.49 1.29
N ALA A 379 38.07 -29.09 2.14
CA ALA A 379 38.89 -30.21 1.70
C ALA A 379 38.05 -31.37 1.22
N HIS A 380 36.83 -31.49 1.75
CA HIS A 380 35.98 -32.62 1.45
C HIS A 380 34.87 -32.30 0.45
N SER A 381 34.92 -31.17 -0.16
CA SER A 381 34.03 -30.87 -1.26
C SER A 381 34.74 -31.04 -2.58
N PRO A 382 33.93 -31.40 -3.76
CA PRO A 382 34.50 -31.46 -5.12
C PRO A 382 34.47 -30.11 -5.83
N LEU A 383 35.03 -29.10 -5.19
CA LEU A 383 34.95 -27.75 -5.72
C LEU A 383 35.67 -27.67 -7.05
N HIS A 384 35.00 -27.18 -8.08
CA HIS A 384 35.63 -26.99 -9.40
C HIS A 384 35.92 -25.54 -9.74
N ILE A 385 35.09 -24.61 -9.26
CA ILE A 385 35.20 -23.18 -9.53
C ILE A 385 35.22 -22.44 -8.22
N LEU A 386 36.27 -21.64 -8.00
CA LEU A 386 36.42 -20.85 -6.79
C LEU A 386 36.72 -19.41 -7.18
N ASN A 387 35.86 -18.50 -6.81
CA ASN A 387 36.06 -17.10 -7.13
C ASN A 387 36.41 -16.28 -5.89
N LEU A 388 37.60 -15.64 -5.92
CA LEU A 388 38.13 -14.84 -4.83
C LEU A 388 38.44 -13.41 -5.25
N THR A 389 37.72 -12.87 -6.23
CA THR A 389 37.99 -11.50 -6.69
C THR A 389 37.51 -10.45 -5.69
N LYS A 390 38.13 -9.28 -5.78
CA LYS A 390 37.71 -8.06 -5.08
C LYS A 390 37.69 -8.23 -3.54
N ASN A 391 38.65 -9.00 -3.03
CA ASN A 391 38.75 -9.27 -1.61
C ASN A 391 40.02 -8.70 -1.00
N LYS A 392 40.71 -7.80 -1.72
CA LYS A 392 41.90 -7.15 -1.18
C LYS A 392 42.98 -8.17 -0.75
N ILE A 393 42.97 -9.36 -1.35
CA ILE A 393 43.99 -10.35 -1.05
C ILE A 393 45.36 -9.78 -1.35
N SER A 394 46.31 -10.00 -0.44
CA SER A 394 47.62 -9.37 -0.59
C SER A 394 48.77 -10.37 -0.69
N LYS A 395 48.72 -11.50 0.00
CA LYS A 395 49.77 -12.49 -0.18
C LYS A 395 49.16 -13.88 -0.20
N ILE A 396 49.75 -14.73 -1.04
CA ILE A 396 49.41 -16.14 -1.12
C ILE A 396 50.63 -16.95 -0.69
N GLU A 397 50.43 -17.89 0.21
CA GLU A 397 51.53 -18.65 0.77
C GLU A 397 51.49 -20.09 0.30
N SER A 398 52.52 -20.84 0.65
CA SER A 398 52.67 -22.16 0.08
C SER A 398 51.51 -23.06 0.48
N ASP A 399 51.13 -23.93 -0.46
CA ASP A 399 50.09 -24.95 -0.27
C ASP A 399 48.76 -24.33 0.16
N ALA A 400 48.47 -23.09 -0.27
CA ALA A 400 47.25 -22.42 0.16
C ALA A 400 46.04 -23.08 -0.42
N PHE A 401 46.16 -23.60 -1.62
CA PHE A 401 45.04 -24.27 -2.26
C PHE A 401 45.18 -25.78 -2.27
N SER A 402 46.02 -26.34 -1.38
CA SER A 402 46.32 -27.77 -1.42
C SER A 402 45.09 -28.64 -1.19
N TRP A 403 44.07 -28.13 -0.50
CA TRP A 403 42.82 -28.85 -0.25
C TRP A 403 41.90 -28.90 -1.46
N LEU A 404 42.08 -27.99 -2.42
CA LEU A 404 41.21 -27.88 -3.58
C LEU A 404 41.78 -28.75 -4.69
N GLY A 405 41.66 -30.05 -4.46
CA GLY A 405 42.29 -30.99 -5.36
C GLY A 405 41.68 -30.94 -6.75
N HIS A 406 40.36 -31.02 -6.83
CA HIS A 406 39.75 -31.07 -8.15
C HIS A 406 39.37 -29.70 -8.71
N LEU A 407 39.86 -28.62 -8.10
CA LEU A 407 39.58 -27.28 -8.61
C LEU A 407 40.10 -27.15 -10.04
N GLU A 408 39.28 -26.51 -10.89
CA GLU A 408 39.57 -26.30 -12.31
C GLU A 408 39.65 -24.84 -12.73
N VAL A 409 38.92 -23.94 -12.09
CA VAL A 409 38.99 -22.52 -12.39
C VAL A 409 39.19 -21.74 -11.09
N LEU A 410 40.14 -20.81 -11.10
CA LEU A 410 40.46 -20.03 -9.90
C LEU A 410 40.70 -18.59 -10.31
N ASP A 411 39.85 -17.68 -9.84
CA ASP A 411 39.93 -16.27 -10.21
C ASP A 411 40.42 -15.49 -9.00
N LEU A 412 41.65 -15.01 -9.08
CA LEU A 412 42.22 -14.18 -8.05
C LEU A 412 42.36 -12.75 -8.52
N GLY A 413 41.68 -12.40 -9.61
CA GLY A 413 41.82 -11.08 -10.17
C GLY A 413 41.26 -9.99 -9.29
N LEU A 414 41.53 -8.75 -9.70
CA LEU A 414 41.02 -7.58 -9.02
C LEU A 414 41.30 -7.65 -7.52
N ASN A 415 42.53 -8.01 -7.18
CA ASN A 415 42.98 -8.07 -5.80
C ASN A 415 44.25 -7.24 -5.67
N GLU A 416 44.73 -7.12 -4.43
CA GLU A 416 45.92 -6.35 -4.13
C GLU A 416 47.13 -7.24 -3.87
N ILE A 417 47.25 -8.33 -4.65
CA ILE A 417 48.32 -9.32 -4.53
C ILE A 417 49.63 -8.72 -5.03
N GLY A 418 50.56 -8.46 -4.11
CA GLY A 418 51.94 -8.09 -4.44
C GLY A 418 52.99 -9.02 -3.85
N GLN A 419 53.58 -9.90 -4.64
CA GLN A 419 54.49 -10.91 -4.09
C GLN A 419 55.26 -11.57 -5.25
N GLU A 420 56.20 -12.44 -4.88
CA GLU A 420 56.92 -13.29 -5.83
C GLU A 420 56.24 -14.65 -5.86
N LEU A 421 55.89 -15.10 -7.05
CA LEU A 421 55.25 -16.39 -7.18
C LEU A 421 56.33 -17.45 -7.18
N THR A 422 56.56 -18.07 -6.02
CA THR A 422 57.56 -19.13 -5.96
C THR A 422 57.11 -20.37 -6.71
N GLY A 423 55.81 -20.52 -6.92
CA GLY A 423 55.27 -21.74 -7.45
C GLY A 423 54.83 -22.72 -6.40
N GLN A 424 55.19 -22.47 -5.14
CA GLN A 424 54.64 -23.28 -4.08
C GLN A 424 53.16 -23.03 -3.94
N GLU A 425 52.71 -21.82 -4.27
CA GLU A 425 51.31 -21.47 -4.09
C GLU A 425 50.40 -22.51 -4.71
N TRP A 426 50.69 -22.89 -5.94
CA TRP A 426 49.78 -23.73 -6.70
C TRP A 426 49.86 -25.19 -6.34
N ARG A 427 50.60 -25.57 -5.30
CA ARG A 427 50.70 -26.97 -4.95
C ARG A 427 49.37 -27.52 -4.49
N GLY A 428 49.00 -28.69 -5.03
CA GLY A 428 47.73 -29.32 -4.77
C GLY A 428 46.79 -29.24 -5.96
N LEU A 429 46.87 -28.15 -6.72
CA LEU A 429 46.03 -27.94 -7.89
C LEU A 429 46.41 -28.94 -8.98
N GLU A 430 45.81 -30.12 -8.93
CA GLU A 430 46.15 -31.22 -9.81
C GLU A 430 45.35 -31.23 -11.10
N ASN A 431 44.14 -30.65 -11.11
CA ASN A 431 43.34 -30.59 -12.33
C ASN A 431 43.03 -29.15 -12.73
N ILE A 432 43.82 -28.18 -12.28
CA ILE A 432 43.55 -26.78 -12.60
C ILE A 432 43.70 -26.53 -14.10
N PHE A 433 42.75 -25.76 -14.66
CA PHE A 433 42.79 -25.39 -16.07
C PHE A 433 42.91 -23.89 -16.32
N GLU A 434 42.36 -23.04 -15.44
CA GLU A 434 42.39 -21.60 -15.59
C GLU A 434 42.81 -20.95 -14.28
N ILE A 435 43.69 -19.98 -14.37
CA ILE A 435 44.09 -19.16 -13.25
C ILE A 435 44.03 -17.72 -13.72
N TYR A 436 43.23 -16.91 -13.06
CA TYR A 436 43.13 -15.48 -13.36
C TYR A 436 43.86 -14.72 -12.26
N LEU A 437 44.90 -14.00 -12.65
CA LEU A 437 45.63 -13.15 -11.71
C LEU A 437 45.65 -11.70 -12.19
N SER A 438 44.76 -11.32 -13.11
CA SER A 438 44.82 -9.98 -13.69
C SER A 438 44.45 -8.90 -12.67
N TYR A 439 44.95 -7.69 -12.90
CA TYR A 439 44.61 -6.55 -12.04
C TYR A 439 45.02 -6.74 -10.58
N ASN A 440 46.32 -6.91 -10.33
CA ASN A 440 46.82 -6.97 -8.97
C ASN A 440 47.96 -5.97 -8.81
N LYS A 441 48.58 -5.98 -7.61
CA LYS A 441 49.56 -4.97 -7.28
C LYS A 441 50.91 -5.20 -7.97
N TYR A 442 51.51 -6.38 -7.76
CA TYR A 442 52.82 -6.66 -8.32
C TYR A 442 53.01 -8.17 -8.31
N LEU A 443 53.47 -8.71 -9.41
CA LEU A 443 53.69 -10.15 -9.50
C LEU A 443 55.08 -10.41 -10.07
N GLN A 444 55.94 -11.01 -9.26
CA GLN A 444 57.32 -11.28 -9.64
C GLN A 444 57.50 -12.78 -9.92
N LEU A 445 57.91 -13.11 -11.15
CA LEU A 445 57.95 -14.49 -11.59
C LEU A 445 59.32 -15.14 -11.30
N THR A 446 59.28 -16.45 -11.07
CA THR A 446 60.44 -17.33 -11.07
C THR A 446 60.25 -18.35 -12.19
N ARG A 447 61.20 -19.27 -12.33
CA ARG A 447 60.98 -20.34 -13.30
C ARG A 447 59.97 -21.37 -12.80
N ASN A 448 59.85 -21.58 -11.49
CA ASN A 448 58.85 -22.51 -10.99
C ASN A 448 57.51 -21.87 -10.66
N SER A 449 57.29 -20.62 -11.07
CA SER A 449 56.03 -19.97 -10.73
C SER A 449 54.82 -20.77 -11.18
N PHE A 450 54.96 -21.64 -12.16
CA PHE A 450 53.81 -22.46 -12.51
C PHE A 450 54.22 -23.90 -12.79
N ALA A 451 55.40 -24.29 -12.36
CA ALA A 451 55.86 -25.65 -12.61
C ALA A 451 54.95 -26.70 -11.99
N LEU A 452 54.14 -26.33 -11.01
CA LEU A 452 53.27 -27.30 -10.35
C LEU A 452 51.91 -27.41 -10.99
N VAL A 453 51.70 -26.76 -12.12
CA VAL A 453 50.39 -26.79 -12.79
C VAL A 453 50.61 -26.96 -14.29
N PRO A 454 50.86 -28.20 -14.82
CA PRO A 454 51.18 -28.27 -16.24
C PRO A 454 49.93 -28.37 -17.07
N SER A 455 48.85 -28.81 -16.42
CA SER A 455 47.54 -28.94 -17.03
C SER A 455 46.95 -27.59 -17.36
N LEU A 456 47.54 -26.51 -16.87
CA LEU A 456 46.99 -25.17 -17.04
C LEU A 456 46.80 -24.86 -18.52
N GLN A 457 45.61 -24.39 -18.87
CA GLN A 457 45.29 -24.00 -20.24
C GLN A 457 45.10 -22.50 -20.42
N ARG A 458 44.59 -21.80 -19.40
CA ARG A 458 44.46 -20.34 -19.44
C ARG A 458 45.19 -19.73 -18.26
N LEU A 459 45.98 -18.69 -18.52
CA LEU A 459 46.75 -17.98 -17.52
C LEU A 459 46.65 -16.50 -17.82
N MET A 460 46.04 -15.74 -16.92
CA MET A 460 45.77 -14.33 -17.15
C MET A 460 46.64 -13.46 -16.24
N LEU A 461 47.49 -12.63 -16.83
CA LEU A 461 48.46 -11.82 -16.09
C LEU A 461 48.37 -10.35 -16.49
N ARG A 462 47.13 -9.87 -16.69
CA ARG A 462 46.87 -8.51 -17.14
C ARG A 462 47.12 -7.51 -16.02
N ARG A 463 47.99 -6.53 -16.31
CA ARG A 463 48.25 -5.38 -15.43
C ARG A 463 48.76 -5.84 -14.06
N VAL A 464 49.81 -6.67 -14.01
CA VAL A 464 50.37 -6.96 -12.69
C VAL A 464 51.79 -6.44 -12.55
N ALA A 465 52.20 -5.48 -13.36
CA ALA A 465 53.61 -5.05 -13.39
C ALA A 465 54.55 -6.25 -13.44
N LEU A 466 54.20 -7.25 -14.27
CA LEU A 466 54.95 -8.51 -14.35
C LEU A 466 56.44 -8.26 -14.48
N LYS A 467 57.24 -9.04 -13.76
CA LYS A 467 58.69 -8.96 -13.84
C LYS A 467 59.26 -10.38 -13.87
N ASN A 468 60.42 -10.51 -14.53
CA ASN A 468 61.13 -11.78 -14.67
C ASN A 468 60.40 -12.75 -15.61
N VAL A 469 59.80 -12.21 -16.66
CA VAL A 469 59.35 -13.05 -17.76
C VAL A 469 60.51 -13.46 -18.67
N ASP A 470 61.64 -12.73 -18.62
CA ASP A 470 62.78 -12.99 -19.49
C ASP A 470 63.80 -13.96 -18.86
N SER A 471 63.33 -15.10 -18.37
CA SER A 471 64.21 -16.08 -17.80
C SER A 471 64.68 -17.03 -18.89
N SER A 472 65.71 -17.81 -18.56
CA SER A 472 66.35 -18.65 -19.58
C SER A 472 65.41 -19.71 -20.13
N PRO A 473 64.90 -20.64 -19.34
CA PRO A 473 63.63 -21.22 -19.75
C PRO A 473 62.52 -20.39 -19.12
N SER A 474 61.74 -19.73 -19.97
CA SER A 474 60.63 -18.88 -19.59
C SER A 474 59.79 -19.48 -18.47
N PRO A 475 59.21 -18.64 -17.60
CA PRO A 475 58.33 -19.17 -16.52
C PRO A 475 57.19 -20.00 -17.04
N PHE A 476 56.84 -19.82 -18.31
CA PHE A 476 55.74 -20.51 -18.95
C PHE A 476 56.14 -21.82 -19.60
N GLN A 477 57.43 -22.14 -19.64
CA GLN A 477 57.86 -23.37 -20.31
C GLN A 477 57.22 -24.64 -19.78
N PRO A 478 56.91 -24.79 -18.48
CA PRO A 478 56.27 -26.03 -18.01
C PRO A 478 54.80 -26.12 -18.36
N LEU A 479 54.21 -25.12 -19.01
CA LEU A 479 52.78 -25.06 -19.27
C LEU A 479 52.61 -25.41 -20.73
N ARG A 480 52.69 -26.70 -21.04
CA ARG A 480 52.88 -27.09 -22.43
C ARG A 480 51.56 -27.25 -23.14
N ASN A 481 50.46 -27.04 -22.42
CA ASN A 481 49.11 -27.05 -22.94
C ASN A 481 48.39 -25.74 -22.72
N LEU A 482 49.13 -24.70 -22.36
CA LEU A 482 48.59 -23.35 -22.37
C LEU A 482 48.01 -23.07 -23.75
N THR A 483 46.81 -22.50 -23.75
CA THR A 483 46.14 -22.10 -24.96
C THR A 483 45.77 -20.63 -25.00
N ILE A 484 45.56 -19.99 -23.84
CA ILE A 484 45.32 -18.55 -23.76
C ILE A 484 46.27 -17.95 -22.73
N LEU A 485 47.11 -17.02 -23.16
CA LEU A 485 48.04 -16.33 -22.27
C LEU A 485 47.83 -14.83 -22.40
N ASP A 486 47.57 -14.14 -21.28
CA ASP A 486 47.39 -12.69 -21.32
C ASP A 486 48.51 -12.05 -20.52
N LEU A 487 49.42 -11.33 -21.20
CA LEU A 487 50.55 -10.65 -20.56
C LEU A 487 50.52 -9.15 -20.78
N SER A 488 49.32 -8.56 -20.91
CA SER A 488 49.16 -7.17 -21.32
C SER A 488 49.27 -6.19 -20.15
N ASN A 489 49.59 -4.94 -20.48
CA ASN A 489 49.69 -3.83 -19.52
C ASN A 489 50.71 -4.14 -18.43
N ASN A 490 51.87 -4.62 -18.86
CA ASN A 490 52.93 -4.89 -17.90
C ASN A 490 54.22 -4.12 -18.22
N ASN A 491 54.18 -3.21 -19.20
CA ASN A 491 55.38 -2.45 -19.57
C ASN A 491 56.57 -3.38 -19.74
N ILE A 492 56.30 -4.53 -20.34
CA ILE A 492 57.36 -5.49 -20.57
C ILE A 492 58.31 -4.93 -21.62
N ALA A 493 59.56 -4.72 -21.21
CA ALA A 493 60.59 -4.17 -22.08
C ALA A 493 61.59 -5.21 -22.55
N ASN A 494 61.66 -6.37 -21.89
CA ASN A 494 62.59 -7.42 -22.29
C ASN A 494 61.85 -8.75 -22.32
N ILE A 495 61.75 -9.32 -23.52
CA ILE A 495 61.30 -10.69 -23.78
C ILE A 495 62.47 -11.46 -24.37
N ASN A 496 62.60 -12.71 -23.96
CA ASN A 496 63.65 -13.56 -24.49
C ASN A 496 63.12 -14.35 -25.67
N ASP A 497 64.03 -14.69 -26.58
CA ASP A 497 63.70 -15.42 -27.79
C ASP A 497 62.80 -16.63 -27.50
N ASP A 498 63.16 -17.44 -26.51
CA ASP A 498 62.52 -18.72 -26.29
C ASP A 498 61.42 -18.67 -25.23
N MET A 499 60.74 -17.54 -25.10
CA MET A 499 59.73 -17.39 -24.05
C MET A 499 58.55 -18.33 -24.27
N LEU A 500 58.04 -18.38 -25.50
CA LEU A 500 56.88 -19.21 -25.78
C LEU A 500 57.24 -20.57 -26.37
N GLU A 501 58.48 -21.02 -26.18
CA GLU A 501 58.88 -22.30 -26.71
C GLU A 501 58.22 -23.45 -25.96
N GLY A 502 57.76 -24.45 -26.71
CA GLY A 502 57.10 -25.59 -26.13
C GLY A 502 55.59 -25.48 -26.12
N LEU A 503 55.10 -24.25 -26.09
CA LEU A 503 53.66 -23.96 -26.02
C LEU A 503 53.07 -24.12 -27.41
N GLU A 504 53.25 -25.33 -27.96
CA GLU A 504 52.81 -25.56 -29.34
C GLU A 504 51.31 -25.36 -29.51
N LYS A 505 50.55 -25.43 -28.42
CA LYS A 505 49.10 -25.37 -28.46
C LYS A 505 48.55 -23.96 -28.23
N LEU A 506 49.41 -22.99 -27.99
CA LEU A 506 48.96 -21.65 -27.64
C LEU A 506 48.10 -21.06 -28.76
N GLU A 507 46.89 -20.62 -28.41
CA GLU A 507 45.92 -20.12 -29.39
C GLU A 507 45.69 -18.62 -29.32
N ILE A 508 45.67 -18.04 -28.12
CA ILE A 508 45.46 -16.61 -27.93
C ILE A 508 46.62 -16.03 -27.11
N LEU A 509 47.25 -14.97 -27.64
CA LEU A 509 48.38 -14.31 -27.00
C LEU A 509 48.13 -12.79 -27.02
N ASP A 510 47.86 -12.21 -25.85
CA ASP A 510 47.63 -10.77 -25.71
C ASP A 510 48.89 -10.12 -25.12
N LEU A 511 49.53 -9.23 -25.91
CA LEU A 511 50.74 -8.54 -25.50
C LEU A 511 50.62 -7.03 -25.62
N GLN A 512 49.40 -6.51 -25.65
CA GLN A 512 49.19 -5.10 -25.89
C GLN A 512 49.59 -4.27 -24.70
N HIS A 513 49.83 -3.00 -24.95
CA HIS A 513 50.28 -2.09 -23.92
C HIS A 513 51.51 -2.64 -23.18
N ASN A 514 52.58 -2.91 -23.94
CA ASN A 514 53.89 -3.15 -23.36
C ASN A 514 54.88 -2.22 -24.04
N ASN A 515 56.15 -2.34 -23.68
CA ASN A 515 57.20 -1.57 -24.31
C ASN A 515 58.14 -2.43 -25.15
N LEU A 516 57.68 -3.57 -25.62
CA LEU A 516 58.58 -4.42 -26.39
C LEU A 516 58.79 -3.94 -27.83
N ALA A 517 58.91 -2.63 -28.02
CA ALA A 517 59.06 -2.07 -29.36
C ALA A 517 60.46 -2.26 -29.91
N ARG A 518 61.49 -2.02 -29.10
CA ARG A 518 62.83 -2.07 -29.66
C ARG A 518 63.23 -3.48 -30.04
N LEU A 519 62.60 -4.51 -29.45
CA LEU A 519 63.03 -5.86 -29.74
C LEU A 519 62.78 -6.30 -31.19
N TRP A 520 62.08 -5.48 -31.98
CA TRP A 520 61.85 -5.74 -33.39
C TRP A 520 62.46 -4.67 -34.27
N LYS A 521 63.29 -3.80 -33.71
CA LYS A 521 64.06 -2.91 -34.55
C LYS A 521 65.23 -3.69 -35.13
N HIS A 522 65.60 -3.32 -36.36
CA HIS A 522 66.77 -3.93 -36.98
C HIS A 522 68.02 -3.68 -36.15
N ALA A 523 68.13 -2.50 -35.55
CA ALA A 523 69.36 -2.15 -34.87
C ALA A 523 69.44 -2.70 -33.48
N ASN A 524 68.70 -3.74 -33.17
CA ASN A 524 68.73 -4.25 -31.81
C ASN A 524 70.05 -4.96 -31.56
N PRO A 525 70.66 -4.73 -30.42
CA PRO A 525 71.93 -5.39 -30.11
C PRO A 525 71.81 -6.90 -30.06
N GLY A 526 72.11 -7.56 -31.17
CA GLY A 526 72.03 -9.01 -31.26
C GLY A 526 71.02 -9.50 -32.27
N GLY A 527 70.21 -8.60 -32.82
CA GLY A 527 69.20 -8.96 -33.77
C GLY A 527 67.82 -8.88 -33.13
N PRO A 528 66.79 -8.74 -33.96
CA PRO A 528 65.43 -8.73 -33.42
C PRO A 528 65.07 -10.05 -32.74
N ILE A 529 64.17 -9.95 -31.77
CA ILE A 529 63.77 -11.12 -31.03
C ILE A 529 62.55 -11.73 -31.71
N TYR A 530 62.71 -12.93 -32.29
CA TYR A 530 61.62 -13.67 -32.95
C TYR A 530 61.03 -14.57 -31.86
N PHE A 531 60.05 -14.05 -31.13
CA PHE A 531 59.54 -14.76 -29.96
C PHE A 531 58.24 -15.47 -30.26
N LEU A 532 57.75 -15.31 -31.49
CA LEU A 532 56.55 -15.90 -32.02
C LEU A 532 56.84 -17.17 -32.79
N LYS A 533 58.10 -17.60 -32.84
CA LYS A 533 58.42 -18.75 -33.66
C LYS A 533 57.80 -20.02 -33.08
N GLY A 534 57.50 -20.96 -33.97
CA GLY A 534 56.95 -22.23 -33.57
C GLY A 534 55.50 -22.21 -33.12
N LEU A 535 54.86 -21.04 -33.08
CA LEU A 535 53.48 -20.94 -32.59
C LEU A 535 52.49 -21.27 -33.70
N SER A 536 52.41 -22.56 -34.03
CA SER A 536 51.59 -22.98 -35.17
C SER A 536 50.13 -22.63 -34.95
N HIS A 537 49.58 -23.07 -33.83
CA HIS A 537 48.17 -22.96 -33.61
C HIS A 537 47.71 -21.58 -33.14
N LEU A 538 48.57 -20.59 -33.15
CA LEU A 538 48.17 -19.25 -32.71
C LEU A 538 47.07 -18.73 -33.63
N HIS A 539 45.91 -18.40 -33.05
CA HIS A 539 44.79 -17.83 -33.78
C HIS A 539 44.63 -16.33 -33.56
N ILE A 540 44.83 -15.86 -32.32
CA ILE A 540 44.71 -14.45 -31.97
C ILE A 540 46.02 -13.93 -31.42
N LEU A 541 46.52 -12.85 -32.00
CA LEU A 541 47.74 -12.18 -31.57
C LEU A 541 47.45 -10.69 -31.48
N ASN A 542 47.55 -10.13 -30.28
CA ASN A 542 47.28 -8.71 -30.02
C ASN A 542 48.57 -8.00 -29.61
N LEU A 543 49.06 -7.10 -30.44
CA LEU A 543 50.30 -6.39 -30.16
C LEU A 543 50.10 -4.87 -30.15
N GLU A 544 48.91 -4.42 -29.77
CA GLU A 544 48.61 -2.99 -29.79
C GLU A 544 49.44 -2.20 -28.77
N SER A 545 49.59 -0.91 -29.04
CA SER A 545 50.17 0.05 -28.10
C SER A 545 51.47 -0.45 -27.50
N ASN A 546 52.35 -0.91 -28.38
CA ASN A 546 53.65 -1.41 -27.98
C ASN A 546 54.79 -0.54 -28.49
N GLY A 547 54.48 0.50 -29.26
CA GLY A 547 55.45 1.43 -29.80
C GLY A 547 56.20 0.95 -31.03
N PHE A 548 55.91 -0.25 -31.51
CA PHE A 548 56.50 -0.78 -32.73
C PHE A 548 56.55 0.27 -33.83
N ASP A 549 57.66 0.31 -34.53
CA ASP A 549 57.70 1.12 -35.73
C ASP A 549 58.45 0.42 -36.84
N GLU A 550 59.01 -0.76 -36.58
CA GLU A 550 59.51 -1.69 -37.58
C GLU A 550 58.88 -3.04 -37.30
N ILE A 551 58.70 -3.85 -38.35
CA ILE A 551 58.33 -5.25 -38.21
C ILE A 551 59.40 -6.04 -38.94
N PRO A 552 60.06 -7.01 -38.29
CA PRO A 552 61.02 -7.84 -38.99
C PRO A 552 60.35 -8.73 -40.00
N VAL A 553 61.04 -8.94 -41.13
CA VAL A 553 60.43 -9.49 -42.32
C VAL A 553 59.79 -10.84 -42.06
N GLU A 554 60.21 -11.57 -41.01
CA GLU A 554 59.72 -12.91 -40.84
C GLU A 554 59.22 -13.22 -39.44
N VAL A 555 58.85 -12.22 -38.62
CA VAL A 555 58.31 -12.51 -37.28
C VAL A 555 57.07 -13.40 -37.30
N PHE A 556 56.20 -13.24 -38.30
CA PHE A 556 54.98 -14.04 -38.38
C PHE A 556 55.12 -15.28 -39.24
N LYS A 557 56.34 -15.75 -39.50
CA LYS A 557 56.57 -16.78 -40.51
C LYS A 557 56.01 -18.15 -40.13
N ASP A 558 55.69 -18.39 -38.87
CA ASP A 558 55.24 -19.72 -38.49
C ASP A 558 53.76 -19.78 -38.15
N LEU A 559 53.06 -18.64 -38.16
CA LEU A 559 51.68 -18.57 -37.66
C LEU A 559 50.71 -18.71 -38.84
N PHE A 560 50.49 -19.95 -39.25
CA PHE A 560 49.65 -20.24 -40.41
C PHE A 560 48.18 -20.31 -40.06
N GLU A 561 47.86 -20.59 -38.81
CA GLU A 561 46.48 -20.57 -38.37
C GLU A 561 46.05 -19.23 -37.76
N LEU A 562 46.89 -18.19 -37.82
CA LEU A 562 46.57 -16.87 -37.28
C LEU A 562 45.33 -16.29 -37.96
N LYS A 563 44.23 -16.15 -37.20
CA LYS A 563 42.97 -15.65 -37.73
C LYS A 563 42.82 -14.14 -37.53
N ILE A 564 43.20 -13.63 -36.34
CA ILE A 564 43.13 -12.20 -36.03
C ILE A 564 44.52 -11.72 -35.63
N ILE A 565 45.03 -10.73 -36.35
CA ILE A 565 46.28 -10.04 -36.04
C ILE A 565 45.93 -8.60 -35.65
N ASP A 566 46.55 -8.13 -34.59
CA ASP A 566 46.09 -6.88 -33.97
C ASP A 566 47.31 -6.06 -33.55
N LEU A 567 47.76 -5.18 -34.44
CA LEU A 567 48.90 -4.31 -34.13
C LEU A 567 48.50 -2.90 -34.60
N GLY A 568 47.73 -2.23 -33.74
CA GLY A 568 47.39 -0.85 -33.96
C GLY A 568 47.85 -0.03 -32.78
N LEU A 569 47.64 1.27 -32.91
CA LEU A 569 48.14 2.20 -31.91
C LEU A 569 49.66 2.03 -31.75
N ASN A 570 50.35 1.89 -32.89
CA ASN A 570 51.80 1.78 -32.98
C ASN A 570 52.31 2.88 -33.90
N ASN A 571 53.63 2.87 -34.16
CA ASN A 571 54.25 3.84 -35.05
C ASN A 571 54.63 3.27 -36.42
N LEU A 572 53.90 2.27 -36.89
CA LEU A 572 54.22 1.61 -38.15
C LEU A 572 53.88 2.52 -39.32
N ASN A 573 54.87 2.75 -40.19
CA ASN A 573 54.64 3.49 -41.42
C ASN A 573 54.79 2.60 -42.64
N THR A 574 55.90 1.87 -42.73
CA THR A 574 56.17 1.01 -43.89
C THR A 574 56.50 -0.39 -43.41
N LEU A 575 56.07 -1.38 -44.17
CA LEU A 575 56.29 -2.72 -43.68
C LEU A 575 57.08 -3.50 -44.71
N PRO A 576 57.93 -4.43 -44.27
CA PRO A 576 58.66 -5.27 -45.23
C PRO A 576 57.70 -6.01 -46.15
N ALA A 577 58.06 -6.06 -47.43
CA ALA A 577 57.24 -6.78 -48.40
C ALA A 577 57.22 -8.27 -48.07
N SER A 578 56.06 -8.89 -48.27
CA SER A 578 55.83 -10.31 -47.98
C SER A 578 55.93 -10.64 -46.48
N VAL A 579 55.60 -9.67 -45.63
CA VAL A 579 55.68 -9.92 -44.19
C VAL A 579 54.48 -10.74 -43.73
N PHE A 580 53.35 -10.61 -44.43
CA PHE A 580 52.13 -11.33 -44.11
C PHE A 580 51.88 -12.52 -45.01
N ASN A 581 52.89 -12.95 -45.78
CA ASN A 581 52.66 -13.95 -46.82
C ASN A 581 52.04 -15.23 -46.27
N ASN A 582 52.59 -15.74 -45.16
CA ASN A 582 52.15 -17.04 -44.65
C ASN A 582 50.82 -17.00 -43.91
N GLN A 583 50.24 -15.84 -43.66
CA GLN A 583 48.94 -15.72 -42.98
C GLN A 583 47.84 -16.05 -43.98
N VAL A 584 47.49 -17.33 -44.08
CA VAL A 584 46.56 -17.77 -45.12
C VAL A 584 45.14 -17.87 -44.58
N SER A 585 45.00 -18.26 -43.33
CA SER A 585 43.70 -18.28 -42.68
C SER A 585 43.32 -16.92 -42.12
N LEU A 586 44.13 -15.89 -42.34
CA LEU A 586 43.92 -14.60 -41.68
C LEU A 586 42.59 -14.00 -42.11
N LYS A 587 41.75 -13.65 -41.14
CA LYS A 587 40.43 -13.11 -41.44
C LYS A 587 40.17 -11.75 -40.83
N SER A 588 41.13 -11.17 -40.10
CA SER A 588 40.90 -9.85 -39.51
C SER A 588 42.24 -9.16 -39.30
N LEU A 589 42.50 -8.10 -40.06
CA LEU A 589 43.75 -7.36 -39.97
C LEU A 589 43.46 -5.96 -39.45
N ASN A 590 44.24 -5.52 -38.47
CA ASN A 590 43.90 -4.30 -37.77
C ASN A 590 45.16 -3.46 -37.58
N LEU A 591 45.26 -2.29 -38.29
CA LEU A 591 46.36 -1.33 -38.06
C LEU A 591 45.79 0.07 -37.78
N GLN A 592 44.90 0.13 -36.80
CA GLN A 592 43.90 1.19 -36.74
C GLN A 592 44.49 2.57 -36.55
N LYS A 593 45.44 2.78 -35.65
CA LYS A 593 45.95 4.12 -35.47
C LYS A 593 47.46 4.01 -35.55
N ASN A 594 48.03 4.39 -36.67
CA ASN A 594 49.45 4.17 -36.93
C ASN A 594 49.88 5.32 -37.79
N LEU A 595 51.12 5.26 -38.27
CA LEU A 595 51.59 6.32 -39.16
C LEU A 595 51.63 5.87 -40.61
N ILE A 596 50.73 4.96 -41.02
CA ILE A 596 50.81 4.36 -42.35
C ILE A 596 50.37 5.36 -43.40
N THR A 597 51.12 5.42 -44.50
CA THR A 597 50.80 6.29 -45.62
C THR A 597 50.64 5.57 -46.93
N SER A 598 51.01 4.30 -47.03
CA SER A 598 51.20 3.65 -48.32
C SER A 598 50.75 2.21 -48.18
N VAL A 599 49.55 1.93 -48.65
CA VAL A 599 49.04 0.56 -48.69
C VAL A 599 49.43 -0.03 -50.05
N GLU A 600 50.64 -0.55 -50.12
CA GLU A 600 51.19 -1.11 -51.35
C GLU A 600 50.74 -2.55 -51.53
N LYS A 601 50.62 -2.99 -52.79
CA LYS A 601 50.13 -4.34 -53.03
C LYS A 601 51.13 -5.38 -52.58
N LYS A 602 52.43 -5.08 -52.76
CA LYS A 602 53.47 -6.03 -52.40
C LYS A 602 53.44 -6.42 -50.93
N VAL A 603 52.80 -5.61 -50.09
CA VAL A 603 52.73 -5.87 -48.65
C VAL A 603 51.39 -6.47 -48.26
N PHE A 604 50.30 -5.80 -48.62
CA PHE A 604 49.00 -6.17 -48.12
C PHE A 604 48.25 -7.13 -49.02
N GLY A 605 48.77 -7.42 -50.20
CA GLY A 605 48.13 -8.33 -51.13
C GLY A 605 47.71 -9.65 -50.52
N PRO A 606 48.66 -10.46 -50.06
CA PRO A 606 48.29 -11.76 -49.48
C PRO A 606 47.38 -11.65 -48.30
N ALA A 607 47.52 -10.60 -47.49
CA ALA A 607 46.65 -10.45 -46.34
C ALA A 607 45.22 -10.15 -46.79
N PHE A 608 45.07 -9.20 -47.70
CA PHE A 608 43.74 -8.78 -48.12
C PHE A 608 42.99 -9.88 -48.89
N ARG A 609 43.73 -10.89 -49.41
CA ARG A 609 43.19 -11.93 -50.29
C ARG A 609 41.78 -12.35 -49.93
N ASN A 610 41.62 -12.81 -48.68
CA ASN A 610 40.35 -13.25 -48.13
C ASN A 610 40.45 -12.71 -46.71
N LEU A 611 39.58 -11.77 -46.38
CA LEU A 611 39.54 -11.14 -45.06
C LEU A 611 38.08 -10.96 -44.69
N THR A 612 37.76 -11.28 -43.46
CA THR A 612 36.38 -11.03 -43.06
C THR A 612 36.17 -9.55 -42.81
N GLU A 613 37.16 -8.88 -42.24
CA GLU A 613 37.01 -7.49 -41.83
C GLU A 613 38.39 -6.87 -41.71
N LEU A 614 38.50 -5.62 -42.12
CA LEU A 614 39.75 -4.87 -42.09
C LEU A 614 39.54 -3.57 -41.33
N ASP A 615 40.49 -3.21 -40.49
CA ASP A 615 40.41 -1.90 -39.84
C ASP A 615 41.81 -1.31 -39.80
N MET A 616 42.04 -0.32 -40.65
CA MET A 616 43.21 0.54 -40.56
C MET A 616 42.73 1.97 -40.77
N ARG A 617 41.97 2.49 -39.77
CA ARG A 617 41.41 3.82 -39.81
C ARG A 617 42.45 4.82 -39.36
N PHE A 618 42.09 6.09 -39.35
CA PHE A 618 42.93 7.15 -38.79
C PHE A 618 44.41 7.01 -39.16
N ASN A 619 44.69 6.96 -40.48
CA ASN A 619 46.07 6.85 -40.92
C ASN A 619 46.40 7.99 -41.87
N PRO A 620 47.60 8.49 -41.85
CA PRO A 620 47.97 9.64 -42.67
C PRO A 620 48.13 9.32 -44.16
N PHE A 621 47.10 8.67 -44.74
CA PHE A 621 47.17 8.16 -46.10
C PHE A 621 47.67 9.24 -47.05
N ASP A 622 48.49 8.83 -47.99
CA ASP A 622 48.98 9.70 -49.04
C ASP A 622 48.18 9.39 -50.31
N CYS A 623 47.43 10.40 -50.78
CA CYS A 623 46.57 10.30 -51.97
C CYS A 623 47.41 10.51 -53.23
N THR A 624 48.29 9.54 -53.50
CA THR A 624 49.06 9.46 -54.73
C THR A 624 48.92 8.06 -55.30
N CYS A 625 49.05 7.95 -56.62
CA CYS A 625 48.90 6.64 -57.27
C CYS A 625 49.94 5.65 -56.76
N GLU A 626 51.22 6.06 -56.66
CA GLU A 626 52.25 5.14 -56.20
C GLU A 626 51.95 4.59 -54.80
N SER A 627 51.08 5.25 -54.04
CA SER A 627 50.94 4.99 -52.61
C SER A 627 49.58 4.46 -52.21
N ILE A 628 48.52 4.95 -52.83
CA ILE A 628 47.17 4.60 -52.43
C ILE A 628 46.39 3.89 -53.54
N ALA A 629 46.80 4.02 -54.80
CA ALA A 629 45.99 3.64 -55.96
C ALA A 629 45.43 2.22 -55.85
N TRP A 630 46.32 1.23 -55.69
CA TRP A 630 45.85 -0.16 -55.74
C TRP A 630 44.90 -0.46 -54.59
N PHE A 631 45.12 0.21 -53.44
CA PHE A 631 44.24 0.07 -52.29
C PHE A 631 42.82 0.55 -52.62
N VAL A 632 42.71 1.70 -53.29
CA VAL A 632 41.41 2.26 -53.65
C VAL A 632 40.65 1.31 -54.56
N ASN A 633 41.36 0.71 -55.52
CA ASN A 633 40.72 -0.29 -56.37
C ASN A 633 40.24 -1.48 -55.55
N TRP A 634 41.11 -2.03 -54.71
CA TRP A 634 40.70 -3.14 -53.88
C TRP A 634 39.50 -2.76 -53.01
N ILE A 635 39.48 -1.53 -52.49
CA ILE A 635 38.35 -1.12 -51.66
C ILE A 635 37.06 -1.23 -52.45
N ASN A 636 37.00 -0.50 -53.57
CA ASN A 636 35.77 -0.49 -54.37
C ASN A 636 35.36 -1.88 -54.83
N GLU A 637 36.30 -2.83 -54.84
CA GLU A 637 36.08 -4.19 -55.35
C GLU A 637 35.76 -5.22 -54.27
N THR A 638 36.54 -5.24 -53.19
CA THR A 638 36.51 -6.34 -52.24
C THR A 638 35.18 -6.43 -51.51
N HIS A 639 34.89 -7.65 -51.04
CA HIS A 639 33.72 -7.89 -50.22
C HIS A 639 33.99 -7.81 -48.73
N THR A 640 35.26 -7.84 -48.31
CA THR A 640 35.62 -7.69 -46.90
C THR A 640 35.09 -6.33 -46.42
N ASN A 641 34.37 -6.31 -45.31
CA ASN A 641 33.76 -5.04 -44.93
C ASN A 641 34.72 -4.18 -44.14
N ILE A 642 34.65 -2.89 -44.40
CA ILE A 642 35.59 -1.93 -43.85
C ILE A 642 34.78 -0.91 -43.06
N PRO A 643 34.58 -1.12 -41.75
CA PRO A 643 33.72 -0.21 -40.99
C PRO A 643 34.33 1.17 -40.93
N GLU A 644 33.45 2.18 -40.89
CA GLU A 644 33.82 3.60 -40.81
C GLU A 644 34.67 4.03 -41.99
N LEU A 645 34.49 3.34 -43.13
CA LEU A 645 35.39 3.55 -44.27
C LEU A 645 35.29 4.95 -44.80
N SER A 646 34.08 5.47 -44.93
CA SER A 646 33.88 6.76 -45.57
C SER A 646 34.10 7.95 -44.65
N SER A 647 34.42 7.71 -43.39
CA SER A 647 34.55 8.77 -42.43
C SER A 647 35.83 8.75 -41.63
N HIS A 648 36.53 7.62 -41.57
CA HIS A 648 37.71 7.52 -40.74
C HIS A 648 38.84 6.87 -41.52
N TYR A 649 38.73 6.83 -42.84
CA TYR A 649 39.86 6.62 -43.75
C TYR A 649 40.05 7.91 -44.51
N LEU A 650 40.96 8.75 -44.04
CA LEU A 650 41.12 10.04 -44.66
C LEU A 650 42.55 10.26 -45.13
N CYS A 651 42.66 10.92 -46.26
CA CYS A 651 43.96 11.24 -46.80
C CYS A 651 44.53 12.48 -46.13
N ASN A 652 45.83 12.46 -45.92
CA ASN A 652 46.52 13.52 -45.23
C ASN A 652 47.54 14.22 -46.11
N THR A 653 48.01 13.57 -47.15
CA THR A 653 48.93 14.16 -48.08
C THR A 653 48.38 13.87 -49.44
N PRO A 654 48.68 14.72 -50.40
CA PRO A 654 49.40 15.99 -50.39
C PRO A 654 48.49 17.09 -49.87
N PRO A 655 49.01 18.30 -49.65
CA PRO A 655 48.16 19.37 -49.11
C PRO A 655 46.82 19.49 -49.80
N HIS A 656 46.75 19.27 -51.11
CA HIS A 656 45.49 19.44 -51.83
C HIS A 656 44.44 18.38 -51.52
N TYR A 657 44.81 17.22 -50.99
CA TYR A 657 43.86 16.16 -50.63
C TYR A 657 43.91 16.01 -49.11
N HIS A 658 43.02 16.64 -48.38
CA HIS A 658 43.17 16.52 -46.95
C HIS A 658 41.98 15.93 -46.21
N GLY A 659 40.76 16.28 -46.57
CA GLY A 659 39.63 15.58 -46.03
C GLY A 659 39.15 14.53 -46.99
N PHE A 660 39.86 14.29 -48.07
CA PHE A 660 39.25 13.41 -49.01
C PHE A 660 39.16 12.01 -48.43
N PRO A 661 37.96 11.46 -48.24
CA PRO A 661 37.89 10.07 -47.81
C PRO A 661 38.60 9.26 -48.88
N VAL A 662 39.47 8.34 -48.44
CA VAL A 662 40.37 7.67 -49.39
C VAL A 662 39.69 6.90 -50.51
N ARG A 663 38.41 6.66 -50.35
CA ARG A 663 37.69 5.81 -51.28
C ARG A 663 37.15 6.66 -52.41
N LEU A 664 37.68 7.84 -52.72
CA LEU A 664 37.01 8.56 -53.78
C LEU A 664 37.95 9.08 -54.88
N PHE A 665 38.90 8.27 -55.36
CA PHE A 665 39.61 8.89 -56.48
C PHE A 665 40.25 8.03 -57.61
N ASP B 1 -27.71 -1.61 -12.95
CA ASP B 1 -28.48 -2.85 -13.00
C ASP B 1 -28.97 -3.21 -14.44
N ILE B 2 -30.12 -3.89 -14.54
CA ILE B 2 -30.71 -4.25 -15.84
C ILE B 2 -32.20 -4.53 -15.66
N VAL B 3 -33.04 -3.93 -16.54
CA VAL B 3 -34.50 -3.99 -16.41
C VAL B 3 -35.06 -4.32 -17.78
N LEU B 4 -35.40 -5.60 -18.00
CA LEU B 4 -36.03 -6.04 -19.24
C LEU B 4 -37.48 -5.58 -19.32
N THR B 5 -37.87 -5.11 -20.50
CA THR B 5 -39.18 -4.50 -20.68
C THR B 5 -39.65 -4.85 -22.09
N GLN B 6 -40.79 -5.54 -22.18
CA GLN B 6 -41.34 -6.08 -23.42
C GLN B 6 -42.79 -5.65 -23.54
N PRO B 7 -43.37 -5.69 -24.75
CA PRO B 7 -44.70 -5.08 -24.95
C PRO B 7 -45.77 -5.86 -24.22
N PRO B 8 -46.86 -5.20 -23.83
CA PRO B 8 -47.92 -5.95 -23.14
C PRO B 8 -48.53 -7.07 -23.97
N SER B 9 -49.02 -6.77 -25.18
CA SER B 9 -49.69 -7.76 -26.03
C SER B 9 -49.20 -7.67 -27.46
N VAL B 10 -49.42 -8.75 -28.21
CA VAL B 10 -49.34 -8.70 -29.67
C VAL B 10 -50.20 -9.84 -30.23
N SER B 11 -50.86 -9.57 -31.34
CA SER B 11 -51.64 -10.58 -32.03
C SER B 11 -51.01 -10.88 -33.38
N VAL B 12 -51.40 -12.00 -33.95
CA VAL B 12 -50.83 -12.41 -35.21
C VAL B 12 -51.87 -13.24 -35.96
N ALA B 13 -51.97 -13.01 -37.27
CA ALA B 13 -52.85 -13.84 -38.08
C ALA B 13 -52.18 -15.18 -38.29
N PRO B 14 -52.87 -16.29 -38.09
CA PRO B 14 -52.21 -17.59 -38.21
C PRO B 14 -51.61 -17.76 -39.61
N GLY B 15 -50.39 -18.29 -39.65
CA GLY B 15 -49.60 -18.36 -40.86
C GLY B 15 -48.63 -17.20 -41.06
N GLN B 16 -48.83 -16.08 -40.39
CA GLN B 16 -47.97 -14.91 -40.54
C GLN B 16 -46.85 -14.98 -39.50
N THR B 17 -46.05 -13.92 -39.44
CA THR B 17 -44.87 -13.88 -38.57
C THR B 17 -45.10 -12.94 -37.39
N ALA B 18 -44.81 -13.44 -36.19
CA ALA B 18 -44.89 -12.72 -34.94
C ALA B 18 -43.49 -12.28 -34.48
N ARG B 19 -43.38 -11.07 -33.93
CA ARG B 19 -42.13 -10.64 -33.29
C ARG B 19 -42.48 -9.96 -31.96
N ILE B 20 -41.74 -10.32 -30.92
CA ILE B 20 -41.95 -9.84 -29.56
C ILE B 20 -40.62 -9.25 -29.08
N SER B 21 -40.60 -7.97 -28.78
CA SER B 21 -39.37 -7.22 -28.52
C SER B 21 -39.08 -7.11 -27.04
N CYS B 22 -37.81 -7.05 -26.68
CA CYS B 22 -37.40 -6.97 -25.27
C CYS B 22 -36.33 -5.89 -25.12
N SER B 23 -36.71 -4.68 -24.68
CA SER B 23 -35.76 -3.58 -24.65
C SER B 23 -35.05 -3.53 -23.30
N GLY B 24 -34.02 -2.70 -23.22
CA GLY B 24 -33.21 -2.62 -22.03
C GLY B 24 -31.87 -1.93 -22.26
N ASP B 25 -31.49 -1.04 -21.35
CA ASP B 25 -30.25 -0.29 -21.47
C ASP B 25 -29.08 -1.25 -21.62
N ASN B 26 -28.54 -1.31 -22.84
CA ASN B 26 -27.44 -2.20 -23.21
C ASN B 26 -27.81 -3.66 -22.99
N ILE B 27 -28.94 -4.06 -23.56
CA ILE B 27 -29.29 -5.47 -23.51
C ILE B 27 -28.41 -6.27 -24.46
N GLY B 28 -27.87 -5.62 -25.50
CA GLY B 28 -26.95 -6.29 -26.38
C GLY B 28 -25.72 -6.80 -25.65
N SER B 29 -25.41 -6.22 -24.51
CA SER B 29 -24.30 -6.68 -23.69
C SER B 29 -24.63 -7.95 -22.91
N TYR B 30 -25.85 -8.49 -23.03
CA TYR B 30 -26.29 -9.67 -22.31
C TYR B 30 -26.76 -10.76 -23.27
N TYR B 31 -26.80 -11.98 -22.76
CA TYR B 31 -27.40 -13.10 -23.45
C TYR B 31 -28.83 -13.22 -22.95
N VAL B 32 -29.78 -13.36 -23.87
CA VAL B 32 -31.20 -13.33 -23.50
C VAL B 32 -31.80 -14.72 -23.73
N HIS B 33 -32.80 -15.06 -22.92
CA HIS B 33 -33.48 -16.30 -23.11
C HIS B 33 -34.96 -16.00 -23.31
N TRP B 34 -35.70 -16.97 -23.83
CA TRP B 34 -37.12 -16.78 -24.05
C TRP B 34 -37.92 -17.94 -23.52
N TYR B 35 -38.92 -17.66 -22.69
CA TYR B 35 -39.76 -18.71 -22.12
C TYR B 35 -41.19 -18.57 -22.62
N GLN B 36 -41.77 -19.66 -23.12
CA GLN B 36 -43.17 -19.68 -23.54
C GLN B 36 -44.04 -20.33 -22.48
N GLN B 37 -45.09 -19.63 -22.06
CA GLN B 37 -45.96 -20.15 -21.02
C GLN B 37 -47.40 -20.12 -21.51
N LYS B 38 -47.98 -21.28 -21.68
CA LYS B 38 -49.36 -21.41 -22.06
C LYS B 38 -50.23 -21.42 -20.81
N PRO B 39 -51.51 -21.12 -20.93
CA PRO B 39 -52.36 -20.97 -19.74
C PRO B 39 -52.33 -22.21 -18.85
N GLY B 40 -52.03 -21.98 -17.58
CA GLY B 40 -52.01 -23.03 -16.58
C GLY B 40 -50.95 -24.07 -16.86
N GLN B 41 -49.74 -23.63 -17.17
CA GLN B 41 -48.63 -24.51 -17.47
C GLN B 41 -47.31 -23.85 -17.08
N ALA B 42 -46.36 -24.66 -16.63
CA ALA B 42 -45.00 -24.18 -16.42
C ALA B 42 -44.47 -23.67 -17.74
N PRO B 43 -43.53 -22.72 -17.70
CA PRO B 43 -42.96 -22.22 -18.95
C PRO B 43 -42.11 -23.26 -19.67
N VAL B 44 -41.74 -22.92 -20.91
CA VAL B 44 -40.88 -23.78 -21.72
C VAL B 44 -39.82 -22.92 -22.39
N LEU B 45 -38.55 -23.30 -22.21
CA LEU B 45 -37.46 -22.62 -22.89
C LEU B 45 -37.55 -22.84 -24.39
N VAL B 46 -37.62 -21.74 -25.15
CA VAL B 46 -37.71 -21.80 -26.60
C VAL B 46 -36.51 -21.18 -27.29
N ILE B 47 -35.86 -20.20 -26.68
CA ILE B 47 -34.61 -19.65 -27.19
C ILE B 47 -33.69 -19.33 -26.01
N TYR B 48 -32.44 -19.76 -26.08
CA TYR B 48 -31.44 -19.48 -25.06
C TYR B 48 -30.17 -18.94 -25.69
N GLU B 49 -29.39 -18.22 -24.89
CA GLU B 49 -28.23 -17.42 -25.28
C GLU B 49 -28.59 -16.48 -26.45
N ASP B 50 -29.87 -16.16 -26.60
CA ASP B 50 -30.64 -15.25 -27.44
C ASP B 50 -30.73 -15.63 -28.91
N SER B 51 -30.06 -16.68 -29.36
CA SER B 51 -29.99 -16.86 -30.81
C SER B 51 -30.56 -18.18 -31.29
N GLU B 52 -30.15 -19.32 -30.73
CA GLU B 52 -30.59 -20.61 -31.26
C GLU B 52 -31.35 -21.44 -30.22
N ARG B 53 -32.19 -22.32 -30.72
CA ARG B 53 -33.13 -22.99 -29.86
C ARG B 53 -32.57 -24.23 -29.23
N PRO B 54 -33.32 -24.78 -28.29
CA PRO B 54 -32.96 -26.05 -27.68
C PRO B 54 -33.41 -27.18 -28.55
N SER B 55 -33.20 -28.40 -28.05
CA SER B 55 -33.57 -29.59 -28.80
C SER B 55 -35.07 -29.79 -28.69
N GLY B 56 -35.73 -30.02 -29.82
CA GLY B 56 -37.15 -30.25 -29.85
C GLY B 56 -37.98 -28.99 -30.06
N ILE B 57 -37.44 -27.81 -29.82
CA ILE B 57 -38.19 -26.60 -30.19
C ILE B 57 -38.17 -26.44 -31.70
N PRO B 58 -39.30 -26.16 -32.34
CA PRO B 58 -39.32 -26.08 -33.80
C PRO B 58 -38.49 -24.93 -34.33
N GLU B 59 -38.13 -25.06 -35.62
CA GLU B 59 -37.34 -24.06 -36.33
C GLU B 59 -38.11 -22.76 -36.56
N ARG B 60 -39.45 -22.78 -36.45
CA ARG B 60 -40.23 -21.55 -36.63
C ARG B 60 -39.77 -20.45 -35.68
N PHE B 61 -39.26 -20.83 -34.51
CA PHE B 61 -38.83 -19.92 -33.46
C PHE B 61 -37.38 -19.52 -33.66
N SER B 62 -37.10 -18.24 -33.45
CA SER B 62 -35.77 -17.69 -33.66
C SER B 62 -35.69 -16.34 -32.99
N GLY B 63 -34.49 -15.97 -32.56
CA GLY B 63 -34.29 -14.73 -31.84
C GLY B 63 -33.02 -14.02 -32.28
N SER B 64 -32.96 -12.73 -31.93
CA SER B 64 -31.77 -11.92 -32.14
C SER B 64 -31.58 -10.98 -30.95
N ASN B 65 -30.45 -10.26 -30.96
CA ASN B 65 -30.11 -9.30 -29.90
C ASN B 65 -29.14 -8.28 -30.46
N SER B 66 -29.61 -7.04 -30.63
CA SER B 66 -28.80 -5.97 -31.20
C SER B 66 -29.11 -4.68 -30.49
N GLY B 67 -28.08 -3.87 -30.27
CA GLY B 67 -28.32 -2.55 -29.72
C GLY B 67 -28.98 -2.55 -28.36
N ASN B 68 -30.21 -2.02 -28.31
CA ASN B 68 -30.96 -1.91 -27.07
C ASN B 68 -32.28 -2.67 -27.13
N THR B 69 -32.43 -3.59 -28.10
CA THR B 69 -33.66 -4.35 -28.24
C THR B 69 -33.32 -5.75 -28.68
N ALA B 70 -34.06 -6.72 -28.16
CA ALA B 70 -33.91 -8.12 -28.50
C ALA B 70 -35.29 -8.66 -28.84
N THR B 71 -35.40 -9.40 -29.94
CA THR B 71 -36.69 -9.80 -30.46
C THR B 71 -36.77 -11.31 -30.66
N LEU B 72 -37.87 -11.91 -30.21
CA LEU B 72 -38.23 -13.28 -30.53
C LEU B 72 -39.14 -13.25 -31.75
N THR B 73 -38.81 -14.05 -32.77
CA THR B 73 -39.54 -14.05 -34.02
C THR B 73 -40.12 -15.44 -34.24
N ILE B 74 -41.40 -15.49 -34.60
CA ILE B 74 -42.13 -16.75 -34.78
C ILE B 74 -42.80 -16.68 -36.16
N SER B 75 -42.11 -17.19 -37.18
CA SER B 75 -42.66 -17.34 -38.51
C SER B 75 -43.71 -18.44 -38.51
N GLY B 76 -44.59 -18.38 -39.51
CA GLY B 76 -45.55 -19.45 -39.71
C GLY B 76 -46.32 -19.81 -38.46
N THR B 77 -46.97 -18.81 -37.90
CA THR B 77 -47.62 -18.95 -36.60
C THR B 77 -48.73 -20.00 -36.65
N GLN B 78 -48.73 -20.89 -35.67
CA GLN B 78 -49.81 -21.84 -35.52
C GLN B 78 -50.70 -21.45 -34.34
N ALA B 79 -51.83 -22.14 -34.25
CA ALA B 79 -52.80 -21.84 -33.21
C ALA B 79 -52.23 -22.16 -31.84
N GLU B 80 -51.41 -23.22 -31.75
CA GLU B 80 -50.81 -23.62 -30.49
C GLU B 80 -49.88 -22.57 -29.92
N ASP B 81 -49.25 -21.75 -30.79
CA ASP B 81 -48.30 -20.75 -30.34
C ASP B 81 -48.91 -19.65 -29.45
N GLU B 82 -50.21 -19.70 -29.26
CA GLU B 82 -50.86 -18.73 -28.40
C GLU B 82 -50.46 -19.01 -26.96
N ALA B 83 -49.74 -18.08 -26.36
CA ALA B 83 -49.19 -18.22 -25.02
C ALA B 83 -48.65 -16.87 -24.58
N ASP B 84 -48.10 -16.83 -23.38
CA ASP B 84 -47.37 -15.68 -22.89
C ASP B 84 -45.88 -15.95 -23.05
N TYR B 85 -45.16 -14.89 -23.37
CA TYR B 85 -43.75 -15.02 -23.67
C TYR B 85 -42.96 -14.09 -22.78
N TYR B 86 -41.92 -14.64 -22.15
CA TYR B 86 -41.03 -13.84 -21.33
C TYR B 86 -39.60 -13.91 -21.87
N CYS B 87 -38.93 -12.77 -21.86
CA CYS B 87 -37.50 -12.71 -22.07
C CYS B 87 -36.76 -12.66 -20.74
N SER B 88 -35.51 -13.10 -20.75
CA SER B 88 -34.80 -13.15 -19.49
C SER B 88 -33.31 -12.92 -19.70
N SER B 89 -32.64 -12.62 -18.60
CA SER B 89 -31.18 -12.58 -18.51
C SER B 89 -30.86 -12.65 -17.02
N TYR B 90 -29.57 -12.61 -16.70
CA TYR B 90 -29.10 -12.70 -15.32
C TYR B 90 -28.09 -11.59 -15.10
N ASP B 91 -28.12 -10.93 -13.95
CA ASP B 91 -27.09 -9.98 -13.57
C ASP B 91 -26.60 -10.54 -12.24
N ASP B 92 -25.50 -10.03 -11.62
CA ASP B 92 -24.84 -10.91 -10.64
C ASP B 92 -25.71 -11.19 -9.43
N PRO B 93 -26.26 -10.22 -8.69
CA PRO B 93 -27.09 -10.60 -7.52
C PRO B 93 -28.26 -11.54 -7.86
N ASN B 94 -29.03 -11.24 -8.92
CA ASN B 94 -30.21 -11.99 -9.32
C ASN B 94 -29.91 -12.86 -10.54
N PHE B 95 -29.94 -14.16 -10.37
CA PHE B 95 -29.56 -15.08 -11.44
C PHE B 95 -30.65 -15.33 -12.45
N GLN B 96 -31.74 -14.58 -12.36
CA GLN B 96 -32.72 -14.60 -13.43
C GLN B 96 -33.50 -13.29 -13.34
N VAL B 97 -33.53 -12.57 -14.46
CA VAL B 97 -34.26 -11.31 -14.62
C VAL B 97 -35.31 -11.53 -15.69
N PHE B 98 -36.54 -11.11 -15.42
CA PHE B 98 -37.63 -11.36 -16.34
C PHE B 98 -38.24 -10.08 -16.88
N GLY B 99 -38.70 -10.13 -18.13
CA GLY B 99 -39.52 -9.08 -18.69
C GLY B 99 -40.95 -9.17 -18.18
N GLY B 100 -41.77 -8.19 -18.59
CA GLY B 100 -43.16 -8.19 -18.17
C GLY B 100 -43.98 -9.35 -18.70
N GLY B 101 -43.51 -10.01 -19.76
CA GLY B 101 -44.31 -10.99 -20.45
C GLY B 101 -45.13 -10.34 -21.54
N THR B 102 -45.28 -11.01 -22.69
CA THR B 102 -46.14 -10.54 -23.76
C THR B 102 -47.14 -11.64 -24.07
N LYS B 103 -48.42 -11.25 -24.11
CA LYS B 103 -49.52 -12.20 -24.33
C LYS B 103 -49.78 -12.23 -25.84
N LEU B 104 -49.43 -13.36 -26.48
CA LEU B 104 -49.52 -13.50 -27.93
C LEU B 104 -50.82 -14.19 -28.30
N THR B 105 -51.59 -13.55 -29.19
CA THR B 105 -52.94 -13.99 -29.56
C THR B 105 -52.99 -14.38 -31.03
N VAL B 106 -53.75 -15.42 -31.33
CA VAL B 106 -53.87 -15.91 -32.68
C VAL B 106 -55.32 -16.20 -33.00
N LYS B 107 -55.81 -15.72 -34.14
CA LYS B 107 -57.21 -15.90 -34.58
C LYS B 107 -57.84 -17.25 -34.29
N GLN C 1 -35.07 -38.86 -20.19
CA GLN C 1 -35.01 -37.39 -20.23
C GLN C 1 -35.13 -36.80 -18.82
N VAL C 2 -34.71 -35.53 -18.63
CA VAL C 2 -34.71 -34.90 -17.31
C VAL C 2 -36.07 -34.27 -17.05
N GLN C 3 -36.53 -34.38 -15.80
CA GLN C 3 -37.81 -33.80 -15.47
C GLN C 3 -37.95 -33.61 -13.95
N LEU C 4 -38.59 -32.50 -13.59
CA LEU C 4 -38.69 -32.03 -12.22
C LEU C 4 -40.12 -32.19 -11.72
N GLN C 5 -40.27 -32.74 -10.52
CA GLN C 5 -41.58 -33.11 -10.00
C GLN C 5 -41.80 -32.58 -8.59
N GLN C 6 -42.66 -31.58 -8.47
CA GLN C 6 -42.92 -30.91 -7.20
C GLN C 6 -43.91 -31.69 -6.36
N SER C 7 -43.92 -31.35 -5.07
CA SER C 7 -44.77 -32.01 -4.10
C SER C 7 -44.75 -31.20 -2.81
N GLY C 8 -45.93 -31.05 -2.19
CA GLY C 8 -46.01 -30.36 -0.93
C GLY C 8 -47.37 -29.74 -0.67
N PRO C 9 -47.58 -29.25 0.55
CA PRO C 9 -48.87 -28.64 0.91
C PRO C 9 -49.18 -27.38 0.11
N GLY C 10 -50.33 -27.40 -0.57
CA GLY C 10 -50.80 -26.23 -1.31
C GLY C 10 -51.64 -25.24 -0.51
N LEU C 11 -52.02 -25.60 0.70
CA LEU C 11 -52.71 -24.70 1.61
C LEU C 11 -51.80 -24.52 2.81
N VAL C 12 -51.38 -23.29 3.04
CA VAL C 12 -50.53 -22.95 4.18
C VAL C 12 -51.13 -21.71 4.85
N LYS C 13 -51.18 -21.72 6.28
CA LYS C 13 -51.85 -20.64 6.99
C LYS C 13 -50.91 -19.47 7.23
N PRO C 14 -51.42 -18.24 7.38
CA PRO C 14 -50.54 -17.09 7.59
C PRO C 14 -49.64 -17.25 8.80
N SER C 15 -48.48 -16.58 8.72
CA SER C 15 -47.41 -16.66 9.72
C SER C 15 -46.75 -18.03 9.76
N GLN C 16 -47.24 -18.98 8.97
CA GLN C 16 -46.69 -20.33 8.95
C GLN C 16 -45.63 -20.42 7.86
N THR C 17 -45.15 -21.64 7.62
CA THR C 17 -44.03 -21.88 6.74
C THR C 17 -44.41 -22.74 5.54
N LEU C 18 -44.17 -22.21 4.35
CA LEU C 18 -44.35 -22.91 3.09
C LEU C 18 -43.18 -23.86 2.90
N SER C 19 -43.46 -25.11 2.53
CA SER C 19 -42.39 -26.10 2.35
C SER C 19 -42.70 -27.01 1.17
N LEU C 20 -41.85 -26.93 0.13
CA LEU C 20 -42.01 -27.67 -1.12
C LEU C 20 -40.75 -28.45 -1.42
N THR C 21 -40.86 -29.35 -2.41
CA THR C 21 -39.81 -30.32 -2.72
C THR C 21 -39.79 -30.59 -4.21
N CYS C 22 -38.64 -30.37 -4.84
CA CYS C 22 -38.44 -30.70 -6.26
C CYS C 22 -37.67 -32.00 -6.34
N ALA C 23 -38.26 -33.00 -6.98
CA ALA C 23 -37.64 -34.32 -7.07
C ALA C 23 -37.19 -34.54 -8.51
N ILE C 24 -35.91 -34.71 -8.69
CA ILE C 24 -35.29 -34.73 -10.01
C ILE C 24 -35.22 -36.16 -10.53
N SER C 25 -35.35 -36.35 -11.83
CA SER C 25 -35.08 -37.65 -12.43
C SER C 25 -34.59 -37.44 -13.86
N GLY C 26 -33.50 -38.12 -14.20
CA GLY C 26 -32.83 -37.90 -15.45
C GLY C 26 -31.67 -36.95 -15.36
N ASP C 27 -31.20 -36.64 -14.15
CA ASP C 27 -30.17 -35.64 -13.89
C ASP C 27 -29.89 -35.67 -12.40
N SER C 28 -28.66 -35.39 -11.99
CA SER C 28 -28.30 -35.36 -10.57
C SER C 28 -28.46 -33.95 -10.02
N VAL C 29 -28.78 -33.86 -8.73
CA VAL C 29 -28.80 -32.56 -8.11
C VAL C 29 -27.37 -32.07 -7.86
N SER C 30 -26.47 -32.98 -7.54
CA SER C 30 -25.07 -32.64 -7.33
C SER C 30 -24.29 -32.51 -8.64
N SER C 31 -24.94 -32.71 -9.77
CA SER C 31 -24.28 -32.59 -11.06
C SER C 31 -23.76 -31.17 -11.29
N ASN C 32 -22.82 -31.06 -12.23
CA ASN C 32 -22.33 -29.79 -12.75
C ASN C 32 -23.23 -29.43 -13.92
N SER C 33 -22.86 -28.38 -14.64
CA SER C 33 -23.54 -27.96 -15.87
C SER C 33 -24.89 -27.31 -15.58
N ALA C 34 -25.20 -27.06 -14.31
CA ALA C 34 -26.53 -26.58 -13.96
C ALA C 34 -26.60 -26.27 -12.48
N ALA C 35 -27.55 -25.40 -12.14
CA ALA C 35 -27.91 -25.02 -10.78
C ALA C 35 -29.41 -25.25 -10.59
N TRP C 36 -29.86 -25.15 -9.36
CA TRP C 36 -31.25 -25.41 -9.03
C TRP C 36 -31.81 -24.26 -8.19
N GLY C 37 -33.07 -23.93 -8.44
CA GLY C 37 -33.70 -22.81 -7.76
C GLY C 37 -35.21 -22.87 -7.88
N TRP C 38 -35.84 -21.72 -7.64
CA TRP C 38 -37.28 -21.61 -7.59
C TRP C 38 -37.72 -20.30 -8.26
N ILE C 39 -38.87 -20.37 -8.91
CA ILE C 39 -39.49 -19.21 -9.55
C ILE C 39 -40.96 -19.19 -9.16
N ARG C 40 -41.42 -18.04 -8.69
CA ARG C 40 -42.76 -17.85 -8.19
C ARG C 40 -43.56 -17.00 -9.18
N GLN C 41 -44.87 -17.26 -9.25
CA GLN C 41 -45.75 -16.46 -10.12
C GLN C 41 -47.09 -16.18 -9.43
N SER C 42 -47.26 -14.96 -8.91
CA SER C 42 -48.56 -14.54 -8.41
C SER C 42 -49.57 -14.58 -9.55
N PRO C 43 -50.84 -14.84 -9.26
CA PRO C 43 -51.81 -15.04 -10.36
C PRO C 43 -52.00 -13.84 -11.29
N GLY C 44 -51.53 -12.65 -10.93
CA GLY C 44 -51.60 -11.53 -11.86
C GLY C 44 -50.42 -11.46 -12.82
N ARG C 45 -50.02 -12.62 -13.34
CA ARG C 45 -49.03 -12.77 -14.41
C ARG C 45 -47.59 -12.53 -13.91
N GLY C 46 -47.40 -11.89 -12.76
CA GLY C 46 -46.02 -11.59 -12.39
C GLY C 46 -45.10 -12.80 -12.22
N LEU C 47 -44.27 -13.12 -13.23
CA LEU C 47 -43.34 -14.25 -13.18
C LEU C 47 -41.98 -13.77 -12.68
N GLU C 48 -41.68 -14.05 -11.39
CA GLU C 48 -40.55 -13.45 -10.69
C GLU C 48 -39.57 -14.48 -10.13
N TRP C 49 -38.35 -14.04 -9.86
CA TRP C 49 -37.26 -14.91 -9.45
C TRP C 49 -37.08 -14.95 -7.93
N LEU C 50 -36.79 -16.13 -7.40
CA LEU C 50 -36.69 -16.33 -5.95
C LEU C 50 -35.25 -16.51 -5.46
N GLY C 51 -34.55 -17.50 -5.98
CA GLY C 51 -33.19 -17.78 -5.55
C GLY C 51 -32.73 -19.09 -6.13
N ILE C 52 -31.42 -19.33 -6.01
CA ILE C 52 -30.83 -20.56 -6.55
C ILE C 52 -29.78 -21.06 -5.59
N ILE C 53 -29.42 -22.33 -5.78
CA ILE C 53 -28.24 -22.94 -5.17
C ILE C 53 -27.37 -23.49 -6.29
N GLN C 54 -26.09 -23.61 -5.98
CA GLN C 54 -25.12 -24.12 -6.93
C GLN C 54 -23.85 -24.47 -6.18
N LYS C 55 -23.09 -25.40 -6.73
CA LYS C 55 -21.89 -25.91 -6.06
C LYS C 55 -20.65 -25.66 -6.91
N ARG C 56 -19.58 -25.20 -6.24
CA ARG C 56 -18.26 -25.08 -6.87
C ARG C 56 -17.22 -25.86 -6.07
N SER C 57 -16.81 -25.36 -4.91
CA SER C 57 -16.11 -26.18 -3.93
C SER C 57 -17.03 -26.57 -2.80
N LYS C 58 -17.94 -25.66 -2.43
CA LYS C 58 -19.05 -25.89 -1.52
C LYS C 58 -20.36 -25.46 -2.19
N TRP C 59 -21.48 -25.55 -1.48
CA TRP C 59 -22.78 -25.11 -1.98
C TRP C 59 -23.01 -23.65 -1.61
N TYR C 60 -23.33 -22.85 -2.61
CA TYR C 60 -23.62 -21.43 -2.40
C TYR C 60 -25.07 -21.19 -2.77
N ASN C 61 -25.71 -20.23 -2.11
CA ASN C 61 -27.11 -19.97 -2.41
C ASN C 61 -27.32 -18.46 -2.43
N ASN C 62 -27.76 -17.97 -3.58
CA ASN C 62 -28.01 -16.55 -3.80
C ASN C 62 -29.51 -16.39 -3.96
N TYR C 63 -30.11 -15.74 -2.98
CA TYR C 63 -31.54 -15.50 -2.92
C TYR C 63 -31.84 -14.12 -3.46
N ALA C 64 -33.09 -13.95 -3.88
CA ALA C 64 -33.49 -12.62 -4.27
C ALA C 64 -33.66 -11.77 -3.04
N VAL C 65 -33.31 -10.50 -3.16
CA VAL C 65 -33.67 -9.58 -2.09
C VAL C 65 -35.19 -9.65 -2.20
N LYS C 66 -35.92 -9.32 -1.13
CA LYS C 66 -37.36 -9.54 -0.95
C LYS C 66 -37.73 -10.90 -0.35
N VAL C 67 -36.84 -11.88 -0.30
CA VAL C 67 -37.13 -13.12 0.43
C VAL C 67 -35.83 -13.52 1.10
N LYS C 68 -34.84 -12.62 1.02
CA LYS C 68 -33.51 -12.86 1.52
C LYS C 68 -33.51 -13.16 3.01
N SER C 69 -34.62 -12.91 3.70
CA SER C 69 -34.71 -13.19 5.12
C SER C 69 -35.66 -14.35 5.44
N LYS C 70 -36.33 -14.93 4.45
CA LYS C 70 -37.34 -15.95 4.73
C LYS C 70 -37.07 -17.25 3.99
N ILE C 71 -36.44 -17.16 2.83
CA ILE C 71 -36.33 -18.32 1.93
C ILE C 71 -35.15 -19.19 2.36
N THR C 72 -35.29 -20.49 2.08
CA THR C 72 -34.22 -21.46 2.34
C THR C 72 -34.27 -22.57 1.30
N ILE C 73 -33.31 -22.55 0.38
CA ILE C 73 -33.14 -23.59 -0.63
C ILE C 73 -31.84 -24.34 -0.32
N ASN C 74 -31.92 -25.67 -0.29
CA ASN C 74 -30.71 -26.46 -0.08
C ASN C 74 -30.94 -27.86 -0.63
N PRO C 75 -29.89 -28.54 -1.07
CA PRO C 75 -30.07 -29.81 -1.76
C PRO C 75 -30.02 -31.00 -0.81
N ASP C 76 -30.52 -32.12 -1.30
CA ASP C 76 -30.53 -33.37 -0.52
C ASP C 76 -30.05 -34.49 -1.42
N THR C 77 -28.73 -34.72 -1.43
CA THR C 77 -28.14 -35.68 -2.36
C THR C 77 -28.66 -37.10 -2.13
N SER C 78 -28.97 -37.46 -0.88
CA SER C 78 -29.40 -38.84 -0.61
C SER C 78 -30.68 -39.21 -1.34
N LYS C 79 -31.53 -38.22 -1.63
CA LYS C 79 -32.79 -38.43 -2.32
C LYS C 79 -32.79 -37.86 -3.73
N ASN C 80 -31.78 -37.08 -4.09
CA ASN C 80 -31.66 -36.40 -5.38
C ASN C 80 -32.81 -35.42 -5.58
N GLN C 81 -33.04 -34.55 -4.60
CA GLN C 81 -34.10 -33.54 -4.68
C GLN C 81 -33.66 -32.34 -3.87
N PHE C 82 -34.19 -31.17 -4.23
CA PHE C 82 -33.91 -29.96 -3.46
C PHE C 82 -35.23 -29.35 -2.99
N SER C 83 -35.14 -28.41 -2.06
CA SER C 83 -36.32 -27.96 -1.34
C SER C 83 -36.45 -26.44 -1.36
N LEU C 84 -37.67 -25.97 -1.15
CA LEU C 84 -37.99 -24.56 -0.93
C LEU C 84 -38.75 -24.41 0.37
N GLN C 85 -38.39 -23.40 1.16
CA GLN C 85 -39.13 -23.06 2.36
C GLN C 85 -39.18 -21.56 2.54
N LEU C 86 -40.37 -21.04 2.90
CA LEU C 86 -40.55 -19.65 3.27
C LEU C 86 -41.16 -19.56 4.66
N SER C 87 -40.64 -18.64 5.47
CA SER C 87 -41.11 -18.50 6.84
C SER C 87 -41.95 -17.23 6.99
N SER C 88 -42.94 -17.28 7.89
CA SER C 88 -43.86 -16.15 8.13
C SER C 88 -44.51 -15.64 6.83
N VAL C 89 -45.10 -16.57 6.08
CA VAL C 89 -45.75 -16.21 4.82
C VAL C 89 -46.96 -15.32 5.08
N THR C 90 -47.15 -14.32 4.23
CA THR C 90 -48.32 -13.47 4.20
C THR C 90 -49.19 -13.85 3.02
N PRO C 91 -50.41 -13.31 2.92
CA PRO C 91 -51.22 -13.55 1.71
C PRO C 91 -50.56 -13.03 0.43
N GLU C 92 -49.59 -12.12 0.55
CA GLU C 92 -48.84 -11.71 -0.62
C GLU C 92 -48.08 -12.86 -1.25
N ASP C 93 -47.78 -13.91 -0.47
CA ASP C 93 -47.00 -15.05 -0.93
C ASP C 93 -47.85 -16.09 -1.66
N THR C 94 -49.16 -15.85 -1.78
CA THR C 94 -50.00 -16.72 -2.58
C THR C 94 -49.62 -16.60 -4.05
N ALA C 95 -49.20 -17.71 -4.63
CA ALA C 95 -48.68 -17.75 -6.00
C ALA C 95 -48.50 -19.20 -6.46
N VAL C 96 -48.07 -19.35 -7.72
CA VAL C 96 -47.65 -20.63 -8.27
C VAL C 96 -46.12 -20.70 -8.21
N TYR C 97 -45.62 -21.81 -7.66
CA TYR C 97 -44.20 -22.01 -7.44
C TYR C 97 -43.65 -23.05 -8.38
N TYR C 98 -42.58 -22.72 -9.08
CA TYR C 98 -41.90 -23.63 -9.99
C TYR C 98 -40.48 -23.87 -9.48
N CYS C 99 -40.06 -25.12 -9.42
CA CYS C 99 -38.64 -25.37 -9.28
C CYS C 99 -38.01 -25.40 -10.67
N ALA C 100 -36.71 -25.10 -10.75
CA ALA C 100 -36.10 -24.83 -12.05
C ALA C 100 -34.64 -25.23 -12.10
N ARG C 101 -34.21 -25.74 -13.25
CA ARG C 101 -32.82 -26.06 -13.52
C ARG C 101 -32.26 -24.97 -14.43
N TYR C 102 -31.56 -24.02 -13.83
CA TYR C 102 -30.70 -23.11 -14.57
C TYR C 102 -29.49 -23.88 -15.03
N SER C 103 -29.05 -23.64 -16.26
CA SER C 103 -27.85 -24.31 -16.74
C SER C 103 -26.78 -23.29 -17.13
N TYR C 104 -25.51 -23.67 -16.92
CA TYR C 104 -24.39 -22.79 -17.28
C TYR C 104 -24.17 -22.93 -18.76
N PRO C 105 -23.53 -21.92 -19.41
CA PRO C 105 -22.86 -20.75 -18.84
C PRO C 105 -23.78 -19.69 -18.29
N PHE C 106 -24.87 -19.31 -18.97
CA PHE C 106 -25.59 -18.09 -18.64
C PHE C 106 -26.98 -18.32 -18.04
N TYR C 107 -27.11 -19.35 -17.23
CA TYR C 107 -28.25 -19.49 -16.34
C TYR C 107 -29.57 -19.44 -17.10
N SER C 108 -29.63 -20.15 -18.22
CA SER C 108 -30.90 -20.39 -18.90
C SER C 108 -31.60 -21.58 -18.25
N ILE C 109 -32.93 -21.55 -18.22
CA ILE C 109 -33.72 -22.54 -17.47
C ILE C 109 -34.27 -23.55 -18.47
N ASP C 110 -33.52 -24.63 -18.70
CA ASP C 110 -33.93 -25.61 -19.70
C ASP C 110 -35.21 -26.34 -19.27
N TYR C 111 -35.32 -26.68 -17.97
CA TYR C 111 -36.37 -27.58 -17.50
C TYR C 111 -37.06 -27.04 -16.25
N TRP C 112 -38.39 -27.06 -16.26
CA TRP C 112 -39.19 -26.53 -15.18
C TRP C 112 -39.96 -27.63 -14.44
N GLY C 113 -40.41 -27.26 -13.25
CA GLY C 113 -41.29 -28.12 -12.49
C GLY C 113 -42.73 -27.92 -12.89
N GLN C 114 -43.59 -28.86 -12.47
CA GLN C 114 -44.96 -28.84 -12.96
C GLN C 114 -45.70 -27.61 -12.48
N GLY C 115 -45.21 -26.99 -11.40
CA GLY C 115 -45.89 -25.90 -10.71
C GLY C 115 -46.73 -26.45 -9.59
N THR C 116 -46.69 -25.82 -8.43
CA THR C 116 -47.55 -26.16 -7.30
C THR C 116 -48.13 -24.87 -6.76
N LEU C 117 -49.46 -24.75 -6.84
CA LEU C 117 -50.13 -23.59 -6.29
C LEU C 117 -50.12 -23.65 -4.77
N VAL C 118 -49.66 -22.58 -4.14
CA VAL C 118 -49.72 -22.44 -2.70
C VAL C 118 -50.49 -21.17 -2.38
N THR C 119 -51.50 -21.28 -1.52
CA THR C 119 -52.36 -20.18 -1.17
C THR C 119 -52.21 -19.87 0.32
N VAL C 120 -51.93 -18.59 0.63
CA VAL C 120 -51.81 -18.13 2.01
C VAL C 120 -53.06 -17.34 2.36
N SER C 121 -54.06 -18.04 2.88
CA SER C 121 -55.30 -17.45 3.33
C SER C 121 -55.70 -18.15 4.61
N SER C 122 -56.28 -17.41 5.54
CA SER C 122 -56.71 -17.96 6.81
C SER C 122 -57.77 -19.01 6.62
N THR D 3 33.20 3.75 27.81
CA THR D 3 34.51 3.12 27.72
C THR D 3 35.51 3.92 26.81
N VAL D 4 35.10 5.08 26.26
CA VAL D 4 35.96 5.96 25.46
C VAL D 4 35.51 7.41 25.68
N SER D 5 36.42 8.35 25.90
CA SER D 5 35.98 9.66 26.37
C SER D 5 36.89 10.83 25.96
N HIS D 6 36.26 11.91 25.40
CA HIS D 6 36.85 13.20 25.11
C HIS D 6 35.76 14.29 25.22
N GLU D 7 35.27 14.51 26.45
CA GLU D 7 34.13 15.38 26.75
C GLU D 7 32.82 14.70 26.35
N VAL D 8 32.95 13.55 25.71
CA VAL D 8 31.86 12.82 25.07
C VAL D 8 32.06 11.34 25.37
N ALA D 9 31.19 10.76 26.18
CA ALA D 9 31.30 9.35 26.51
C ALA D 9 30.69 8.52 25.38
N ASP D 10 31.54 7.89 24.59
CA ASP D 10 31.08 6.88 23.64
C ASP D 10 31.13 5.53 24.35
N CYS D 11 29.95 4.95 24.60
CA CYS D 11 29.86 3.60 25.17
C CYS D 11 29.10 2.68 24.23
N SER D 12 29.29 2.86 22.93
CA SER D 12 28.48 2.18 21.92
C SER D 12 28.98 0.77 21.60
N HIS D 13 28.02 -0.15 21.45
CA HIS D 13 28.31 -1.54 21.08
C HIS D 13 29.14 -2.29 22.15
N LEU D 14 28.71 -2.18 23.41
CA LEU D 14 29.46 -2.81 24.48
C LEU D 14 28.68 -3.84 25.29
N LYS D 15 27.62 -4.43 24.74
CA LYS D 15 26.83 -5.42 25.49
C LYS D 15 26.39 -4.92 26.86
N LEU D 16 26.37 -3.59 27.07
CA LEU D 16 26.11 -3.08 28.42
C LEU D 16 24.69 -3.39 28.88
N THR D 17 24.60 -3.93 30.10
CA THR D 17 23.32 -4.13 30.76
C THR D 17 23.16 -3.14 31.89
N GLN D 18 24.04 -2.16 31.97
CA GLN D 18 24.11 -1.31 33.14
C GLN D 18 24.75 0.00 32.72
N VAL D 19 24.11 1.11 33.09
CA VAL D 19 24.65 2.42 32.73
C VAL D 19 25.94 2.62 33.52
N PRO D 20 27.06 2.82 32.85
CA PRO D 20 28.34 2.98 33.55
C PRO D 20 28.26 4.01 34.67
N ASP D 21 28.69 3.58 35.86
CA ASP D 21 29.02 4.48 36.96
C ASP D 21 30.51 4.80 36.95
N ASP D 22 31.23 4.29 35.96
CA ASP D 22 32.67 4.48 35.80
C ASP D 22 32.99 5.92 35.41
N LEU D 23 32.24 6.45 34.44
CA LEU D 23 32.59 7.63 33.65
C LEU D 23 32.87 8.86 34.51
N PRO D 24 33.61 9.82 33.95
CA PRO D 24 33.85 11.08 34.68
C PRO D 24 32.60 11.93 34.78
N THR D 25 32.49 12.63 35.91
CA THR D 25 31.28 13.35 36.26
C THR D 25 31.13 14.69 35.56
N ASN D 26 31.98 15.00 34.57
CA ASN D 26 31.88 16.25 33.83
C ASN D 26 31.56 16.02 32.36
N ILE D 27 31.09 14.82 32.02
CA ILE D 27 30.73 14.55 30.63
C ILE D 27 29.42 15.24 30.31
N THR D 28 29.32 15.73 29.07
CA THR D 28 28.10 16.39 28.61
C THR D 28 27.45 15.67 27.45
N VAL D 29 28.05 14.61 26.92
CA VAL D 29 27.40 13.77 25.94
C VAL D 29 27.63 12.32 26.35
N LEU D 30 26.60 11.49 26.20
CA LEU D 30 26.66 10.08 26.61
C LEU D 30 26.01 9.24 25.53
N ASN D 31 26.83 8.60 24.69
CA ASN D 31 26.33 7.70 23.66
C ASN D 31 26.33 6.29 24.23
N LEU D 32 25.13 5.70 24.41
CA LEU D 32 24.94 4.35 24.92
C LEU D 32 24.19 3.44 23.94
N THR D 33 24.40 3.60 22.64
CA THR D 33 23.61 2.88 21.66
C THR D 33 24.07 1.43 21.41
N HIS D 34 23.11 0.59 20.98
CA HIS D 34 23.31 -0.83 20.66
C HIS D 34 23.80 -1.65 21.86
N ASN D 35 23.08 -1.55 22.97
CA ASN D 35 23.44 -2.31 24.17
C ASN D 35 22.19 -3.04 24.66
N GLN D 36 22.27 -3.72 25.81
CA GLN D 36 21.13 -4.44 26.34
C GLN D 36 20.45 -3.71 27.50
N LEU D 37 20.48 -2.37 27.51
CA LEU D 37 19.81 -1.65 28.59
C LEU D 37 18.30 -1.82 28.48
N ARG D 38 17.66 -2.16 29.61
CA ARG D 38 16.22 -2.39 29.65
C ARG D 38 15.44 -1.39 30.49
N ARG D 39 16.13 -0.49 31.19
CA ARG D 39 15.52 0.60 31.94
C ARG D 39 16.67 1.50 32.40
N LEU D 40 16.35 2.80 32.60
CA LEU D 40 17.33 3.83 32.92
C LEU D 40 16.99 4.46 34.27
N PRO D 41 17.33 3.80 35.37
CA PRO D 41 16.93 4.32 36.69
C PRO D 41 17.64 5.63 37.02
N ALA D 42 16.86 6.57 37.56
CA ALA D 42 17.37 7.92 37.80
C ALA D 42 18.53 7.93 38.77
N ALA D 43 18.59 6.93 39.66
CA ALA D 43 19.70 6.86 40.60
C ALA D 43 21.02 6.72 39.88
N ASN D 44 21.07 5.87 38.85
CA ASN D 44 22.31 5.66 38.12
C ASN D 44 22.68 6.84 37.25
N PHE D 45 21.79 7.83 37.09
CA PHE D 45 22.08 9.05 36.34
C PHE D 45 22.29 10.26 37.23
N THR D 46 22.39 10.08 38.55
CA THR D 46 22.53 11.23 39.42
C THR D 46 23.86 11.93 39.17
N ARG D 47 24.93 11.14 38.93
CA ARG D 47 26.29 11.67 38.84
C ARG D 47 26.61 12.35 37.52
N TYR D 48 25.92 12.00 36.43
CA TYR D 48 26.18 12.61 35.13
C TYR D 48 25.11 13.66 35.01
N SER D 49 25.37 14.84 35.55
CA SER D 49 24.37 15.89 35.66
C SER D 49 24.56 16.93 34.61
N GLN D 50 25.72 16.93 33.98
CA GLN D 50 26.06 17.88 32.97
C GLN D 50 25.64 17.41 31.61
N LEU D 51 24.99 16.24 31.50
CA LEU D 51 24.64 15.69 30.19
C LEU D 51 23.67 16.62 29.48
N THR D 52 24.05 17.01 28.26
CA THR D 52 23.16 17.75 27.38
C THR D 52 22.65 16.93 26.21
N SER D 53 23.32 15.83 25.88
CA SER D 53 22.83 14.87 24.90
C SER D 53 22.92 13.47 25.50
N LEU D 54 21.81 12.75 25.46
CA LEU D 54 21.77 11.38 25.96
C LEU D 54 21.22 10.51 24.84
N ASP D 55 22.10 9.77 24.17
CA ASP D 55 21.70 8.84 23.12
C ASP D 55 21.68 7.42 23.68
N VAL D 56 20.50 6.83 23.73
CA VAL D 56 20.31 5.46 24.22
C VAL D 56 19.56 4.65 23.16
N GLY D 57 19.84 4.93 21.88
CA GLY D 57 19.19 4.18 20.81
C GLY D 57 19.56 2.72 20.82
N PHE D 58 18.69 1.92 20.22
CA PHE D 58 18.95 0.49 20.01
C PHE D 58 19.15 -0.27 21.34
N ASN D 59 18.12 -0.23 22.18
CA ASN D 59 18.13 -0.95 23.45
C ASN D 59 16.75 -1.54 23.69
N THR D 60 16.56 -2.20 24.83
CA THR D 60 15.29 -2.82 25.21
C THR D 60 14.48 -1.95 26.18
N ILE D 61 14.64 -0.62 26.13
CA ILE D 61 13.99 0.25 27.10
C ILE D 61 12.49 0.24 26.91
N SER D 62 11.76 -0.02 28.01
CA SER D 62 10.30 -0.18 28.01
C SER D 62 9.57 1.06 28.51
N LYS D 63 10.08 1.75 29.52
CA LYS D 63 9.52 3.03 29.95
C LYS D 63 10.56 3.82 30.73
N LEU D 64 10.31 5.13 30.83
CA LEU D 64 11.15 6.06 31.57
C LEU D 64 10.43 6.50 32.83
N GLU D 65 11.13 6.42 33.94
CA GLU D 65 10.63 7.02 35.16
C GLU D 65 10.80 8.53 35.09
N PRO D 66 9.86 9.31 35.62
CA PRO D 66 9.97 10.78 35.54
C PRO D 66 11.28 11.31 36.05
N GLU D 67 11.77 10.72 37.15
CA GLU D 67 12.93 11.24 37.87
C GLU D 67 14.18 11.29 37.01
N LEU D 68 14.29 10.41 36.01
CA LEU D 68 15.43 10.43 35.08
C LEU D 68 15.65 11.80 34.48
N CYS D 69 14.58 12.46 34.02
CA CYS D 69 14.72 13.80 33.49
C CYS D 69 15.20 14.76 34.55
N GLN D 70 14.64 14.68 35.77
CA GLN D 70 14.99 15.66 36.79
C GLN D 70 16.47 15.63 37.11
N LYS D 71 17.11 14.45 37.01
CA LYS D 71 18.52 14.31 37.36
C LYS D 71 19.45 14.92 36.32
N LEU D 72 18.96 15.16 35.11
CA LEU D 72 19.72 15.75 33.99
C LEU D 72 18.94 16.98 33.60
N PRO D 73 19.25 18.14 34.17
CA PRO D 73 18.38 19.32 33.97
C PRO D 73 18.89 20.17 32.82
N MET D 74 19.98 19.71 32.22
CA MET D 74 20.57 20.35 31.06
C MET D 74 20.31 19.56 29.80
N LEU D 75 19.61 18.44 29.89
CA LEU D 75 19.42 17.60 28.74
C LEU D 75 18.66 18.35 27.66
N LYS D 76 19.30 18.58 26.51
CA LYS D 76 18.67 19.25 25.38
C LYS D 76 18.33 18.31 24.24
N VAL D 77 19.06 17.20 24.11
CA VAL D 77 18.82 16.23 23.05
C VAL D 77 18.71 14.83 23.63
N LEU D 78 17.53 14.24 23.50
CA LEU D 78 17.24 12.90 23.96
C LEU D 78 16.85 12.04 22.76
N ASN D 79 17.55 10.93 22.58
CA ASN D 79 17.35 10.03 21.44
C ASN D 79 17.02 8.65 22.00
N LEU D 80 15.75 8.26 21.94
CA LEU D 80 15.32 6.95 22.43
C LEU D 80 14.91 6.04 21.29
N GLN D 81 15.51 6.20 20.12
CA GLN D 81 15.03 5.50 18.94
C GLN D 81 15.33 4.00 19.04
N HIS D 82 14.46 3.22 18.39
CA HIS D 82 14.62 1.77 18.26
C HIS D 82 14.75 1.11 19.64
N ASN D 83 13.70 1.31 20.43
CA ASN D 83 13.57 0.74 21.77
C ASN D 83 12.21 0.08 21.88
N GLU D 84 11.88 -0.39 23.07
CA GLU D 84 10.56 -0.97 23.30
C GLU D 84 9.61 -0.01 24.02
N LEU D 85 9.82 1.30 23.89
CA LEU D 85 9.05 2.33 24.58
C LEU D 85 7.74 2.59 23.81
N SER D 86 6.65 1.94 24.22
CA SER D 86 5.41 1.97 23.44
C SER D 86 4.21 2.64 24.12
N GLN D 87 4.24 2.86 25.44
CA GLN D 87 3.22 3.57 26.19
C GLN D 87 3.83 4.89 26.66
N LEU D 88 3.25 6.00 26.23
CA LEU D 88 3.70 7.31 26.68
C LEU D 88 2.70 7.84 27.69
N SER D 89 3.17 8.21 28.88
CA SER D 89 2.30 8.80 29.89
C SER D 89 2.57 10.30 30.00
N ASP D 90 1.71 10.99 30.74
CA ASP D 90 1.93 12.41 30.92
C ASP D 90 3.17 12.73 31.76
N LYS D 91 3.82 11.70 32.32
CA LYS D 91 5.02 11.87 33.15
C LYS D 91 6.29 11.36 32.49
N THR D 92 6.21 10.73 31.32
CA THR D 92 7.41 10.14 30.72
C THR D 92 8.42 11.22 30.35
N PHE D 93 7.97 12.37 29.84
CA PHE D 93 8.90 13.44 29.50
C PHE D 93 8.63 14.72 30.26
N ALA D 94 7.73 14.71 31.25
CA ALA D 94 7.23 15.95 31.81
C ALA D 94 8.33 16.82 32.44
N PHE D 95 9.45 16.24 32.90
CA PHE D 95 10.49 17.04 33.55
C PHE D 95 11.65 17.38 32.61
N CYS D 96 11.61 16.86 31.40
CA CYS D 96 12.59 17.20 30.37
C CYS D 96 12.10 18.44 29.64
N THR D 97 12.20 19.58 30.31
CA THR D 97 11.69 20.83 29.74
C THR D 97 12.68 21.44 28.77
N ASN D 98 13.97 21.34 29.06
CA ASN D 98 15.03 21.89 28.22
C ASN D 98 15.24 21.08 26.95
N LEU D 99 14.55 19.95 26.77
CA LEU D 99 14.65 19.21 25.52
C LEU D 99 14.36 20.09 24.31
N THR D 100 15.18 19.95 23.26
CA THR D 100 14.86 20.50 21.95
C THR D 100 14.78 19.46 20.85
N GLU D 101 15.25 18.24 21.08
CA GLU D 101 15.10 17.15 20.12
C GLU D 101 14.61 15.92 20.87
N LEU D 102 13.55 15.31 20.38
CA LEU D 102 13.05 14.05 20.94
C LEU D 102 12.95 13.05 19.78
N HIS D 103 13.78 12.02 19.82
CA HIS D 103 13.87 11.03 18.75
C HIS D 103 13.26 9.74 19.25
N LEU D 104 12.08 9.40 18.73
CA LEU D 104 11.32 8.26 19.22
C LEU D 104 10.98 7.29 18.09
N MET D 105 11.86 7.17 17.11
CA MET D 105 11.56 6.31 15.98
C MET D 105 11.58 4.83 16.36
N SER D 106 10.70 4.06 15.74
CA SER D 106 10.74 2.60 15.76
C SER D 106 10.46 2.01 17.16
N ASN D 107 9.38 2.44 17.81
CA ASN D 107 9.10 1.96 19.16
C ASN D 107 7.75 1.25 19.31
N SER D 108 7.14 0.74 18.24
CA SER D 108 5.85 0.03 18.33
C SER D 108 4.76 0.87 19.00
N ILE D 109 4.87 2.20 18.94
CA ILE D 109 3.86 3.10 19.51
C ILE D 109 2.62 3.10 18.62
N GLN D 110 1.54 2.46 19.08
CA GLN D 110 0.32 2.35 18.29
C GLN D 110 -0.61 3.56 18.45
N LYS D 111 -0.65 4.18 19.62
CA LYS D 111 -1.46 5.37 19.84
C LYS D 111 -0.82 6.20 20.95
N ILE D 112 -1.12 7.50 20.91
CA ILE D 112 -0.62 8.46 21.88
C ILE D 112 -1.81 9.03 22.63
N LYS D 113 -1.71 9.02 23.96
CA LYS D 113 -2.93 9.16 24.79
C LYS D 113 -3.31 10.59 25.15
N ASN D 114 -2.52 11.25 26.01
CA ASN D 114 -3.14 12.41 26.63
C ASN D 114 -2.44 13.68 26.25
N ASN D 115 -1.33 13.95 26.91
CA ASN D 115 -0.51 15.12 26.66
C ASN D 115 0.89 14.82 27.15
N PRO D 116 1.60 13.90 26.48
CA PRO D 116 2.96 13.55 26.91
C PRO D 116 3.96 14.66 26.69
N PHE D 117 3.72 15.49 25.66
CA PHE D 117 4.64 16.51 25.16
C PHE D 117 4.27 17.92 25.57
N VAL D 118 3.17 18.08 26.31
CA VAL D 118 2.70 19.39 26.69
C VAL D 118 3.72 20.12 27.55
N LYS D 119 4.67 19.41 28.13
CA LYS D 119 5.67 20.07 28.96
C LYS D 119 6.90 20.54 28.18
N GLN D 120 7.19 19.95 27.01
CA GLN D 120 8.41 20.21 26.22
C GLN D 120 8.25 21.47 25.38
N LYS D 121 8.26 22.62 26.07
CA LYS D 121 8.02 23.92 25.44
C LYS D 121 9.19 24.37 24.58
N ASN D 122 10.37 23.88 24.88
CA ASN D 122 11.56 24.18 24.11
C ASN D 122 11.74 23.22 22.93
N LEU D 123 10.86 22.22 22.77
CA LEU D 123 11.10 21.21 21.75
C LEU D 123 11.07 21.85 20.37
N ILE D 124 12.07 21.53 19.58
CA ILE D 124 12.12 21.96 18.20
C ILE D 124 11.79 20.82 17.24
N THR D 125 12.18 19.59 17.57
CA THR D 125 12.09 18.46 16.67
C THR D 125 11.52 17.25 17.42
N LEU D 126 10.49 16.65 16.85
CA LEU D 126 9.90 15.45 17.39
C LEU D 126 9.82 14.46 16.25
N ASP D 127 10.40 13.30 16.43
CA ASP D 127 10.40 12.29 15.38
C ASP D 127 9.66 11.08 15.92
N LEU D 128 8.49 10.80 15.35
CA LEU D 128 7.67 9.65 15.72
C LEU D 128 7.45 8.71 14.53
N SER D 129 8.47 8.59 13.68
CA SER D 129 8.41 7.82 12.45
C SER D 129 8.70 6.34 12.71
N HIS D 130 8.18 5.50 11.83
CA HIS D 130 8.24 4.04 12.02
C HIS D 130 7.58 3.65 13.35
N ASN D 131 6.39 4.21 13.60
CA ASN D 131 5.53 3.77 14.69
C ASN D 131 4.12 3.56 14.13
N GLY D 132 3.35 2.71 14.80
CA GLY D 132 2.05 2.31 14.30
C GLY D 132 0.93 3.34 14.40
N LEU D 133 1.31 4.62 14.46
CA LEU D 133 0.34 5.71 14.66
C LEU D 133 -0.73 5.74 13.57
N SER D 134 -1.99 5.69 13.99
CA SER D 134 -3.12 5.76 13.07
C SER D 134 -3.66 7.17 12.91
N SER D 135 -3.06 8.14 13.58
CA SER D 135 -3.57 9.50 13.55
C SER D 135 -2.47 10.43 14.01
N THR D 136 -2.60 11.70 13.63
CA THR D 136 -1.65 12.75 13.98
C THR D 136 -1.93 13.37 15.34
N LYS D 137 -2.79 12.74 16.14
CA LYS D 137 -3.23 13.31 17.42
C LYS D 137 -2.12 13.13 18.44
N LEU D 138 -1.55 14.23 18.89
CA LEU D 138 -0.52 14.20 19.91
C LEU D 138 -0.91 14.94 21.18
N GLY D 139 -2.05 15.64 21.19
CA GLY D 139 -2.46 16.34 22.40
C GLY D 139 -3.94 16.58 22.43
N THR D 140 -4.39 17.05 23.60
CA THR D 140 -5.76 17.45 23.85
C THR D 140 -5.90 18.97 24.04
N GLN D 141 -4.84 19.72 23.72
CA GLN D 141 -4.76 21.16 23.86
C GLN D 141 -3.65 21.65 22.93
N VAL D 142 -3.54 22.97 22.75
CA VAL D 142 -2.47 23.53 21.89
C VAL D 142 -1.16 23.51 22.66
N GLN D 143 -0.17 22.82 22.13
CA GLN D 143 1.13 22.78 22.77
C GLN D 143 2.19 22.88 21.69
N LEU D 144 3.46 22.70 22.09
CA LEU D 144 4.56 22.59 21.14
C LEU D 144 4.60 23.78 20.19
N GLU D 145 4.32 24.99 20.71
CA GLU D 145 4.31 26.16 19.85
C GLU D 145 5.68 26.48 19.27
N ASN D 146 6.75 25.90 19.81
CA ASN D 146 8.08 26.08 19.27
C ASN D 146 8.48 25.01 18.27
N LEU D 147 7.66 23.99 18.07
CA LEU D 147 8.07 22.88 17.20
C LEU D 147 8.22 23.37 15.78
N GLN D 148 9.34 23.03 15.16
CA GLN D 148 9.61 23.36 13.77
C GLN D 148 9.57 22.15 12.84
N GLU D 149 9.94 20.97 13.34
CA GLU D 149 10.01 19.73 12.57
C GLU D 149 9.16 18.68 13.25
N LEU D 150 8.02 18.35 12.65
CA LEU D 150 7.18 17.24 13.11
C LEU D 150 7.35 16.11 12.12
N LEU D 151 7.92 15.01 12.56
CA LEU D 151 8.25 13.88 11.70
C LEU D 151 7.35 12.72 12.05
N LEU D 152 6.50 12.32 11.10
CA LEU D 152 5.59 11.19 11.29
C LEU D 152 5.64 10.21 10.13
N SER D 153 6.71 10.20 9.35
CA SER D 153 6.72 9.31 8.20
C SER D 153 6.62 7.85 8.64
N ASN D 154 6.20 6.99 7.71
CA ASN D 154 6.17 5.54 7.87
C ASN D 154 5.14 5.09 8.88
N ASN D 155 4.00 5.76 8.96
CA ASN D 155 2.97 5.40 9.92
C ASN D 155 1.69 5.03 9.19
N LYS D 156 0.73 4.51 9.93
CA LYS D 156 -0.54 4.10 9.35
C LYS D 156 -1.55 5.24 9.27
N ILE D 157 -1.07 6.49 9.29
CA ILE D 157 -1.92 7.68 9.24
C ILE D 157 -2.63 7.77 7.90
N GLN D 158 -3.96 7.61 7.89
CA GLN D 158 -4.71 7.73 6.65
C GLN D 158 -5.69 8.90 6.60
N ALA D 159 -5.56 9.88 7.50
CA ALA D 159 -6.31 11.10 7.30
C ALA D 159 -5.56 12.27 7.89
N LEU D 160 -5.76 13.43 7.30
CA LEU D 160 -5.31 14.68 7.90
C LEU D 160 -6.57 15.47 8.28
N LYS D 161 -6.79 15.62 9.59
CA LYS D 161 -8.01 16.23 10.12
C LYS D 161 -7.67 17.42 11.02
N SER D 162 -8.33 18.56 10.76
CA SER D 162 -7.97 19.78 11.48
C SER D 162 -8.10 19.63 12.98
N GLU D 163 -8.94 18.70 13.44
CA GLU D 163 -9.19 18.36 14.85
C GLU D 163 -8.00 17.72 15.55
N GLU D 164 -6.99 17.28 14.80
CA GLU D 164 -5.79 16.67 15.35
C GLU D 164 -4.56 17.53 15.19
N LEU D 165 -4.49 18.34 14.11
CA LEU D 165 -3.37 19.23 13.86
C LEU D 165 -3.53 20.61 14.46
N ASP D 166 -4.75 21.01 14.85
CA ASP D 166 -4.92 22.35 15.37
C ASP D 166 -4.24 22.54 16.72
N ILE D 167 -3.71 21.47 17.31
CA ILE D 167 -2.92 21.63 18.52
C ILE D 167 -1.59 22.31 18.22
N PHE D 168 -1.27 22.47 16.94
CA PHE D 168 -0.10 23.19 16.49
C PHE D 168 -0.45 24.58 15.99
N ALA D 169 -1.63 25.08 16.34
CA ALA D 169 -2.09 26.36 15.83
C ALA D 169 -1.26 27.54 16.30
N ASN D 170 -0.29 27.32 17.20
CA ASN D 170 0.66 28.33 17.62
C ASN D 170 2.09 28.03 17.14
N SER D 171 2.26 27.05 16.24
CA SER D 171 3.56 26.55 15.83
C SER D 171 3.88 26.94 14.39
N SER D 172 5.16 27.16 14.10
CA SER D 172 5.62 27.43 12.73
C SER D 172 6.44 26.21 12.29
N LEU D 173 5.77 25.29 11.62
CA LEU D 173 6.38 24.04 11.18
C LEU D 173 7.18 24.31 9.90
N LYS D 174 8.52 24.30 9.99
CA LYS D 174 9.31 24.33 8.78
C LYS D 174 9.19 23.01 8.03
N LYS D 175 9.07 21.91 8.77
CA LYS D 175 9.00 20.57 8.21
C LYS D 175 7.86 19.79 8.87
N LEU D 176 6.99 19.22 8.03
CA LEU D 176 5.94 18.31 8.47
C LEU D 176 6.10 17.06 7.60
N GLU D 177 6.87 16.11 8.09
CA GLU D 177 7.24 14.92 7.33
C GLU D 177 6.12 13.88 7.50
N LEU D 178 5.32 13.71 6.45
CA LEU D 178 4.21 12.76 6.44
C LEU D 178 4.33 11.73 5.32
N SER D 179 5.55 11.41 4.90
CA SER D 179 5.76 10.46 3.81
C SER D 179 5.62 9.02 4.27
N SER D 180 5.58 8.10 3.30
CA SER D 180 5.37 6.68 3.56
C SER D 180 4.17 6.47 4.47
N ASN D 181 3.22 7.38 4.39
CA ASN D 181 1.94 7.22 5.04
C ASN D 181 0.90 7.02 3.96
N GLN D 182 -0.12 6.25 4.26
CA GLN D 182 -1.18 6.05 3.28
C GLN D 182 -2.28 7.02 3.63
N ILE D 183 -2.17 8.24 3.12
CA ILE D 183 -3.23 9.21 3.35
C ILE D 183 -4.26 8.99 2.25
N LYS D 184 -5.52 9.08 2.62
CA LYS D 184 -6.58 8.97 1.63
C LYS D 184 -7.57 10.12 1.68
N GLU D 185 -7.49 11.00 2.67
CA GLU D 185 -8.40 12.13 2.76
C GLU D 185 -7.67 13.31 3.40
N PHE D 186 -7.86 14.47 2.81
CA PHE D 186 -7.40 15.74 3.36
C PHE D 186 -8.68 16.49 3.70
N SER D 187 -9.23 16.23 4.93
CA SER D 187 -10.48 16.82 5.37
C SER D 187 -10.30 18.32 5.58
N PRO D 188 -11.31 19.13 5.22
CA PRO D 188 -11.08 20.58 5.07
C PRO D 188 -10.53 21.26 6.32
N GLY D 189 -9.85 22.38 6.08
CA GLY D 189 -9.17 23.11 7.11
C GLY D 189 -7.90 22.47 7.64
N CYS D 190 -7.64 21.20 7.28
CA CYS D 190 -6.63 20.42 7.98
C CYS D 190 -5.26 21.09 8.02
N PHE D 191 -4.94 21.92 7.02
CA PHE D 191 -3.64 22.57 7.02
C PHE D 191 -3.66 23.96 7.66
N HIS D 192 -4.80 24.68 7.63
CA HIS D 192 -4.83 25.94 8.36
C HIS D 192 -4.91 25.71 9.87
N ALA D 193 -5.17 24.48 10.28
CA ALA D 193 -5.03 24.11 11.69
C ALA D 193 -3.65 24.50 12.19
N ILE D 194 -2.63 24.35 11.34
CA ILE D 194 -1.25 24.71 11.67
C ILE D 194 -1.06 26.22 11.56
N GLY D 195 -0.39 26.81 12.56
CA GLY D 195 -0.21 28.25 12.58
C GLY D 195 0.50 28.76 11.34
N ARG D 196 1.58 28.07 10.96
CA ARG D 196 2.31 28.35 9.74
C ARG D 196 2.86 27.01 9.29
N LEU D 197 2.63 26.67 8.03
CA LEU D 197 3.12 25.42 7.44
C LEU D 197 4.02 25.79 6.26
N PHE D 198 5.32 25.58 6.41
CA PHE D 198 6.29 25.97 5.39
C PHE D 198 6.66 24.82 4.44
N GLY D 199 6.96 23.65 4.99
CA GLY D 199 7.31 22.51 4.16
C GLY D 199 6.45 21.32 4.48
N LEU D 200 5.89 20.70 3.46
CA LEU D 200 5.11 19.48 3.58
C LEU D 200 5.76 18.41 2.74
N PHE D 201 5.86 17.21 3.30
CA PHE D 201 6.53 16.10 2.63
C PHE D 201 5.56 14.94 2.56
N LEU D 202 5.23 14.54 1.34
CA LEU D 202 4.37 13.41 1.05
C LEU D 202 5.07 12.64 -0.07
N ASN D 203 6.03 11.81 0.30
CA ASN D 203 6.72 10.94 -0.64
C ASN D 203 6.30 9.52 -0.35
N ASN D 204 6.37 8.64 -1.36
CA ASN D 204 5.91 7.26 -1.23
C ASN D 204 4.46 7.21 -0.74
N VAL D 205 3.81 8.37 -0.69
CA VAL D 205 2.39 8.46 -0.42
C VAL D 205 1.71 8.21 -1.76
N GLN D 206 1.07 7.07 -1.89
CA GLN D 206 0.34 6.70 -3.09
C GLN D 206 -0.83 7.68 -3.17
N LEU D 207 -0.77 8.67 -4.07
CA LEU D 207 -1.80 9.71 -4.06
C LEU D 207 -2.62 9.78 -5.34
N GLY D 208 -2.02 10.08 -6.49
CA GLY D 208 -2.79 10.17 -7.70
C GLY D 208 -3.32 11.55 -8.08
N PRO D 209 -3.62 11.71 -9.38
CA PRO D 209 -3.83 13.06 -9.95
C PRO D 209 -4.98 13.86 -9.37
N SER D 210 -6.15 13.24 -9.15
CA SER D 210 -7.29 14.00 -8.63
C SER D 210 -7.15 14.22 -7.14
N LEU D 211 -6.72 13.19 -6.41
CA LEU D 211 -6.45 13.33 -4.98
C LEU D 211 -5.42 14.43 -4.73
N THR D 212 -4.34 14.42 -5.53
CA THR D 212 -3.33 15.47 -5.47
C THR D 212 -3.94 16.84 -5.68
N GLU D 213 -4.92 16.92 -6.59
CA GLU D 213 -5.58 18.20 -6.83
C GLU D 213 -6.21 18.76 -5.56
N LYS D 214 -6.96 17.91 -4.83
CA LYS D 214 -7.60 18.36 -3.60
C LYS D 214 -6.57 18.83 -2.58
N LEU D 215 -5.51 18.04 -2.40
CA LEU D 215 -4.44 18.41 -1.49
C LEU D 215 -3.95 19.84 -1.74
N CYS D 216 -3.88 20.25 -3.01
CA CYS D 216 -3.43 21.60 -3.31
C CYS D 216 -4.47 22.67 -2.94
N LEU D 217 -5.77 22.38 -3.09
CA LEU D 217 -6.79 23.32 -2.62
C LEU D 217 -6.73 23.49 -1.11
N GLU D 218 -6.51 22.38 -0.39
CA GLU D 218 -6.36 22.48 1.06
C GLU D 218 -5.12 23.29 1.45
N LEU D 219 -4.04 23.20 0.67
CA LEU D 219 -2.82 23.97 0.89
C LEU D 219 -2.95 25.43 0.45
N ALA D 220 -4.05 25.81 -0.18
CA ALA D 220 -4.22 27.19 -0.61
C ALA D 220 -4.29 28.15 0.56
N ASN D 221 -3.66 29.32 0.39
CA ASN D 221 -3.56 30.34 1.44
C ASN D 221 -2.92 29.78 2.69
N THR D 222 -1.81 29.09 2.51
CA THR D 222 -0.97 28.64 3.61
C THR D 222 0.43 29.13 3.34
N SER D 223 1.26 29.19 4.37
CA SER D 223 2.61 29.67 4.17
C SER D 223 3.51 28.65 3.48
N ILE D 224 2.93 27.67 2.78
CA ILE D 224 3.70 26.59 2.19
C ILE D 224 4.70 27.14 1.21
N ARG D 225 5.93 26.64 1.28
CA ARG D 225 7.02 27.06 0.42
C ARG D 225 7.70 25.86 -0.22
N ASN D 226 7.73 24.74 0.48
CA ASN D 226 8.40 23.53 0.02
C ASN D 226 7.37 22.40 -0.01
N LEU D 227 7.13 21.83 -1.19
CA LEU D 227 6.17 20.74 -1.35
C LEU D 227 6.85 19.61 -2.13
N SER D 228 6.78 18.40 -1.57
CA SER D 228 7.58 17.28 -2.05
C SER D 228 6.68 16.07 -2.24
N LEU D 229 6.35 15.78 -3.49
CA LEU D 229 5.47 14.68 -3.85
C LEU D 229 6.22 13.61 -4.64
N SER D 230 7.47 13.35 -4.29
CA SER D 230 8.22 12.32 -5.00
C SER D 230 7.60 10.94 -4.77
N ASN D 231 7.44 10.17 -5.84
CA ASN D 231 6.83 8.84 -5.79
C ASN D 231 5.38 8.88 -5.28
N SER D 232 4.65 9.92 -5.68
CA SER D 232 3.24 10.05 -5.38
C SER D 232 2.35 9.26 -6.35
N GLN D 233 2.93 8.48 -7.26
CA GLN D 233 2.17 7.80 -8.32
C GLN D 233 1.36 8.78 -9.15
N LEU D 234 1.97 9.91 -9.49
CA LEU D 234 1.38 10.92 -10.36
C LEU D 234 1.51 10.46 -11.82
N SER D 235 0.49 9.79 -12.33
CA SER D 235 0.55 9.32 -13.72
C SER D 235 0.71 10.48 -14.69
N THR D 236 -0.11 11.53 -14.54
CA THR D 236 -0.07 12.72 -15.40
C THR D 236 -0.34 13.97 -14.57
N THR D 237 -0.32 15.13 -15.24
CA THR D 237 -0.73 16.39 -14.65
C THR D 237 -1.59 17.14 -15.64
N SER D 238 -2.31 18.14 -15.14
CA SER D 238 -3.14 18.99 -15.99
C SER D 238 -3.15 20.40 -15.43
N ASN D 239 -3.73 21.29 -16.23
CA ASN D 239 -3.91 22.67 -15.80
C ASN D 239 -4.66 22.76 -14.48
N THR D 240 -5.37 21.69 -14.09
CA THR D 240 -6.22 21.69 -12.91
C THR D 240 -5.54 21.19 -11.65
N THR D 241 -4.46 20.44 -11.80
CA THR D 241 -3.91 19.75 -10.65
C THR D 241 -3.38 20.73 -9.61
N PHE D 242 -2.34 21.46 -9.97
CA PHE D 242 -1.71 22.39 -9.03
C PHE D 242 -2.46 23.72 -8.93
N LEU D 243 -3.79 23.60 -8.95
CA LEU D 243 -4.71 24.73 -8.96
C LEU D 243 -4.70 25.50 -7.64
N GLY D 244 -4.93 24.80 -6.53
CA GLY D 244 -4.94 25.48 -5.25
C GLY D 244 -3.62 26.17 -4.97
N LEU D 245 -2.52 25.62 -5.48
CA LEU D 245 -1.21 26.21 -5.29
C LEU D 245 -1.09 27.60 -5.88
N LYS D 246 -2.03 28.01 -6.74
CA LYS D 246 -2.08 29.39 -7.22
C LYS D 246 -2.02 30.38 -6.07
N TRP D 247 -2.78 30.13 -5.01
CA TRP D 247 -2.85 31.03 -3.87
C TRP D 247 -1.73 30.76 -2.88
N THR D 248 -0.57 30.36 -3.37
CA THR D 248 0.59 30.10 -2.54
C THR D 248 1.79 30.84 -3.12
N ASN D 249 2.84 30.91 -2.32
CA ASN D 249 4.12 31.40 -2.79
C ASN D 249 5.13 30.27 -2.80
N LEU D 250 4.69 29.10 -3.26
CA LEU D 250 5.52 27.90 -3.32
C LEU D 250 6.73 28.12 -4.19
N THR D 251 7.91 27.83 -3.63
CA THR D 251 9.21 28.01 -4.27
C THR D 251 10.00 26.73 -4.53
N MET D 252 9.50 25.58 -4.08
CA MET D 252 10.14 24.28 -4.30
C MET D 252 9.06 23.22 -4.49
N LEU D 253 9.13 22.49 -5.60
CA LEU D 253 8.18 21.43 -5.90
C LEU D 253 8.96 20.24 -6.45
N ASP D 254 8.90 19.12 -5.74
CA ASP D 254 9.53 17.88 -6.18
C ASP D 254 8.45 16.97 -6.74
N LEU D 255 8.59 16.59 -7.99
CA LEU D 255 7.71 15.58 -8.59
C LEU D 255 8.54 14.44 -9.15
N SER D 256 9.67 14.14 -8.52
CA SER D 256 10.55 13.10 -9.04
C SER D 256 9.94 11.72 -8.81
N TYR D 257 10.39 10.76 -9.61
CA TYR D 257 10.08 9.34 -9.39
C TYR D 257 8.59 9.06 -9.45
N ASN D 258 7.91 9.67 -10.42
CA ASN D 258 6.45 9.57 -10.49
C ASN D 258 5.92 8.86 -11.74
N ASN D 259 6.79 8.24 -12.55
CA ASN D 259 6.39 7.66 -13.83
C ASN D 259 5.54 8.64 -14.62
N LEU D 260 5.77 9.92 -14.35
CA LEU D 260 5.03 11.01 -14.94
C LEU D 260 5.09 10.89 -16.46
N ASN D 261 3.95 10.55 -17.08
CA ASN D 261 3.86 10.16 -18.49
C ASN D 261 3.46 11.30 -19.41
N VAL D 262 2.62 12.21 -18.92
CA VAL D 262 2.10 13.34 -19.67
C VAL D 262 2.14 14.57 -18.79
N VAL D 263 2.68 15.67 -19.31
CA VAL D 263 2.60 16.97 -18.65
C VAL D 263 1.76 17.87 -19.53
N GLY D 264 0.48 18.04 -19.15
CA GLY D 264 -0.42 18.93 -19.86
C GLY D 264 0.01 20.39 -19.79
N ASN D 265 -0.65 21.20 -20.59
CA ASN D 265 -0.28 22.60 -20.69
C ASN D 265 -0.74 23.40 -19.47
N ASP D 266 0.04 24.41 -19.12
CA ASP D 266 -0.24 25.25 -17.96
C ASP D 266 -0.34 24.42 -16.69
N SER D 267 0.13 23.15 -16.72
CA SER D 267 0.10 22.34 -15.52
C SER D 267 0.65 23.10 -14.34
N PHE D 268 1.75 23.82 -14.57
CA PHE D 268 2.41 24.57 -13.52
C PHE D 268 2.28 26.07 -13.69
N ALA D 269 1.29 26.53 -14.47
CA ALA D 269 1.12 27.98 -14.65
C ALA D 269 0.84 28.69 -13.33
N TRP D 270 0.19 28.01 -12.40
CA TRP D 270 -0.19 28.58 -11.12
C TRP D 270 0.97 28.79 -10.17
N LEU D 271 2.19 28.50 -10.59
CA LEU D 271 3.35 28.56 -9.70
C LEU D 271 4.29 29.58 -10.27
N PRO D 272 4.05 30.87 -10.06
CA PRO D 272 4.93 31.83 -10.72
C PRO D 272 6.03 32.26 -9.78
N GLN D 273 5.98 31.73 -8.55
CA GLN D 273 7.00 31.96 -7.56
C GLN D 273 7.93 30.78 -7.41
N LEU D 274 7.64 29.68 -8.10
CA LEU D 274 8.51 28.51 -8.00
C LEU D 274 9.93 28.89 -8.39
N GLU D 275 10.91 28.45 -7.59
CA GLU D 275 12.30 28.66 -7.93
C GLU D 275 13.10 27.39 -8.14
N TYR D 276 12.65 26.26 -7.59
CA TYR D 276 13.38 24.99 -7.69
C TYR D 276 12.38 23.92 -8.07
N PHE D 277 12.63 23.26 -9.17
CA PHE D 277 11.73 22.28 -9.74
C PHE D 277 12.51 20.97 -9.93
N PHE D 278 12.04 19.92 -9.31
CA PHE D 278 12.70 18.62 -9.37
C PHE D 278 11.77 17.65 -10.09
N LEU D 279 12.05 17.41 -11.38
CA LEU D 279 11.24 16.53 -12.21
C LEU D 279 11.96 15.24 -12.62
N GLU D 280 13.10 14.92 -12.01
CA GLU D 280 13.92 13.79 -12.46
C GLU D 280 13.23 12.42 -12.31
N TYR D 281 13.71 11.46 -13.08
CA TYR D 281 13.30 10.05 -12.99
C TYR D 281 11.81 9.84 -13.27
N ASN D 282 11.36 10.35 -14.42
CA ASN D 282 9.99 10.17 -14.90
C ASN D 282 9.98 9.56 -16.32
N ASN D 283 8.76 9.43 -16.89
CA ASN D 283 8.54 8.78 -18.17
C ASN D 283 7.82 9.71 -19.17
N ILE D 284 8.08 11.01 -19.06
CA ILE D 284 7.47 11.97 -19.96
C ILE D 284 7.70 11.57 -21.42
N GLN D 285 6.61 11.52 -22.19
CA GLN D 285 6.56 11.09 -23.59
C GLN D 285 6.85 12.24 -24.55
N HIS D 286 6.23 13.39 -24.30
CA HIS D 286 6.25 14.50 -25.22
C HIS D 286 6.11 15.76 -24.37
N LEU D 287 7.13 16.60 -24.37
CA LEU D 287 7.08 17.85 -23.60
C LEU D 287 6.50 18.91 -24.52
N PHE D 288 5.22 19.21 -24.35
CA PHE D 288 4.50 20.11 -25.25
C PHE D 288 4.97 21.55 -25.20
N SER D 289 4.42 22.39 -26.07
CA SER D 289 4.88 23.77 -26.05
C SER D 289 4.63 24.42 -24.68
N HIS D 290 3.38 24.43 -24.23
CA HIS D 290 3.06 25.20 -23.03
C HIS D 290 3.20 24.42 -21.72
N SER D 291 3.86 23.25 -21.74
CA SER D 291 3.97 22.43 -20.53
C SER D 291 4.64 23.17 -19.37
N LEU D 292 5.68 23.94 -19.64
CA LEU D 292 6.34 24.69 -18.59
C LEU D 292 5.90 26.15 -18.57
N HIS D 293 4.76 26.46 -19.18
CA HIS D 293 4.26 27.83 -19.19
C HIS D 293 3.93 28.28 -17.78
N GLY D 294 4.33 29.52 -17.48
CA GLY D 294 4.06 30.15 -16.21
C GLY D 294 5.23 30.17 -15.26
N LEU D 295 6.14 29.20 -15.38
CA LEU D 295 7.27 29.03 -14.46
C LEU D 295 8.39 30.05 -14.68
N PHE D 296 8.06 31.33 -14.73
CA PHE D 296 9.04 32.34 -15.14
C PHE D 296 9.99 32.76 -14.02
N ASN D 297 9.89 32.17 -12.85
CA ASN D 297 10.81 32.48 -11.77
C ASN D 297 11.72 31.33 -11.41
N VAL D 298 11.45 30.13 -11.92
CA VAL D 298 12.30 28.99 -11.68
C VAL D 298 13.72 29.29 -12.08
N ARG D 299 14.64 29.16 -11.15
CA ARG D 299 16.05 29.32 -11.43
C ARG D 299 16.81 28.01 -11.34
N TYR D 300 16.11 26.90 -11.19
CA TYR D 300 16.77 25.61 -11.17
C TYR D 300 15.77 24.55 -11.59
N LEU D 301 16.01 23.93 -12.74
CA LEU D 301 15.20 22.83 -13.24
C LEU D 301 16.08 21.60 -13.31
N ASN D 302 15.48 20.43 -13.15
CA ASN D 302 16.23 19.17 -13.18
C ASN D 302 15.44 18.13 -13.96
N LEU D 303 15.93 17.77 -15.15
CA LEU D 303 15.23 16.81 -16.00
C LEU D 303 16.01 15.51 -16.22
N LYS D 304 16.94 15.18 -15.32
CA LYS D 304 17.70 13.94 -15.43
C LYS D 304 16.79 12.71 -15.49
N ARG D 305 16.97 11.89 -16.53
CA ARG D 305 16.15 10.69 -16.74
C ARG D 305 14.64 10.98 -16.64
N SER D 306 14.27 12.21 -17.01
CA SER D 306 12.88 12.63 -16.91
C SER D 306 12.02 12.08 -18.04
N PHE D 307 12.59 11.89 -19.22
CA PHE D 307 11.84 11.53 -20.42
C PHE D 307 11.91 10.04 -20.69
N THR D 308 10.97 9.59 -21.51
CA THR D 308 10.85 8.16 -21.76
C THR D 308 12.05 7.66 -22.55
N LYS D 309 12.33 6.38 -22.38
CA LYS D 309 13.49 5.74 -22.99
C LYS D 309 13.06 5.06 -24.28
N GLN D 310 13.98 5.04 -25.23
CA GLN D 310 13.74 4.51 -26.57
C GLN D 310 13.27 3.06 -26.49
N SER D 311 12.06 2.78 -26.96
CA SER D 311 11.48 1.44 -26.92
C SER D 311 11.79 0.59 -28.13
N ILE D 312 12.85 0.88 -28.88
CA ILE D 312 13.23 0.28 -30.16
C ILE D 312 12.11 0.59 -31.14
N SER D 313 11.50 1.77 -31.06
CA SER D 313 10.44 2.04 -32.03
C SER D 313 11.14 3.17 -32.77
N LEU D 314 10.79 3.30 -34.06
CA LEU D 314 11.26 4.41 -34.87
C LEU D 314 11.15 5.72 -34.10
N ALA D 315 10.03 5.91 -33.39
CA ALA D 315 9.82 7.16 -32.66
C ALA D 315 9.27 6.92 -31.26
N SER D 316 9.58 5.79 -30.63
CA SER D 316 9.31 5.65 -29.20
C SER D 316 10.23 6.53 -28.38
N LEU D 317 11.13 7.26 -29.05
CA LEU D 317 11.92 8.28 -28.40
C LEU D 317 10.99 9.35 -27.86
N PRO D 318 11.45 10.12 -26.86
CA PRO D 318 10.67 11.28 -26.42
C PRO D 318 10.62 12.36 -27.48
N LYS D 319 9.99 13.48 -27.18
CA LYS D 319 9.88 14.53 -28.17
C LYS D 319 9.74 15.85 -27.43
N ILE D 320 10.66 16.77 -27.66
CA ILE D 320 10.63 18.08 -27.06
C ILE D 320 10.42 19.09 -28.17
N ASP D 321 9.31 19.83 -28.11
CA ASP D 321 9.03 20.88 -29.10
C ASP D 321 10.03 22.04 -28.97
N ASP D 322 10.21 22.78 -30.07
CA ASP D 322 11.01 23.99 -29.96
C ASP D 322 10.31 24.96 -29.01
N PHE D 323 11.10 25.85 -28.42
CA PHE D 323 10.61 26.90 -27.52
C PHE D 323 10.00 26.35 -26.24
N SER D 324 10.16 25.05 -25.97
CA SER D 324 9.55 24.46 -24.79
C SER D 324 10.07 25.09 -23.49
N PHE D 325 11.22 25.76 -23.55
CA PHE D 325 11.83 26.39 -22.38
C PHE D 325 11.77 27.90 -22.45
N GLN D 326 11.06 28.46 -23.43
CA GLN D 326 11.14 29.89 -23.64
C GLN D 326 10.54 30.70 -22.50
N TRP D 327 9.77 30.06 -21.59
CA TRP D 327 9.18 30.81 -20.49
C TRP D 327 10.06 30.88 -19.27
N LEU D 328 11.09 30.04 -19.16
CA LEU D 328 11.90 29.99 -17.96
C LEU D 328 12.97 31.06 -18.11
N LYS D 329 12.63 32.27 -17.67
CA LYS D 329 13.47 33.42 -17.96
C LYS D 329 14.60 33.52 -16.95
N CYS D 330 14.30 33.24 -15.69
CA CYS D 330 15.30 33.29 -14.65
C CYS D 330 16.06 31.99 -14.51
N LEU D 331 15.72 30.98 -15.33
CA LEU D 331 16.38 29.68 -15.24
C LEU D 331 17.89 29.81 -15.39
N GLU D 332 18.62 29.63 -14.27
CA GLU D 332 20.06 29.75 -14.25
C GLU D 332 20.77 28.43 -14.48
N HIS D 333 20.12 27.33 -14.12
CA HIS D 333 20.81 26.05 -14.01
C HIS D 333 19.85 24.97 -14.44
N LEU D 334 20.10 24.40 -15.62
CA LEU D 334 19.29 23.36 -16.23
C LEU D 334 20.10 22.06 -16.32
N ASN D 335 19.48 20.95 -15.93
CA ASN D 335 20.09 19.64 -15.98
C ASN D 335 19.20 18.72 -16.79
N MET D 336 19.75 18.15 -17.88
CA MET D 336 18.99 17.23 -18.71
C MET D 336 19.67 15.88 -18.89
N GLU D 337 20.61 15.54 -18.01
CA GLU D 337 21.48 14.41 -18.28
C GLU D 337 20.73 13.06 -18.25
N ASP D 338 21.38 12.07 -18.88
CA ASP D 338 20.90 10.70 -18.96
C ASP D 338 19.55 10.59 -19.69
N ASN D 339 19.51 10.96 -20.97
CA ASN D 339 18.22 10.89 -21.66
C ASN D 339 18.40 10.34 -23.07
N ASP D 340 17.29 10.38 -23.82
CA ASP D 340 17.16 9.91 -25.19
C ASP D 340 16.49 10.97 -26.05
N ILE D 341 16.78 12.24 -25.79
CA ILE D 341 16.32 13.26 -26.75
C ILE D 341 17.00 12.98 -28.08
N PRO D 342 16.28 12.91 -29.20
CA PRO D 342 16.93 12.61 -30.48
C PRO D 342 17.90 13.68 -30.94
N GLY D 343 17.69 14.94 -30.62
CA GLY D 343 18.66 15.95 -31.02
C GLY D 343 18.23 17.33 -30.59
N ILE D 344 19.17 18.27 -30.77
CA ILE D 344 18.91 19.67 -30.50
C ILE D 344 18.29 20.31 -31.73
N LYS D 345 17.06 20.80 -31.61
CA LYS D 345 16.43 21.54 -32.68
C LYS D 345 16.93 22.99 -32.66
N SER D 346 16.51 23.78 -33.66
CA SER D 346 17.12 25.09 -33.83
C SER D 346 16.65 26.11 -32.81
N ASN D 347 15.62 25.80 -32.03
CA ASN D 347 15.14 26.70 -31.00
C ASN D 347 14.95 25.99 -29.69
N MET D 348 15.60 24.84 -29.51
CA MET D 348 15.42 24.06 -28.29
C MET D 348 15.61 24.93 -27.05
N PHE D 349 16.68 25.71 -27.02
CA PHE D 349 16.99 26.52 -25.85
C PHE D 349 16.61 27.99 -25.99
N THR D 350 15.88 28.36 -27.04
CA THR D 350 15.50 29.76 -27.22
C THR D 350 14.71 30.25 -26.02
N GLY D 351 15.06 31.47 -25.57
CA GLY D 351 14.43 32.13 -24.46
C GLY D 351 15.07 31.95 -23.08
N LEU D 352 16.15 31.22 -22.94
CA LEU D 352 16.68 31.02 -21.59
C LEU D 352 17.78 32.05 -21.47
N ILE D 353 17.37 33.28 -21.12
CA ILE D 353 18.26 34.42 -21.15
C ILE D 353 19.16 34.49 -19.93
N ASN D 354 18.93 33.63 -18.94
CA ASN D 354 19.76 33.59 -17.74
C ASN D 354 20.46 32.27 -17.54
N LEU D 355 20.29 31.32 -18.44
CA LEU D 355 20.92 30.02 -18.32
C LEU D 355 22.43 30.18 -18.21
N LYS D 356 23.01 29.67 -17.12
CA LYS D 356 24.46 29.68 -16.91
C LYS D 356 25.08 28.30 -16.95
N TYR D 357 24.42 27.30 -16.38
CA TYR D 357 24.94 25.93 -16.35
C TYR D 357 23.96 25.05 -17.10
N LEU D 358 24.45 24.32 -18.10
CA LEU D 358 23.65 23.36 -18.84
C LEU D 358 24.42 22.06 -18.96
N SER D 359 23.91 20.99 -18.36
CA SER D 359 24.53 19.68 -18.44
C SER D 359 23.74 18.83 -19.42
N LEU D 360 24.40 18.39 -20.49
CA LEU D 360 23.72 17.58 -21.49
C LEU D 360 24.32 16.19 -21.60
N SER D 361 24.86 15.66 -20.50
CA SER D 361 25.52 14.35 -20.51
C SER D 361 24.56 13.23 -20.87
N ASN D 362 24.84 12.52 -21.95
CA ASN D 362 23.99 11.43 -22.41
C ASN D 362 22.55 11.90 -22.58
N SER D 363 22.36 13.23 -22.58
CA SER D 363 21.06 13.84 -22.84
C SER D 363 20.43 13.36 -24.14
N PHE D 364 21.23 12.85 -25.05
CA PHE D 364 20.77 12.50 -26.37
C PHE D 364 21.00 11.02 -26.64
N THR D 365 20.23 10.50 -27.60
CA THR D 365 20.54 9.24 -28.25
C THR D 365 21.94 9.40 -28.80
N SER D 366 22.09 10.35 -29.71
CA SER D 366 23.40 10.67 -30.23
C SER D 366 23.41 12.05 -30.88
N LEU D 367 24.43 12.83 -30.58
CA LEU D 367 24.69 14.07 -31.31
C LEU D 367 25.88 13.72 -32.19
N ARG D 368 25.64 13.38 -33.44
CA ARG D 368 26.71 12.76 -34.21
C ARG D 368 27.69 13.79 -34.71
N THR D 369 27.20 15.00 -34.99
CA THR D 369 28.02 16.05 -35.55
C THR D 369 27.55 17.38 -35.00
N LEU D 370 28.45 18.07 -34.31
CA LEU D 370 28.19 19.43 -33.87
C LEU D 370 28.52 20.35 -35.03
N THR D 371 27.57 21.20 -35.37
CA THR D 371 27.75 22.15 -36.46
C THR D 371 27.52 23.56 -35.94
N ASN D 372 27.77 24.53 -36.80
CA ASN D 372 27.48 25.91 -36.47
C ASN D 372 25.98 26.18 -36.35
N GLU D 373 25.15 25.19 -36.65
CA GLU D 373 23.73 25.32 -36.42
C GLU D 373 23.27 24.70 -35.11
N THR D 374 24.06 23.78 -34.55
CA THR D 374 23.57 22.97 -33.44
C THR D 374 23.17 23.81 -32.24
N PHE D 375 24.12 24.57 -31.70
CA PHE D 375 23.83 25.36 -30.50
C PHE D 375 23.43 26.80 -30.81
N VAL D 376 22.66 27.05 -31.87
CA VAL D 376 22.26 28.43 -32.14
C VAL D 376 21.22 28.90 -31.12
N SER D 377 20.35 28.00 -30.62
CA SER D 377 19.32 28.46 -29.68
C SER D 377 19.89 28.91 -28.34
N LEU D 378 21.17 28.68 -28.07
CA LEU D 378 21.78 29.17 -26.86
C LEU D 378 22.43 30.54 -27.04
N ALA D 379 22.26 31.17 -28.22
CA ALA D 379 23.02 32.35 -28.60
C ALA D 379 22.84 33.51 -27.64
N HIS D 380 21.69 33.56 -26.98
CA HIS D 380 21.36 34.67 -26.10
C HIS D 380 21.41 34.29 -24.64
N SER D 381 21.92 33.16 -24.31
CA SER D 381 22.09 32.87 -22.90
C SER D 381 23.52 33.20 -22.46
N PRO D 382 23.75 33.55 -21.17
CA PRO D 382 25.11 33.78 -20.67
C PRO D 382 25.78 32.49 -20.23
N LEU D 383 25.78 31.49 -21.11
CA LEU D 383 26.19 30.15 -20.72
C LEU D 383 27.67 30.14 -20.35
N HIS D 384 27.98 29.62 -19.16
CA HIS D 384 29.34 29.51 -18.66
C HIS D 384 29.86 28.09 -18.67
N ILE D 385 28.98 27.11 -18.38
CA ILE D 385 29.32 25.69 -18.28
C ILE D 385 28.43 24.90 -19.21
N LEU D 386 29.06 24.16 -20.12
CA LEU D 386 28.36 23.30 -21.08
C LEU D 386 29.00 21.94 -21.01
N ASN D 387 28.22 20.96 -20.59
CA ASN D 387 28.71 19.60 -20.54
C ASN D 387 28.06 18.76 -21.63
N LEU D 388 28.89 18.16 -22.50
CA LEU D 388 28.43 17.34 -23.61
C LEU D 388 28.96 15.91 -23.60
N THR D 389 29.26 15.35 -22.42
CA THR D 389 29.80 13.99 -22.35
C THR D 389 28.78 12.89 -22.67
N LYS D 390 29.31 11.73 -23.05
CA LYS D 390 28.51 10.51 -23.22
C LYS D 390 27.41 10.67 -24.26
N ASN D 391 27.72 11.41 -25.32
CA ASN D 391 26.76 11.65 -26.39
C ASN D 391 27.15 11.08 -27.75
N LYS D 392 28.16 10.22 -27.79
CA LYS D 392 28.53 9.61 -29.06
C LYS D 392 28.84 10.66 -30.12
N ILE D 393 29.26 11.84 -29.68
CA ILE D 393 29.70 12.88 -30.60
C ILE D 393 30.86 12.38 -31.42
N SER D 394 30.86 12.68 -32.70
CA SER D 394 31.89 12.16 -33.59
C SER D 394 32.72 13.23 -34.28
N LYS D 395 32.12 14.33 -34.72
CA LYS D 395 32.89 15.37 -35.38
C LYS D 395 32.48 16.74 -34.89
N ILE D 396 33.46 17.63 -34.79
CA ILE D 396 33.23 19.03 -34.47
C ILE D 396 33.67 19.90 -35.64
N GLU D 397 32.76 20.74 -36.13
CA GLU D 397 33.03 21.54 -37.32
C GLU D 397 33.24 22.99 -36.94
N SER D 398 33.61 23.80 -37.94
CA SER D 398 34.04 25.15 -37.68
C SER D 398 32.89 25.94 -37.07
N ASP D 399 33.23 26.83 -36.14
CA ASP D 399 32.27 27.73 -35.47
C ASP D 399 31.14 26.98 -34.76
N ALA D 400 31.38 25.77 -34.24
CA ALA D 400 30.29 25.02 -33.62
C ALA D 400 29.85 25.65 -32.31
N PHE D 401 30.80 26.21 -31.57
CA PHE D 401 30.49 26.83 -30.30
C PHE D 401 30.54 28.35 -30.38
N SER D 402 30.42 28.91 -31.60
CA SER D 402 30.61 30.35 -31.74
C SER D 402 29.56 31.15 -30.97
N TRP D 403 28.37 30.57 -30.75
CA TRP D 403 27.29 31.26 -30.03
C TRP D 403 27.52 31.33 -28.53
N LEU D 404 28.42 30.51 -27.99
CA LEU D 404 28.66 30.46 -26.54
C LEU D 404 29.83 31.37 -26.19
N GLY D 405 29.60 32.68 -26.31
CA GLY D 405 30.68 33.63 -26.15
C GLY D 405 31.29 33.59 -24.77
N HIS D 406 30.45 33.63 -23.74
CA HIS D 406 30.99 33.66 -22.38
C HIS D 406 31.26 32.30 -21.79
N LEU D 407 31.23 31.23 -22.60
CA LEU D 407 31.52 29.90 -22.07
C LEU D 407 32.92 29.86 -21.47
N GLU D 408 33.02 29.23 -20.29
CA GLU D 408 34.27 29.10 -19.56
C GLU D 408 34.72 27.67 -19.37
N VAL D 409 33.79 26.72 -19.28
CA VAL D 409 34.07 25.29 -19.17
C VAL D 409 33.25 24.55 -20.21
N LEU D 410 33.91 23.65 -20.95
CA LEU D 410 33.28 22.88 -22.03
C LEU D 410 33.80 21.45 -21.92
N ASP D 411 32.90 20.51 -21.70
CA ASP D 411 33.34 19.12 -21.54
C ASP D 411 32.87 18.28 -22.73
N LEU D 412 33.82 17.88 -23.57
CA LEU D 412 33.54 17.04 -24.71
C LEU D 412 34.11 15.63 -24.54
N GLY D 413 34.46 15.25 -23.32
CA GLY D 413 35.03 13.94 -23.05
C GLY D 413 34.03 12.81 -23.23
N LEU D 414 34.53 11.59 -23.13
CA LEU D 414 33.70 10.38 -23.24
C LEU D 414 32.79 10.42 -24.46
N ASN D 415 33.36 10.79 -25.61
CA ASN D 415 32.68 10.81 -26.89
C ASN D 415 33.52 10.05 -27.92
N GLU D 416 32.98 9.90 -29.11
CA GLU D 416 33.63 9.17 -30.18
C GLU D 416 34.26 10.11 -31.21
N ILE D 417 34.86 11.20 -30.75
CA ILE D 417 35.38 12.26 -31.61
C ILE D 417 36.62 11.80 -32.35
N GLY D 418 36.52 11.57 -33.64
CA GLY D 418 37.71 11.28 -34.41
C GLY D 418 37.99 12.27 -35.52
N GLN D 419 38.96 13.17 -35.37
CA GLN D 419 39.15 14.21 -36.38
C GLN D 419 40.46 14.93 -36.15
N GLU D 420 40.79 15.83 -37.07
CA GLU D 420 41.91 16.75 -36.91
C GLU D 420 41.33 18.03 -36.35
N LEU D 421 41.90 18.51 -35.25
CA LEU D 421 41.45 19.78 -34.68
C LEU D 421 42.10 20.88 -35.49
N THR D 422 41.35 21.47 -36.44
CA THR D 422 41.88 22.59 -37.21
C THR D 422 42.04 23.84 -36.37
N GLY D 423 41.30 23.94 -35.28
CA GLY D 423 41.24 25.15 -34.47
C GLY D 423 40.10 26.08 -34.82
N GLN D 424 39.47 25.86 -35.97
CA GLN D 424 38.22 26.53 -36.28
C GLN D 424 37.11 26.08 -35.36
N GLU D 425 37.21 24.88 -34.80
CA GLU D 425 36.18 24.41 -33.86
C GLU D 425 35.97 25.43 -32.75
N TRP D 426 37.04 25.81 -32.10
CA TRP D 426 36.97 26.67 -30.93
C TRP D 426 36.73 28.12 -31.28
N ARG D 427 36.42 28.42 -32.54
CA ARG D 427 36.18 29.80 -32.93
C ARG D 427 34.98 30.34 -32.16
N GLY D 428 35.16 31.52 -31.57
CA GLY D 428 34.15 32.15 -30.73
C GLY D 428 34.44 32.12 -29.23
N LEU D 429 35.04 31.03 -28.75
CA LEU D 429 35.28 30.88 -27.32
C LEU D 429 36.26 31.94 -26.81
N GLU D 430 35.72 33.09 -26.43
CA GLU D 430 36.57 34.21 -26.06
C GLU D 430 36.95 34.25 -24.58
N ASN D 431 36.15 33.63 -23.70
CA ASN D 431 36.54 33.55 -22.29
C ASN D 431 36.67 32.11 -21.82
N ILE D 432 36.90 31.17 -22.73
CA ILE D 432 36.99 29.77 -22.33
C ILE D 432 38.20 29.58 -21.41
N PHE D 433 38.01 28.76 -20.35
CA PHE D 433 39.08 28.44 -19.41
C PHE D 433 39.41 26.96 -19.36
N GLU D 434 38.42 26.05 -19.54
CA GLU D 434 38.65 24.60 -19.49
C GLU D 434 38.06 23.90 -20.69
N ILE D 435 38.83 22.99 -21.29
CA ILE D 435 38.33 22.12 -22.36
C ILE D 435 38.71 20.70 -22.01
N TYR D 436 37.72 19.84 -21.88
CA TYR D 436 37.98 18.43 -21.62
C TYR D 436 37.69 17.64 -22.88
N LEU D 437 38.71 17.02 -23.45
CA LEU D 437 38.56 16.22 -24.65
C LEU D 437 38.99 14.79 -24.43
N SER D 438 39.14 14.36 -23.18
CA SER D 438 39.62 13.02 -22.90
C SER D 438 38.62 11.94 -23.28
N TYR D 439 39.15 10.75 -23.46
CA TYR D 439 38.33 9.59 -23.77
C TYR D 439 37.57 9.76 -25.09
N ASN D 440 38.31 10.02 -26.19
CA ASN D 440 37.74 10.10 -27.53
C ASN D 440 38.46 9.13 -28.48
N LYS D 441 38.04 9.11 -29.77
CA LYS D 441 38.56 8.12 -30.71
C LYS D 441 39.95 8.47 -31.20
N TYR D 442 40.10 9.66 -31.79
CA TYR D 442 41.37 10.06 -32.39
C TYR D 442 41.38 11.58 -32.47
N LEU D 443 42.49 12.19 -32.05
CA LEU D 443 42.63 13.65 -32.09
C LEU D 443 43.97 13.99 -32.74
N GLN D 444 43.91 14.58 -33.92
CA GLN D 444 45.10 14.90 -34.72
C GLN D 444 45.34 16.39 -34.69
N LEU D 445 46.48 16.80 -34.14
CA LEU D 445 46.70 18.22 -33.88
C LEU D 445 47.37 18.89 -35.06
N THR D 446 47.11 20.19 -35.21
CA THR D 446 47.92 21.10 -36.01
C THR D 446 48.49 22.14 -35.08
N ARG D 447 49.18 23.14 -35.63
CA ARG D 447 49.66 24.22 -34.80
C ARG D 447 48.52 25.13 -34.36
N ASN D 448 47.50 25.30 -35.18
CA ASN D 448 46.40 26.18 -34.84
C ASN D 448 45.27 25.47 -34.13
N SER D 449 45.49 24.23 -33.68
CA SER D 449 44.45 23.49 -32.97
C SER D 449 43.96 24.24 -31.73
N PHE D 450 44.76 25.11 -31.17
CA PHE D 450 44.19 25.91 -30.09
C PHE D 450 44.61 27.35 -30.23
N ALA D 451 45.05 27.77 -31.41
CA ALA D 451 45.47 29.15 -31.57
C ALA D 451 44.36 30.14 -31.22
N LEU D 452 43.11 29.72 -31.29
CA LEU D 452 42.02 30.66 -31.07
C LEU D 452 41.52 30.74 -29.63
N VAL D 453 42.12 30.05 -28.68
CA VAL D 453 41.62 30.11 -27.30
C VAL D 453 42.80 30.31 -26.36
N PRO D 454 43.39 31.49 -26.36
CA PRO D 454 44.67 31.62 -25.65
C PRO D 454 44.46 31.79 -24.16
N SER D 455 43.22 32.15 -23.82
CA SER D 455 42.75 32.34 -22.47
C SER D 455 42.66 31.04 -21.69
N LEU D 456 42.76 29.89 -22.39
CA LEU D 456 42.62 28.56 -21.78
C LEU D 456 43.63 28.33 -20.67
N GLN D 457 43.15 27.76 -19.55
CA GLN D 457 44.00 27.39 -18.42
C GLN D 457 44.13 25.90 -18.20
N ARG D 458 43.09 25.11 -18.50
CA ARG D 458 43.14 23.67 -18.38
C ARG D 458 42.81 23.02 -19.73
N LEU D 459 43.58 22.01 -20.12
CA LEU D 459 43.37 21.31 -21.38
C LEU D 459 43.56 19.82 -21.17
N MET D 460 42.52 19.05 -21.40
CA MET D 460 42.54 17.62 -21.09
C MET D 460 42.48 16.80 -22.38
N LEU D 461 43.53 16.02 -22.65
CA LEU D 461 43.67 15.24 -23.89
C LEU D 461 44.07 13.79 -23.62
N ARG D 462 43.54 13.20 -22.55
CA ARG D 462 43.83 11.83 -22.16
C ARG D 462 43.20 10.84 -23.13
N ARG D 463 44.01 9.93 -23.66
CA ARG D 463 43.51 8.82 -24.47
C ARG D 463 42.74 9.34 -25.69
N VAL D 464 43.41 10.09 -26.56
CA VAL D 464 42.81 10.37 -27.85
C VAL D 464 43.68 9.88 -29.00
N ALA D 465 44.60 8.98 -28.74
CA ALA D 465 45.61 8.63 -29.72
C ALA D 465 46.21 9.91 -30.32
N LEU D 466 46.52 10.88 -29.44
CA LEU D 466 47.05 12.16 -29.86
C LEU D 466 48.20 11.99 -30.83
N LYS D 467 48.16 12.76 -31.90
CA LYS D 467 49.21 12.75 -32.91
C LYS D 467 49.53 14.17 -33.31
N ASN D 468 50.76 14.36 -33.80
CA ASN D 468 51.22 15.64 -34.31
C ASN D 468 51.33 16.67 -33.18
N VAL D 469 51.74 16.18 -32.01
CA VAL D 469 52.25 17.03 -30.95
C VAL D 469 53.67 17.50 -31.27
N ASP D 470 54.34 16.83 -32.20
CA ASP D 470 55.72 17.18 -32.57
C ASP D 470 55.75 18.15 -33.75
N SER D 471 54.97 19.22 -33.65
CA SER D 471 54.98 20.22 -34.73
C SER D 471 56.08 21.22 -34.47
N SER D 472 56.39 22.02 -35.51
CA SER D 472 57.54 22.93 -35.44
C SER D 472 57.31 24.01 -34.40
N PRO D 473 56.23 24.85 -34.48
CA PRO D 473 55.73 25.50 -33.26
C PRO D 473 54.73 24.57 -32.62
N SER D 474 54.95 24.16 -31.36
CA SER D 474 54.08 23.28 -30.58
C SER D 474 52.61 23.66 -30.66
N PRO D 475 51.70 22.67 -30.68
CA PRO D 475 50.25 22.98 -30.69
C PRO D 475 49.81 23.79 -29.50
N PHE D 476 50.55 23.67 -28.41
CA PHE D 476 50.26 24.32 -27.15
C PHE D 476 50.93 25.67 -27.01
N GLN D 477 51.83 26.03 -27.93
CA GLN D 477 52.57 27.28 -27.80
C GLN D 477 51.70 28.52 -27.69
N PRO D 478 50.52 28.63 -28.29
CA PRO D 478 49.71 29.84 -28.09
C PRO D 478 49.02 29.94 -26.73
N LEU D 479 49.10 28.95 -25.86
CA LEU D 479 48.29 28.87 -24.64
C LEU D 479 49.12 29.27 -23.43
N ARG D 480 49.46 30.55 -23.36
CA ARG D 480 50.57 30.94 -22.49
C ARG D 480 50.18 30.95 -21.02
N ASN D 481 48.91 30.63 -20.72
CA ASN D 481 48.45 30.57 -19.35
C ASN D 481 47.86 29.20 -19.02
N LEU D 482 48.11 28.22 -19.87
CA LEU D 482 47.81 26.86 -19.53
C LEU D 482 48.44 26.52 -18.18
N THR D 483 47.66 25.91 -17.31
CA THR D 483 48.19 25.52 -16.01
C THR D 483 48.07 24.04 -15.73
N ILE D 484 47.08 23.36 -16.31
CA ILE D 484 46.91 21.92 -16.16
C ILE D 484 46.83 21.32 -17.56
N LEU D 485 47.82 20.49 -17.91
CA LEU D 485 47.86 19.84 -19.21
C LEU D 485 47.98 18.32 -19.02
N ASP D 486 47.00 17.59 -19.54
CA ASP D 486 46.93 16.14 -19.41
C ASP D 486 47.10 15.53 -20.80
N LEU D 487 48.24 14.86 -21.04
CA LEU D 487 48.50 14.22 -22.33
C LEU D 487 48.69 12.72 -22.18
N SER D 488 48.07 12.13 -21.17
CA SER D 488 48.41 10.76 -20.85
C SER D 488 47.67 9.76 -21.73
N ASN D 489 48.21 8.54 -21.77
CA ASN D 489 47.61 7.40 -22.47
C ASN D 489 47.46 7.65 -23.96
N ASN D 490 48.52 8.18 -24.57
CA ASN D 490 48.47 8.39 -26.01
C ASN D 490 49.56 7.67 -26.77
N ASN D 491 50.38 6.85 -26.10
CA ASN D 491 51.52 6.23 -26.74
C ASN D 491 52.30 7.28 -27.54
N ILE D 492 52.48 8.44 -26.94
CA ILE D 492 53.22 9.49 -27.61
C ILE D 492 54.66 9.05 -27.65
N ALA D 493 55.19 8.91 -28.86
CA ALA D 493 56.54 8.43 -29.03
C ALA D 493 57.50 9.54 -29.44
N ASN D 494 56.98 10.65 -29.96
CA ASN D 494 57.83 11.72 -30.44
C ASN D 494 57.33 13.03 -29.88
N ILE D 495 58.16 13.65 -29.02
CA ILE D 495 58.00 14.99 -28.47
C ILE D 495 59.18 15.82 -28.93
N ASN D 496 58.95 17.09 -29.24
CA ASN D 496 60.04 17.98 -29.59
C ASN D 496 60.50 18.78 -28.39
N ASP D 497 61.77 19.16 -28.45
CA ASP D 497 62.49 19.87 -27.37
C ASP D 497 61.66 21.01 -26.81
N ASP D 498 61.07 21.83 -27.68
CA ASP D 498 60.37 23.05 -27.31
C ASP D 498 58.87 22.84 -27.15
N MET D 499 58.43 21.66 -26.71
CA MET D 499 57.00 21.40 -26.71
C MET D 499 56.29 22.32 -25.75
N LEU D 500 56.78 22.40 -24.52
CA LEU D 500 56.15 23.21 -23.50
C LEU D 500 56.77 24.58 -23.39
N GLU D 501 57.46 25.03 -24.43
CA GLU D 501 58.07 26.35 -24.39
C GLU D 501 56.99 27.42 -24.39
N GLY D 502 57.19 28.43 -23.54
CA GLY D 502 56.26 29.52 -23.39
C GLY D 502 55.28 29.33 -22.25
N LEU D 503 54.94 28.08 -21.92
CA LEU D 503 53.98 27.75 -20.86
C LEU D 503 54.63 27.86 -19.50
N GLU D 504 55.13 29.06 -19.20
CA GLU D 504 55.85 29.29 -17.96
C GLU D 504 54.98 29.04 -16.74
N LYS D 505 53.66 29.09 -16.94
CA LYS D 505 52.70 29.00 -15.85
C LYS D 505 52.16 27.59 -15.66
N LEU D 506 52.61 26.63 -16.45
CA LEU D 506 52.11 25.28 -16.31
C LEU D 506 52.35 24.78 -14.89
N GLU D 507 51.32 24.21 -14.28
CA GLU D 507 51.42 23.68 -12.92
C GLU D 507 51.31 22.17 -12.82
N ILE D 508 50.43 21.54 -13.60
CA ILE D 508 50.28 20.10 -13.64
C ILE D 508 50.47 19.61 -15.07
N LEU D 509 51.32 18.59 -15.23
CA LEU D 509 51.62 17.99 -16.52
C LEU D 509 51.56 16.48 -16.36
N ASP D 510 50.52 15.85 -16.93
CA ASP D 510 50.37 14.40 -16.88
C ASP D 510 50.77 13.75 -18.20
N LEU D 511 51.83 12.94 -18.16
CA LEU D 511 52.37 12.31 -19.36
C LEU D 511 52.49 10.80 -19.21
N GLN D 512 51.74 10.19 -18.30
CA GLN D 512 51.93 8.76 -18.02
C GLN D 512 51.31 7.89 -19.12
N HIS D 513 51.73 6.64 -19.16
CA HIS D 513 51.32 5.73 -20.22
C HIS D 513 51.58 6.32 -21.61
N ASN D 514 52.84 6.66 -21.88
CA ASN D 514 53.26 6.95 -23.25
C ASN D 514 54.53 6.14 -23.55
N ASN D 515 55.01 6.29 -24.78
CA ASN D 515 56.23 5.63 -25.24
C ASN D 515 57.39 6.61 -25.40
N LEU D 516 57.43 7.71 -24.66
CA LEU D 516 58.58 8.61 -24.80
C LEU D 516 59.81 8.16 -24.02
N ALA D 517 60.10 6.86 -23.99
CA ALA D 517 61.21 6.36 -23.20
C ALA D 517 62.53 6.64 -23.87
N ARG D 518 62.60 6.42 -25.17
CA ARG D 518 63.89 6.56 -25.83
C ARG D 518 64.35 8.01 -25.85
N LEU D 519 63.43 8.97 -25.71
CA LEU D 519 63.84 10.36 -25.82
C LEU D 519 64.75 10.80 -24.68
N TRP D 520 64.94 9.96 -23.66
CA TRP D 520 65.82 10.25 -22.56
C TRP D 520 66.97 9.27 -22.45
N LYS D 521 67.17 8.43 -23.47
CA LYS D 521 68.37 7.61 -23.52
C LYS D 521 69.57 8.44 -23.97
N HIS D 522 70.74 8.09 -23.41
CA HIS D 522 71.95 8.80 -23.79
C HIS D 522 72.23 8.65 -25.27
N ALA D 523 71.98 7.47 -25.82
CA ALA D 523 72.32 7.21 -27.21
C ALA D 523 71.28 7.75 -28.18
N ASN D 524 70.53 8.75 -27.79
CA ASN D 524 69.48 9.22 -28.70
C ASN D 524 70.07 10.05 -29.84
N PRO D 525 69.59 9.84 -31.06
CA PRO D 525 70.12 10.54 -32.22
C PRO D 525 69.88 12.04 -32.19
N GLY D 526 70.85 12.77 -31.67
CA GLY D 526 70.77 14.20 -31.52
C GLY D 526 70.86 14.66 -30.10
N GLY D 527 70.84 13.74 -29.15
CA GLY D 527 70.91 14.07 -27.76
C GLY D 527 69.55 13.89 -27.16
N PRO D 528 69.50 13.78 -25.83
CA PRO D 528 68.20 13.65 -25.15
C PRO D 528 67.32 14.88 -25.37
N ILE D 529 66.01 14.66 -25.28
CA ILE D 529 65.03 15.74 -25.47
C ILE D 529 64.71 16.34 -24.11
N TYR D 530 65.12 17.60 -23.88
CA TYR D 530 64.93 18.27 -22.59
C TYR D 530 63.68 19.12 -22.73
N PHE D 531 62.51 18.51 -22.52
CA PHE D 531 61.24 19.13 -22.88
C PHE D 531 60.57 19.78 -21.67
N LEU D 532 61.19 19.66 -20.51
CA LEU D 532 60.74 20.22 -19.26
C LEU D 532 61.44 21.54 -18.94
N LYS D 533 62.32 22.03 -19.80
CA LYS D 533 63.11 23.18 -19.41
C LYS D 533 62.21 24.39 -19.28
N GLY D 534 62.61 25.30 -18.39
CA GLY D 534 61.93 26.56 -18.18
C GLY D 534 60.60 26.47 -17.46
N LEU D 535 60.10 25.27 -17.18
CA LEU D 535 58.78 25.07 -16.55
C LEU D 535 58.92 25.35 -15.06
N SER D 536 59.01 26.65 -14.76
CA SER D 536 59.30 27.05 -13.39
C SER D 536 58.24 26.55 -12.45
N HIS D 537 56.99 26.91 -12.72
CA HIS D 537 55.91 26.67 -11.79
C HIS D 537 55.33 25.26 -11.84
N LEU D 538 55.97 24.31 -12.47
CA LEU D 538 55.48 22.94 -12.45
C LEU D 538 55.47 22.40 -11.03
N HIS D 539 54.29 21.96 -10.55
CA HIS D 539 54.15 21.40 -9.20
C HIS D 539 54.01 19.88 -9.17
N ILE D 540 53.25 19.31 -10.12
CA ILE D 540 53.03 17.88 -10.26
C ILE D 540 53.52 17.46 -11.63
N LEU D 541 54.32 16.40 -11.66
CA LEU D 541 54.80 15.83 -12.90
C LEU D 541 54.61 14.32 -12.83
N ASN D 542 53.77 13.78 -13.71
CA ASN D 542 53.50 12.34 -13.71
C ASN D 542 54.12 11.74 -14.96
N LEU D 543 55.18 10.95 -14.77
CA LEU D 543 55.85 10.32 -15.89
C LEU D 543 55.85 8.81 -15.75
N GLU D 544 54.82 8.25 -15.13
CA GLU D 544 54.74 6.81 -14.94
C GLU D 544 54.61 6.10 -16.29
N SER D 545 54.86 4.79 -16.25
CA SER D 545 54.55 3.87 -17.36
C SER D 545 54.99 4.38 -18.73
N ASN D 546 56.26 4.76 -18.81
CA ASN D 546 56.81 5.23 -20.07
C ASN D 546 57.92 4.34 -20.61
N GLY D 547 58.40 3.37 -19.83
CA GLY D 547 59.49 2.56 -20.30
C GLY D 547 60.86 3.16 -20.10
N PHE D 548 60.92 4.37 -19.53
CA PHE D 548 62.19 4.99 -19.14
C PHE D 548 63.13 4.00 -18.47
N ASP D 549 64.40 4.09 -18.85
CA ASP D 549 65.44 3.35 -18.17
C ASP D 549 66.71 4.16 -18.00
N GLU D 550 66.76 5.36 -18.56
CA GLU D 550 67.77 6.37 -18.25
C GLU D 550 67.03 7.66 -17.93
N ILE D 551 67.66 8.50 -17.11
CA ILE D 551 67.19 9.86 -16.90
C ILE D 551 68.38 10.77 -17.15
N PRO D 552 68.29 11.76 -18.05
CA PRO D 552 69.42 12.66 -18.27
C PRO D 552 69.66 13.52 -17.05
N VAL D 553 70.95 13.83 -16.84
CA VAL D 553 71.37 14.30 -15.55
C VAL D 553 70.67 15.56 -15.12
N GLU D 554 70.11 16.32 -16.06
CA GLU D 554 69.62 17.66 -15.79
C GLU D 554 68.22 17.97 -16.34
N VAL D 555 67.41 16.96 -16.68
CA VAL D 555 66.04 17.19 -17.16
C VAL D 555 65.16 17.99 -16.19
N PHE D 556 65.28 17.76 -14.88
CA PHE D 556 64.47 18.49 -13.92
C PHE D 556 65.18 19.73 -13.37
N LYS D 557 66.22 20.21 -14.06
CA LYS D 557 67.08 21.26 -13.53
C LYS D 557 66.34 22.59 -13.36
N ASP D 558 65.17 22.75 -13.96
CA ASP D 558 64.47 24.02 -13.83
C ASP D 558 63.22 23.93 -12.98
N LEU D 559 62.87 22.75 -12.47
CA LEU D 559 61.61 22.57 -11.75
C LEU D 559 61.88 22.65 -10.25
N PHE D 560 61.97 23.88 -9.75
CA PHE D 560 62.25 24.10 -8.33
C PHE D 560 60.99 24.00 -7.50
N GLU D 561 59.85 24.42 -8.04
CA GLU D 561 58.59 24.34 -7.32
C GLU D 561 57.93 22.99 -7.48
N LEU D 562 58.62 22.03 -8.10
CA LEU D 562 58.10 20.69 -8.26
C LEU D 562 57.85 20.06 -6.91
N LYS D 563 56.58 19.81 -6.57
CA LYS D 563 56.19 19.24 -5.27
C LYS D 563 55.99 17.73 -5.33
N ILE D 564 55.34 17.21 -6.37
CA ILE D 564 55.14 15.77 -6.54
C ILE D 564 55.76 15.35 -7.86
N ILE D 565 56.69 14.40 -7.79
CA ILE D 565 57.27 13.77 -8.96
C ILE D 565 56.88 12.30 -8.94
N ASP D 566 56.40 11.82 -10.07
CA ASP D 566 55.74 10.52 -10.14
C ASP D 566 56.26 9.80 -11.39
N LEU D 567 57.32 8.99 -11.22
CA LEU D 567 57.89 8.19 -12.31
C LEU D 567 58.19 6.80 -11.76
N GLY D 568 57.13 6.01 -11.62
CA GLY D 568 57.24 4.60 -11.30
C GLY D 568 56.62 3.83 -12.43
N LEU D 569 56.64 2.52 -12.30
CA LEU D 569 56.20 1.67 -13.39
C LEU D 569 57.03 1.95 -14.65
N ASN D 570 58.33 2.17 -14.43
CA ASN D 570 59.35 2.32 -15.46
C ASN D 570 60.43 1.28 -15.18
N ASN D 571 61.49 1.24 -16.03
CA ASN D 571 62.62 0.33 -15.89
C ASN D 571 63.89 1.00 -15.39
N LEU D 572 63.75 1.95 -14.49
CA LEU D 572 64.92 2.63 -13.95
C LEU D 572 65.62 1.72 -12.92
N ASN D 573 66.94 1.56 -13.08
CA ASN D 573 67.79 0.92 -12.09
C ASN D 573 68.68 1.91 -11.36
N THR D 574 69.43 2.71 -12.12
CA THR D 574 70.45 3.60 -11.57
C THR D 574 70.25 5.02 -12.06
N LEU D 575 70.60 5.97 -11.21
CA LEU D 575 70.31 7.33 -11.65
C LEU D 575 71.54 8.22 -11.61
N PRO D 576 71.64 9.21 -12.51
CA PRO D 576 72.76 10.14 -12.42
C PRO D 576 72.77 10.84 -11.08
N ALA D 577 73.96 10.95 -10.51
CA ALA D 577 74.10 11.65 -9.24
C ALA D 577 73.65 13.09 -9.37
N SER D 578 72.99 13.60 -8.33
CA SER D 578 72.54 14.99 -8.29
C SER D 578 71.48 15.29 -9.36
N VAL D 579 70.67 14.30 -9.72
CA VAL D 579 69.59 14.58 -10.68
C VAL D 579 68.45 15.31 -9.99
N PHE D 580 68.26 15.06 -8.69
CA PHE D 580 67.20 15.65 -7.89
C PHE D 580 67.69 16.85 -7.08
N ASN D 581 68.84 17.41 -7.43
CA ASN D 581 69.42 18.46 -6.61
C ASN D 581 68.48 19.64 -6.48
N ASN D 582 67.99 20.13 -7.60
CA ASN D 582 67.21 21.35 -7.52
C ASN D 582 65.79 21.13 -7.00
N GLN D 583 65.39 19.89 -6.73
CA GLN D 583 64.05 19.62 -6.20
C GLN D 583 64.00 19.96 -4.71
N VAL D 584 63.75 21.23 -4.43
CA VAL D 584 63.80 21.74 -3.06
C VAL D 584 62.42 21.84 -2.43
N SER D 585 61.40 22.14 -3.25
CA SER D 585 60.01 22.08 -2.82
C SER D 585 59.46 20.67 -2.84
N LEU D 586 60.28 19.68 -3.20
CA LEU D 586 59.76 18.35 -3.46
C LEU D 586 59.29 17.70 -2.18
N LYS D 587 58.02 17.25 -2.18
CA LYS D 587 57.41 16.59 -1.02
C LYS D 587 56.86 15.20 -1.29
N SER D 588 56.95 14.66 -2.50
CA SER D 588 56.44 13.32 -2.75
C SER D 588 57.17 12.73 -3.93
N LEU D 589 57.94 11.67 -3.69
CA LEU D 589 58.75 11.03 -4.73
C LEU D 589 58.25 9.60 -4.93
N ASN D 590 58.03 9.20 -6.17
CA ASN D 590 57.35 7.92 -6.41
C ASN D 590 58.05 7.12 -7.51
N LEU D 591 58.78 6.06 -7.13
CA LEU D 591 59.41 5.14 -8.08
C LEU D 591 58.95 3.72 -7.81
N GLN D 592 57.61 3.54 -7.79
CA GLN D 592 56.98 2.43 -7.08
C GLN D 592 57.36 1.08 -7.65
N LYS D 593 57.33 0.93 -8.98
CA LYS D 593 57.62 -0.40 -9.53
C LYS D 593 58.66 -0.16 -10.59
N ASN D 594 59.92 -0.48 -10.32
CA ASN D 594 61.03 -0.19 -11.23
C ASN D 594 62.08 -1.26 -11.04
N LEU D 595 63.23 -1.09 -11.66
CA LEU D 595 64.28 -2.07 -11.45
C LEU D 595 65.36 -1.58 -10.50
N ILE D 596 65.00 -0.74 -9.52
CA ILE D 596 66.01 -0.13 -8.66
C ILE D 596 66.59 -1.12 -7.66
N THR D 597 67.92 -1.06 -7.49
CA THR D 597 68.64 -1.85 -6.51
C THR D 597 69.47 -1.01 -5.55
N SER D 598 69.66 0.29 -5.81
CA SER D 598 70.72 1.08 -5.19
C SER D 598 70.19 2.46 -4.83
N VAL D 599 69.73 2.60 -3.59
CA VAL D 599 69.28 3.89 -3.04
C VAL D 599 70.51 4.51 -2.40
N GLU D 600 71.31 5.17 -3.24
CA GLU D 600 72.56 5.80 -2.82
C GLU D 600 72.31 7.25 -2.40
N LYS D 601 73.13 7.75 -1.47
CA LYS D 601 72.86 9.10 -1.01
C LYS D 601 73.11 10.13 -2.09
N LYS D 602 74.09 9.89 -2.96
CA LYS D 602 74.43 10.86 -4.00
C LYS D 602 73.24 11.20 -4.89
N VAL D 603 72.23 10.35 -4.93
CA VAL D 603 71.06 10.55 -5.75
C VAL D 603 69.90 11.09 -4.94
N PHE D 604 69.56 10.38 -3.88
CA PHE D 604 68.32 10.58 -3.14
C PHE D 604 68.45 11.47 -1.92
N GLY D 605 69.66 11.88 -1.58
CA GLY D 605 69.89 12.81 -0.50
C GLY D 605 69.04 14.05 -0.60
N PRO D 606 69.25 14.85 -1.65
CA PRO D 606 68.48 16.10 -1.77
C PRO D 606 66.98 15.86 -1.85
N ALA D 607 66.56 14.74 -2.45
CA ALA D 607 65.15 14.43 -2.58
C ALA D 607 64.54 14.13 -1.20
N PHE D 608 65.18 13.27 -0.43
CA PHE D 608 64.63 12.85 0.86
C PHE D 608 64.63 13.98 1.90
N ARG D 609 65.43 15.03 1.69
CA ARG D 609 65.66 16.08 2.67
C ARG D 609 64.42 16.43 3.49
N ASN D 610 63.35 16.80 2.81
CA ASN D 610 62.10 17.21 3.45
C ASN D 610 61.01 16.67 2.53
N LEU D 611 60.46 15.52 2.88
CA LEU D 611 59.47 14.84 2.04
C LEU D 611 58.30 14.48 2.93
N THR D 612 57.11 14.74 2.43
CA THR D 612 55.94 14.31 3.17
C THR D 612 55.79 12.80 3.13
N GLU D 613 56.09 12.18 1.99
CA GLU D 613 55.78 10.76 1.84
C GLU D 613 56.60 10.18 0.69
N LEU D 614 57.04 8.95 0.87
CA LEU D 614 57.90 8.27 -0.10
C LEU D 614 57.29 6.93 -0.47
N ASP D 615 57.33 6.60 -1.75
CA ASP D 615 56.83 5.31 -2.22
C ASP D 615 57.75 4.88 -3.35
N MET D 616 58.62 3.92 -3.04
CA MET D 616 59.31 3.13 -4.06
C MET D 616 59.30 1.69 -3.55
N ARG D 617 58.10 1.08 -3.55
CA ARG D 617 57.87 -0.31 -3.18
C ARG D 617 58.39 -1.21 -4.29
N PHE D 618 58.22 -2.53 -4.14
CA PHE D 618 58.38 -3.49 -5.23
C PHE D 618 59.58 -3.23 -6.15
N ASN D 619 60.76 -3.15 -5.55
CA ASN D 619 61.98 -2.95 -6.30
C ASN D 619 62.97 -4.04 -5.94
N PRO D 620 63.79 -4.44 -6.84
CA PRO D 620 64.74 -5.51 -6.55
C PRO D 620 65.92 -5.04 -5.69
N PHE D 621 65.60 -4.41 -4.55
CA PHE D 621 66.61 -3.80 -3.71
C PHE D 621 67.75 -4.78 -3.45
N ASP D 622 68.99 -4.28 -3.49
CA ASP D 622 70.19 -5.05 -3.21
C ASP D 622 70.68 -4.73 -1.79
N CYS D 623 70.57 -5.71 -0.90
CA CYS D 623 70.93 -5.58 0.53
C CYS D 623 72.44 -5.71 0.71
N THR D 624 73.15 -4.72 0.19
CA THR D 624 74.57 -4.60 0.42
C THR D 624 74.82 -3.21 0.97
N CYS D 625 75.86 -3.12 1.81
CA CYS D 625 76.16 -1.85 2.47
C CYS D 625 76.40 -0.74 1.45
N GLU D 626 77.22 -1.00 0.42
CA GLU D 626 77.49 0.04 -0.57
C GLU D 626 76.22 0.52 -1.27
N SER D 627 75.13 -0.24 -1.18
CA SER D 627 73.95 -0.02 -2.00
C SER D 627 72.69 0.34 -1.19
N ILE D 628 72.48 -0.30 -0.05
CA ILE D 628 71.24 -0.11 0.69
C ILE D 628 71.41 0.63 2.01
N ALA D 629 72.62 0.63 2.60
CA ALA D 629 72.88 1.03 3.99
C ALA D 629 72.32 2.41 4.34
N TRP D 630 72.71 3.43 3.57
CA TRP D 630 72.27 4.77 3.94
C TRP D 630 70.75 4.90 3.83
N PHE D 631 70.13 4.16 2.91
CA PHE D 631 68.67 4.14 2.83
C PHE D 631 68.08 3.55 4.10
N VAL D 632 68.65 2.45 4.60
CA VAL D 632 68.14 1.81 5.81
C VAL D 632 68.26 2.75 6.99
N ASN D 633 69.39 3.46 7.09
CA ASN D 633 69.56 4.41 8.17
C ASN D 633 68.53 5.52 8.10
N TRP D 634 68.38 6.14 6.93
CA TRP D 634 67.39 7.19 6.72
C TRP D 634 65.97 6.72 7.05
N ILE D 635 65.64 5.48 6.69
CA ILE D 635 64.31 4.93 6.97
C ILE D 635 64.01 4.96 8.47
N ASN D 636 64.88 4.31 9.27
CA ASN D 636 64.66 4.23 10.72
C ASN D 636 64.61 5.61 11.38
N GLU D 637 65.20 6.63 10.76
CA GLU D 637 65.29 7.97 11.34
C GLU D 637 64.17 8.90 10.87
N THR D 638 63.94 8.99 9.57
CA THR D 638 63.18 10.09 8.98
C THR D 638 61.72 10.08 9.43
N HIS D 639 61.13 11.27 9.36
CA HIS D 639 59.72 11.46 9.64
C HIS D 639 58.86 11.28 8.41
N THR D 640 59.44 11.28 7.21
CA THR D 640 58.66 11.00 6.02
C THR D 640 58.03 9.61 6.15
N ASN D 641 56.74 9.51 5.91
CA ASN D 641 56.07 8.24 6.09
C ASN D 641 56.16 7.44 4.79
N ILE D 642 56.43 6.15 4.95
CA ILE D 642 56.67 5.22 3.86
C ILE D 642 55.64 4.11 3.94
N PRO D 643 54.52 4.23 3.25
CA PRO D 643 53.47 3.23 3.36
C PRO D 643 53.92 1.86 2.89
N GLU D 644 53.40 0.85 3.57
CA GLU D 644 53.68 -0.56 3.24
C GLU D 644 55.16 -0.88 3.38
N LEU D 645 55.85 -0.20 4.29
CA LEU D 645 57.30 -0.32 4.39
C LEU D 645 57.72 -1.74 4.73
N SER D 646 57.06 -2.35 5.70
CA SER D 646 57.51 -3.64 6.20
C SER D 646 57.03 -4.84 5.38
N SER D 647 56.27 -4.63 4.30
CA SER D 647 55.70 -5.74 3.56
C SER D 647 55.96 -5.70 2.08
N HIS D 648 56.24 -4.53 1.52
CA HIS D 648 56.46 -4.41 0.08
C HIS D 648 57.72 -3.60 -0.22
N TYR D 649 58.62 -3.48 0.73
CA TYR D 649 60.01 -3.07 0.46
C TYR D 649 60.89 -4.26 0.84
N LEU D 650 61.12 -5.17 -0.12
CA LEU D 650 61.91 -6.35 0.22
C LEU D 650 63.13 -6.39 -0.69
N CYS D 651 64.27 -6.67 -0.13
CA CYS D 651 65.45 -6.78 -0.97
C CYS D 651 65.61 -8.18 -1.53
N ASN D 652 66.19 -8.26 -2.72
CA ASN D 652 66.30 -9.53 -3.41
C ASN D 652 67.71 -9.94 -3.86
N THR D 653 68.65 -9.01 -3.97
CA THR D 653 69.82 -9.34 -4.79
C THR D 653 70.88 -10.16 -4.06
N PRO D 654 71.16 -9.95 -2.78
CA PRO D 654 71.92 -10.98 -2.05
C PRO D 654 71.24 -12.30 -1.68
N PRO D 655 71.64 -13.39 -2.31
CA PRO D 655 70.85 -14.62 -2.18
C PRO D 655 70.44 -14.94 -0.75
N HIS D 656 71.40 -14.88 0.18
CA HIS D 656 71.06 -15.32 1.53
C HIS D 656 70.11 -14.35 2.21
N TYR D 657 69.87 -13.21 1.57
CA TYR D 657 69.06 -12.12 2.09
C TYR D 657 67.77 -11.93 1.30
N HIS D 658 67.35 -12.95 0.57
CA HIS D 658 66.25 -12.82 -0.38
C HIS D 658 64.93 -12.68 0.34
N GLY D 659 64.22 -11.62 0.01
CA GLY D 659 62.94 -11.37 0.61
C GLY D 659 63.03 -10.90 2.03
N PHE D 660 64.22 -10.70 2.55
CA PHE D 660 64.35 -10.22 3.89
C PHE D 660 63.86 -8.79 3.87
N PRO D 661 62.90 -8.45 4.72
CA PRO D 661 62.40 -7.07 4.74
C PRO D 661 63.53 -6.09 4.99
N VAL D 662 63.63 -5.09 4.09
CA VAL D 662 64.76 -4.14 4.13
C VAL D 662 64.94 -3.52 5.49
N ARG D 663 63.84 -3.24 6.16
CA ARG D 663 63.89 -2.35 7.32
C ARG D 663 64.88 -2.80 8.38
N LEU D 664 65.45 -4.00 8.25
CA LEU D 664 66.17 -4.66 9.34
C LEU D 664 67.60 -5.03 8.97
N PHE D 665 68.26 -4.21 8.21
CA PHE D 665 69.53 -4.67 7.75
C PHE D 665 70.72 -4.22 8.62
N ASP E 1 -10.16 4.48 31.56
CA ASP E 1 -9.10 3.45 31.53
C ASP E 1 -8.23 3.30 32.83
N ILE E 2 -8.23 4.29 33.72
CA ILE E 2 -7.70 4.16 35.08
C ILE E 2 -8.85 4.28 36.08
N VAL E 3 -8.78 3.53 37.18
CA VAL E 3 -9.88 3.49 38.17
C VAL E 3 -9.33 3.89 39.54
N LEU E 4 -9.61 5.12 39.96
CA LEU E 4 -9.13 5.59 41.27
C LEU E 4 -9.94 4.97 42.40
N THR E 5 -9.24 4.58 43.46
CA THR E 5 -9.85 3.84 44.55
C THR E 5 -9.11 4.17 45.84
N GLN E 6 -9.80 4.72 46.83
CA GLN E 6 -9.22 5.24 48.06
C GLN E 6 -9.97 4.75 49.29
N PRO E 7 -9.40 4.87 50.49
CA PRO E 7 -10.03 4.26 51.66
C PRO E 7 -11.40 4.88 51.91
N PRO E 8 -12.34 4.09 52.43
CA PRO E 8 -13.65 4.66 52.78
C PRO E 8 -13.56 5.81 53.78
N SER E 9 -12.87 5.61 54.90
CA SER E 9 -12.79 6.61 55.96
C SER E 9 -11.42 6.52 56.62
N VAL E 10 -11.04 7.58 57.33
CA VAL E 10 -9.88 7.55 58.22
C VAL E 10 -10.07 8.62 59.28
N SER E 11 -9.56 8.36 60.48
CA SER E 11 -9.63 9.28 61.60
C SER E 11 -8.24 9.72 62.04
N VAL E 12 -8.18 10.87 62.72
CA VAL E 12 -6.91 11.45 63.10
C VAL E 12 -7.11 12.24 64.39
N ALA E 13 -6.20 12.08 65.31
CA ALA E 13 -6.28 12.88 66.51
C ALA E 13 -5.79 14.29 66.20
N PRO E 14 -6.50 15.33 66.65
CA PRO E 14 -6.10 16.70 66.28
C PRO E 14 -4.68 16.97 66.73
N GLY E 15 -3.94 17.65 65.89
CA GLY E 15 -2.52 17.88 66.09
C GLY E 15 -1.62 16.85 65.44
N GLN E 16 -2.15 15.67 65.11
CA GLN E 16 -1.41 14.58 64.52
C GLN E 16 -1.44 14.69 63.00
N THR E 17 -0.88 13.71 62.30
CA THR E 17 -0.75 13.75 60.85
C THR E 17 -1.73 12.80 60.19
N ALA E 18 -2.47 13.30 59.20
CA ALA E 18 -3.43 12.52 58.45
C ALA E 18 -2.86 12.14 57.10
N ARG E 19 -3.12 10.90 56.67
CA ARG E 19 -2.75 10.44 55.34
C ARG E 19 -3.89 9.69 54.71
N ILE E 20 -4.15 9.96 53.43
CA ILE E 20 -5.21 9.31 52.67
C ILE E 20 -4.63 8.75 51.37
N SER E 21 -4.76 7.44 51.15
CA SER E 21 -4.11 6.75 50.04
C SER E 21 -5.02 6.70 48.81
N CYS E 22 -4.42 6.70 47.61
CA CYS E 22 -5.20 6.68 46.36
C CYS E 22 -4.53 5.69 45.40
N SER E 23 -5.11 4.49 45.28
CA SER E 23 -4.49 3.44 44.49
C SER E 23 -5.03 3.50 43.05
N GLY E 24 -4.41 2.71 42.18
CA GLY E 24 -4.80 2.71 40.78
C GLY E 24 -3.73 2.12 39.90
N ASP E 25 -4.11 1.26 38.95
CA ASP E 25 -3.15 0.58 38.07
C ASP E 25 -2.27 1.62 37.37
N ASN E 26 -1.02 1.69 37.82
CA ASN E 26 -0.03 2.67 37.38
C ASN E 26 -0.54 4.09 37.55
N ILE E 27 -0.90 4.42 38.79
CA ILE E 27 -1.26 5.80 39.10
C ILE E 27 -0.04 6.70 39.08
N GLY E 28 1.16 6.14 39.26
CA GLY E 28 2.37 6.91 39.14
C GLY E 28 2.58 7.52 37.76
N SER E 29 1.99 6.91 36.72
CA SER E 29 2.02 7.42 35.35
C SER E 29 1.05 8.57 35.11
N TYR E 30 0.31 9.01 36.11
CA TYR E 30 -0.67 10.07 35.98
C TYR E 30 -0.34 11.19 36.95
N TYR E 31 -0.90 12.36 36.66
CA TYR E 31 -0.88 13.48 37.58
C TYR E 31 -2.17 13.49 38.39
N VAL E 32 -2.05 13.60 39.72
CA VAL E 32 -3.20 13.45 40.62
C VAL E 32 -3.54 14.78 41.26
N HIS E 33 -4.82 14.97 41.57
CA HIS E 33 -5.29 16.17 42.24
C HIS E 33 -6.04 15.77 43.51
N TRP E 34 -6.20 16.73 44.42
CA TRP E 34 -6.90 16.46 45.66
C TRP E 34 -7.94 17.53 45.87
N TYR E 35 -9.20 17.10 46.03
CA TYR E 35 -10.33 17.99 46.27
C TYR E 35 -10.85 17.70 47.66
N GLN E 36 -10.95 18.76 48.47
CA GLN E 36 -11.55 18.77 49.80
C GLN E 36 -12.95 19.34 49.68
N GLN E 37 -13.95 18.63 50.23
CA GLN E 37 -15.35 19.08 50.18
C GLN E 37 -15.99 18.99 51.56
N LYS E 38 -16.42 20.15 52.11
CA LYS E 38 -17.14 20.13 53.38
C LYS E 38 -18.64 19.93 53.14
N PRO E 39 -19.39 19.52 54.17
CA PRO E 39 -20.81 19.22 53.97
C PRO E 39 -21.55 20.38 53.33
N GLY E 40 -22.22 20.09 52.22
CA GLY E 40 -23.03 21.08 51.53
C GLY E 40 -22.26 22.25 50.99
N GLN E 41 -21.10 21.98 50.37
CA GLN E 41 -20.25 23.00 49.79
C GLN E 41 -19.58 22.42 48.55
N ALA E 42 -19.33 23.27 47.56
CA ALA E 42 -18.52 22.83 46.44
C ALA E 42 -17.16 22.38 46.93
N PRO E 43 -16.48 21.50 46.19
CA PRO E 43 -15.13 21.11 46.58
C PRO E 43 -14.17 22.27 46.43
N VAL E 44 -12.98 22.10 46.99
CA VAL E 44 -11.90 23.08 46.89
C VAL E 44 -10.61 22.34 46.58
N LEU E 45 -9.95 22.72 45.48
CA LEU E 45 -8.65 22.16 45.10
C LEU E 45 -7.59 22.45 46.15
N VAL E 46 -6.98 21.40 46.69
CA VAL E 46 -5.98 21.61 47.73
C VAL E 46 -4.58 21.17 47.30
N ILE E 47 -4.50 20.22 46.37
CA ILE E 47 -3.23 19.79 45.78
C ILE E 47 -3.51 19.50 44.32
N TYR E 48 -2.70 20.07 43.43
CA TYR E 48 -2.87 19.80 42.01
C TYR E 48 -1.55 19.38 41.38
N GLU E 49 -1.63 18.61 40.31
CA GLU E 49 -0.50 18.01 39.61
C GLU E 49 0.31 17.11 40.55
N ASP E 50 -0.30 16.64 41.62
CA ASP E 50 -0.03 15.69 42.69
C ASP E 50 1.01 16.14 43.73
N SER E 51 1.66 17.30 43.60
CA SER E 51 2.69 17.56 44.61
C SER E 51 2.49 18.86 45.40
N GLU E 52 2.17 19.98 44.74
CA GLU E 52 2.15 21.26 45.45
C GLU E 52 0.79 21.96 45.40
N ARG E 53 0.60 22.79 46.43
CA ARG E 53 -0.66 23.40 46.85
C ARG E 53 -0.96 24.43 45.76
N PRO E 54 -2.21 24.91 45.66
CA PRO E 54 -2.54 26.01 44.80
C PRO E 54 -2.23 27.07 45.85
N SER E 55 -2.64 28.28 45.54
CA SER E 55 -2.45 29.41 46.41
C SER E 55 -3.45 29.64 47.52
N GLY E 56 -2.97 29.98 48.70
CA GLY E 56 -3.84 30.19 49.81
C GLY E 56 -4.21 28.95 50.57
N ILE E 57 -4.06 27.77 49.97
CA ILE E 57 -4.26 26.54 50.74
C ILE E 57 -3.11 26.39 51.71
N PRO E 58 -3.35 26.09 52.98
CA PRO E 58 -2.27 26.08 53.96
C PRO E 58 -1.21 25.02 53.69
N GLU E 59 -0.02 25.25 54.27
CA GLU E 59 1.12 24.36 54.10
C GLU E 59 0.92 22.99 54.72
N ARG E 60 -0.04 22.85 55.66
CA ARG E 60 -0.27 21.56 56.29
C ARG E 60 -0.58 20.47 55.26
N PHE E 61 -1.15 20.86 54.13
CA PHE E 61 -1.51 19.93 53.08
C PHE E 61 -0.34 19.70 52.16
N SER E 62 -0.21 18.46 51.69
CA SER E 62 0.90 18.08 50.83
C SER E 62 0.57 16.75 50.19
N GLY E 63 1.10 16.54 48.98
CA GLY E 63 0.80 15.35 48.22
C GLY E 63 2.04 14.73 47.62
N SER E 64 1.93 13.44 47.35
CA SER E 64 2.99 12.68 46.71
C SER E 64 2.38 11.65 45.77
N ASN E 65 3.25 11.02 44.96
CA ASN E 65 2.81 10.01 43.99
C ASN E 65 4.00 9.10 43.69
N SER E 66 3.88 7.82 44.08
CA SER E 66 4.93 6.83 43.89
C SER E 66 4.32 5.46 43.62
N GLY E 67 4.98 4.70 42.76
CA GLY E 67 4.56 3.33 42.50
C GLY E 67 3.15 3.25 41.93
N ASN E 68 2.26 2.61 42.68
CA ASN E 68 0.88 2.48 42.25
C ASN E 68 -0.08 3.10 43.25
N THR E 69 0.43 4.00 44.12
CA THR E 69 -0.37 4.63 45.16
C THR E 69 0.06 6.08 45.35
N ALA E 70 -0.92 6.98 45.55
CA ALA E 70 -0.69 8.41 45.75
C ALA E 70 -1.38 8.86 47.03
N THR E 71 -0.65 9.59 47.89
CA THR E 71 -1.07 9.86 49.26
C THR E 71 -1.14 11.36 49.53
N LEU E 72 -2.27 11.81 50.11
CA LEU E 72 -2.43 13.18 50.60
C LEU E 72 -2.15 13.24 52.10
N THR E 73 -1.27 14.15 52.52
CA THR E 73 -0.81 14.20 53.90
C THR E 73 -1.19 15.54 54.51
N ILE E 74 -1.73 15.49 55.73
CA ILE E 74 -2.18 16.68 56.46
C ILE E 74 -1.48 16.66 57.81
N SER E 75 -0.32 17.30 57.90
CA SER E 75 0.36 17.44 59.16
C SER E 75 -0.39 18.41 60.06
N GLY E 76 -0.24 18.21 61.37
CA GLY E 76 -0.84 19.10 62.34
C GLY E 76 -2.32 19.34 62.10
N THR E 77 -3.07 18.25 62.04
CA THR E 77 -4.47 18.31 61.65
C THR E 77 -5.27 19.17 62.61
N GLN E 78 -6.09 20.05 62.05
CA GLN E 78 -6.98 20.91 62.81
C GLN E 78 -8.42 20.41 62.68
N ALA E 79 -9.34 21.08 63.39
CA ALA E 79 -10.74 20.69 63.33
C ALA E 79 -11.35 20.99 61.96
N GLU E 80 -10.94 22.08 61.31
CA GLU E 80 -11.56 22.46 60.04
C GLU E 80 -11.37 21.40 58.97
N ASP E 81 -10.24 20.70 59.01
CA ASP E 81 -9.87 19.71 58.00
C ASP E 81 -10.80 18.49 58.00
N GLU E 82 -11.82 18.45 58.86
CA GLU E 82 -12.80 17.36 58.84
C GLU E 82 -13.71 17.58 57.65
N ALA E 83 -13.62 16.70 56.67
CA ALA E 83 -14.32 16.81 55.39
C ALA E 83 -14.13 15.50 54.64
N ASP E 84 -14.64 15.45 53.42
CA ASP E 84 -14.37 14.36 52.50
C ASP E 84 -13.25 14.77 51.56
N TYR E 85 -12.45 13.78 51.15
CA TYR E 85 -11.31 14.02 50.27
C TYR E 85 -11.41 13.12 49.05
N TYR E 86 -11.27 13.73 47.87
CA TYR E 86 -11.32 13.02 46.59
C TYR E 86 -9.99 13.22 45.84
N CYS E 87 -9.49 12.14 45.26
CA CYS E 87 -8.38 12.19 44.32
C CYS E 87 -8.90 12.02 42.90
N SER E 88 -8.16 12.58 41.96
CA SER E 88 -8.61 12.66 40.58
C SER E 88 -7.41 12.65 39.64
N SER E 89 -7.70 12.40 38.36
CA SER E 89 -6.79 12.59 37.23
C SER E 89 -7.66 12.52 35.97
N TYR E 90 -7.07 12.73 34.81
CA TYR E 90 -7.85 12.65 33.58
C TYR E 90 -7.21 11.56 32.74
N ASP E 91 -8.03 10.74 32.09
CA ASP E 91 -7.54 9.70 31.19
C ASP E 91 -8.32 10.53 30.17
N ASP E 92 -8.31 10.02 29.00
CA ASP E 92 -8.84 10.51 27.72
C ASP E 92 -10.35 10.68 27.57
N PRO E 93 -11.30 9.66 27.75
CA PRO E 93 -12.66 9.96 27.25
C PRO E 93 -13.12 10.89 28.37
N ASN E 94 -12.66 10.56 29.59
CA ASN E 94 -13.03 11.29 30.80
C ASN E 94 -11.89 12.23 31.15
N PHE E 95 -12.16 13.53 31.06
CA PHE E 95 -11.24 14.58 31.42
C PHE E 95 -11.29 14.89 32.91
N GLN E 96 -12.01 14.05 33.66
CA GLN E 96 -11.87 14.01 35.10
C GLN E 96 -12.36 12.63 35.57
N VAL E 97 -11.50 11.92 36.29
CA VAL E 97 -11.81 10.65 36.94
C VAL E 97 -11.61 10.85 38.42
N PHE E 98 -12.57 10.40 39.23
CA PHE E 98 -12.55 10.63 40.66
C PHE E 98 -12.46 9.32 41.40
N GLY E 99 -11.79 9.37 42.54
CA GLY E 99 -11.87 8.29 43.49
C GLY E 99 -13.22 8.28 44.18
N GLY E 100 -13.37 7.28 45.07
CA GLY E 100 -14.60 7.12 45.82
C GLY E 100 -14.85 8.22 46.83
N GLY E 101 -13.83 8.97 47.21
CA GLY E 101 -13.94 9.88 48.32
C GLY E 101 -13.57 9.15 49.59
N THR E 102 -12.88 9.86 50.50
CA THR E 102 -12.52 9.39 51.84
C THR E 102 -12.98 10.42 52.87
N LYS E 103 -13.70 9.95 53.89
CA LYS E 103 -14.23 10.81 54.95
C LYS E 103 -13.24 10.88 56.09
N LEU E 104 -12.67 12.06 56.31
CA LEU E 104 -11.68 12.30 57.35
C LEU E 104 -12.36 12.86 58.58
N THR E 105 -12.13 12.23 59.71
CA THR E 105 -12.72 12.60 60.98
C THR E 105 -11.61 13.03 61.91
N VAL E 106 -11.89 13.94 62.81
CA VAL E 106 -10.88 14.36 63.76
C VAL E 106 -11.47 14.38 65.17
N LYS E 107 -10.74 13.88 66.16
CA LYS E 107 -11.21 13.84 67.53
C LYS E 107 -11.16 15.18 68.23
N GLN F 1 -10.77 38.70 41.38
CA GLN F 1 -10.63 37.25 41.38
C GLN F 1 -11.72 36.59 40.51
N VAL F 2 -11.48 35.36 40.07
CA VAL F 2 -12.39 34.64 39.19
C VAL F 2 -13.45 33.92 40.02
N GLN F 3 -14.68 33.90 39.49
CA GLN F 3 -15.82 33.37 40.23
C GLN F 3 -16.93 32.96 39.28
N LEU F 4 -17.51 31.78 39.54
CA LEU F 4 -18.48 31.15 38.66
C LEU F 4 -19.83 31.12 39.38
N GLN F 5 -20.90 31.52 38.68
CA GLN F 5 -22.23 31.67 39.29
C GLN F 5 -23.28 30.93 38.48
N GLN F 6 -23.83 29.85 39.06
CA GLN F 6 -24.79 29.02 38.36
C GLN F 6 -26.18 29.64 38.43
N SER F 7 -27.05 29.22 37.52
CA SER F 7 -28.40 29.75 37.45
C SER F 7 -29.25 28.83 36.58
N GLY F 8 -30.48 28.55 37.04
CA GLY F 8 -31.40 27.74 36.28
C GLY F 8 -32.44 27.02 37.12
N PRO F 9 -33.43 26.42 36.47
CA PRO F 9 -34.52 25.75 37.19
C PRO F 9 -34.02 24.56 38.01
N GLY F 10 -34.32 24.62 39.32
CA GLY F 10 -33.98 23.55 40.25
C GLY F 10 -35.01 22.45 40.38
N LEU F 11 -36.18 22.63 39.78
CA LEU F 11 -37.21 21.61 39.69
C LEU F 11 -37.47 21.35 38.22
N VAL F 12 -37.23 20.11 37.79
CA VAL F 12 -37.42 19.71 36.41
C VAL F 12 -38.19 18.39 36.41
N LYS F 13 -39.14 18.27 35.50
CA LYS F 13 -40.03 17.12 35.47
C LYS F 13 -39.40 15.96 34.69
N PRO F 14 -39.75 14.72 34.97
CA PRO F 14 -39.20 13.60 34.19
C PRO F 14 -39.55 13.72 32.72
N SER F 15 -38.69 13.13 31.89
CA SER F 15 -38.78 13.13 30.42
C SER F 15 -38.56 14.52 29.83
N GLN F 16 -38.42 15.52 30.68
CA GLN F 16 -38.23 16.91 30.30
C GLN F 16 -36.73 17.16 30.16
N THR F 17 -36.31 18.40 29.96
CA THR F 17 -34.90 18.70 29.76
C THR F 17 -34.37 19.62 30.86
N LEU F 18 -33.28 19.20 31.50
CA LEU F 18 -32.57 20.01 32.50
C LEU F 18 -31.74 21.08 31.80
N SER F 19 -31.75 22.29 32.33
CA SER F 19 -31.02 23.40 31.72
C SER F 19 -30.40 24.32 32.77
N LEU F 20 -29.06 24.42 32.78
CA LEU F 20 -28.34 25.30 33.70
C LEU F 20 -27.32 26.17 32.96
N THR F 21 -26.78 27.18 33.65
CA THR F 21 -25.92 28.22 33.07
C THR F 21 -24.86 28.68 34.07
N CYS F 22 -23.59 28.58 33.70
CA CYS F 22 -22.49 29.08 34.53
C CYS F 22 -22.02 30.42 33.99
N ALA F 23 -22.02 31.43 34.84
CA ALA F 23 -21.68 32.79 34.47
C ALA F 23 -20.33 33.15 35.06
N ILE F 24 -19.38 33.41 34.20
CA ILE F 24 -17.99 33.60 34.60
C ILE F 24 -17.75 35.07 34.87
N SER F 25 -16.89 35.37 35.85
CA SER F 25 -16.49 36.74 36.13
C SER F 25 -15.05 36.72 36.64
N GLY F 26 -14.19 37.51 36.02
CA GLY F 26 -12.76 37.48 36.33
C GLY F 26 -11.92 36.58 35.45
N ASP F 27 -12.43 36.18 34.28
CA ASP F 27 -11.85 35.20 33.37
C ASP F 27 -12.72 35.11 32.12
N SER F 28 -12.15 34.83 30.95
CA SER F 28 -12.94 34.73 29.73
C SER F 28 -13.32 33.27 29.44
N VAL F 29 -14.48 33.09 28.82
CA VAL F 29 -14.87 31.73 28.42
C VAL F 29 -14.10 31.31 27.18
N SER F 30 -13.83 32.28 26.29
CA SER F 30 -13.03 32.06 25.08
C SER F 30 -11.54 32.12 25.38
N SER F 31 -11.16 32.37 26.63
CA SER F 31 -9.76 32.39 26.99
C SER F 31 -9.15 31.00 26.84
N ASN F 32 -7.84 31.00 26.72
CA ASN F 32 -7.02 29.83 26.74
C ASN F 32 -6.66 29.57 28.21
N SER F 33 -5.76 28.62 28.44
CA SER F 33 -5.19 28.31 29.74
C SER F 33 -6.20 27.57 30.61
N ALA F 34 -7.35 27.17 30.06
CA ALA F 34 -8.42 26.56 30.85
C ALA F 34 -9.55 26.11 29.93
N ALA F 35 -10.31 25.13 30.43
CA ALA F 35 -11.51 24.60 29.80
C ALA F 35 -12.66 24.73 30.79
N TRP F 36 -13.89 24.44 30.32
CA TRP F 36 -15.09 24.60 31.12
C TRP F 36 -15.94 23.34 30.98
N GLY F 37 -16.57 22.93 32.06
CA GLY F 37 -17.38 21.73 32.03
C GLY F 37 -18.28 21.63 33.25
N TRP F 38 -18.80 20.42 33.52
CA TRP F 38 -19.79 20.22 34.56
C TRP F 38 -19.53 18.95 35.34
N ILE F 39 -19.83 18.99 36.65
CA ILE F 39 -19.64 17.86 37.57
C ILE F 39 -20.94 17.65 38.36
N ARG F 40 -21.47 16.45 38.31
CA ARG F 40 -22.71 16.07 38.97
C ARG F 40 -22.37 15.22 40.18
N GLN F 41 -23.13 15.37 41.26
CA GLN F 41 -22.92 14.62 42.49
C GLN F 41 -24.27 14.13 43.00
N SER F 42 -24.55 12.86 42.79
CA SER F 42 -25.75 12.28 43.36
C SER F 42 -25.69 12.32 44.89
N PRO F 43 -26.78 12.65 45.57
CA PRO F 43 -26.73 12.77 47.03
C PRO F 43 -26.40 11.47 47.75
N GLY F 44 -26.45 10.33 47.08
CA GLY F 44 -26.15 9.07 47.73
C GLY F 44 -24.67 8.74 47.79
N ARG F 45 -24.15 8.23 46.71
CA ARG F 45 -22.72 7.97 46.66
C ARG F 45 -22.26 8.36 45.27
N GLY F 46 -21.13 9.06 45.21
CA GLY F 46 -20.55 9.28 43.92
C GLY F 46 -20.48 10.69 43.42
N LEU F 47 -19.28 11.24 43.39
CA LEU F 47 -18.98 12.53 42.76
C LEU F 47 -18.46 12.27 41.33
N GLU F 48 -19.29 12.46 40.29
CA GLU F 48 -18.92 12.00 38.95
C GLU F 48 -18.85 13.12 37.92
N TRP F 49 -18.11 12.86 36.84
CA TRP F 49 -17.81 13.84 35.80
C TRP F 49 -18.79 13.74 34.64
N LEU F 50 -19.13 14.89 34.06
CA LEU F 50 -20.13 14.99 33.00
C LEU F 50 -19.53 15.28 31.63
N GLY F 51 -18.81 16.38 31.47
CA GLY F 51 -18.30 16.76 30.15
C GLY F 51 -17.71 18.15 30.20
N ILE F 52 -17.02 18.52 29.11
CA ILE F 52 -16.33 19.80 29.04
C ILE F 52 -16.37 20.36 27.62
N ILE F 53 -16.05 21.64 27.51
CA ILE F 53 -15.75 22.29 26.24
C ILE F 53 -14.37 22.92 26.34
N GLN F 54 -13.73 23.12 25.19
CA GLN F 54 -12.41 23.74 25.09
C GLN F 54 -12.16 24.11 23.64
N LYS F 55 -11.33 25.12 23.42
CA LYS F 55 -11.13 25.65 22.07
C LYS F 55 -9.65 25.65 21.68
N ARG F 56 -9.37 25.21 20.44
CA ARG F 56 -8.02 25.25 19.89
C ARG F 56 -8.01 26.04 18.59
N SER F 57 -8.60 25.48 17.52
CA SER F 57 -9.00 26.22 16.34
C SER F 57 -10.52 26.44 16.31
N LYS F 58 -11.28 25.44 16.75
CA LYS F 58 -12.73 25.43 16.87
C LYS F 58 -13.11 25.16 18.33
N TRP F 59 -14.40 25.08 18.61
CA TRP F 59 -14.88 24.69 19.93
C TRP F 59 -15.18 23.20 19.91
N TYR F 60 -14.55 22.45 20.81
CA TYR F 60 -14.75 21.01 20.93
C TYR F 60 -15.32 20.69 22.31
N ASN F 61 -16.07 19.58 22.39
CA ASN F 61 -16.73 19.18 23.63
C ASN F 61 -16.67 17.67 23.84
N ASN F 62 -16.04 17.25 24.94
CA ASN F 62 -15.84 15.85 25.28
C ASN F 62 -16.77 15.50 26.42
N TYR F 63 -17.76 14.68 26.13
CA TYR F 63 -18.71 14.28 27.14
C TYR F 63 -18.34 12.90 27.66
N ALA F 64 -18.74 12.61 28.88
CA ALA F 64 -18.48 11.29 29.42
C ALA F 64 -19.47 10.33 28.81
N VAL F 65 -19.02 9.11 28.57
CA VAL F 65 -19.93 8.05 28.16
C VAL F 65 -20.88 8.24 29.33
N LYS F 66 -22.05 7.59 29.28
CA LYS F 66 -23.23 7.72 30.16
C LYS F 66 -24.16 8.91 29.99
N VAL F 67 -23.76 9.93 29.24
CA VAL F 67 -24.66 11.06 29.04
C VAL F 67 -24.31 11.53 27.65
N LYS F 68 -23.48 10.74 26.98
CA LYS F 68 -23.03 11.05 25.64
C LYS F 68 -24.19 11.21 24.65
N SER F 69 -25.40 10.82 25.03
CA SER F 69 -26.55 10.92 24.15
C SER F 69 -27.57 11.96 24.62
N LYS F 70 -27.34 12.60 25.78
CA LYS F 70 -28.31 13.54 26.34
C LYS F 70 -27.72 14.92 26.65
N ILE F 71 -26.44 15.01 26.91
CA ILE F 71 -25.86 16.24 27.42
C ILE F 71 -25.58 17.22 26.27
N THR F 72 -25.56 18.52 26.59
CA THR F 72 -25.26 19.59 25.63
C THR F 72 -24.48 20.69 26.36
N ILE F 73 -23.18 20.78 26.11
CA ILE F 73 -22.36 21.87 26.63
C ILE F 73 -21.78 22.66 25.47
N ASN F 74 -21.97 23.99 25.50
CA ASN F 74 -21.40 24.89 24.52
C ASN F 74 -21.38 26.30 25.08
N PRO F 75 -20.46 27.14 24.61
CA PRO F 75 -20.32 28.48 25.17
C PRO F 75 -21.12 29.54 24.40
N ASP F 76 -21.24 30.69 25.04
CA ASP F 76 -21.89 31.87 24.49
C ASP F 76 -20.96 33.04 24.80
N THR F 77 -20.02 33.30 23.89
CA THR F 77 -19.00 34.31 24.12
C THR F 77 -19.59 35.70 24.30
N SER F 78 -20.72 35.97 23.63
CA SER F 78 -21.31 37.31 23.71
C SER F 78 -21.71 37.68 25.13
N LYS F 79 -22.03 36.68 25.97
CA LYS F 79 -22.41 36.90 27.36
C LYS F 79 -21.35 36.44 28.35
N ASN F 80 -20.31 35.75 27.88
CA ASN F 80 -19.24 35.17 28.73
C ASN F 80 -19.75 34.05 29.63
N GLN F 81 -20.48 33.09 29.06
CA GLN F 81 -20.98 32.00 29.88
C GLN F 81 -21.22 30.76 29.03
N PHE F 82 -21.20 29.60 29.69
CA PHE F 82 -21.50 28.32 29.04
C PHE F 82 -22.68 27.65 29.74
N SER F 83 -23.26 26.66 29.06
CA SER F 83 -24.56 26.10 29.41
C SER F 83 -24.50 24.59 29.54
N LEU F 84 -25.42 24.04 30.33
CA LEU F 84 -25.57 22.59 30.46
C LEU F 84 -27.01 22.21 30.21
N GLN F 85 -27.22 21.18 29.39
CA GLN F 85 -28.56 20.70 29.08
C GLN F 85 -28.56 19.17 28.99
N LEU F 86 -29.55 18.54 29.62
CA LEU F 86 -29.76 17.09 29.53
C LEU F 86 -31.20 16.80 29.13
N SER F 87 -31.39 15.89 28.18
CA SER F 87 -32.74 15.57 27.70
C SER F 87 -33.18 14.23 28.28
N SER F 88 -34.49 14.06 28.33
CA SER F 88 -35.09 12.81 28.81
C SER F 88 -34.53 12.46 30.18
N VAL F 89 -34.46 13.46 31.07
CA VAL F 89 -33.95 13.25 32.41
C VAL F 89 -34.90 12.33 33.17
N THR F 90 -34.34 11.39 33.88
CA THR F 90 -35.08 10.49 34.76
C THR F 90 -34.86 10.92 36.20
N PRO F 91 -35.59 10.34 37.16
CA PRO F 91 -35.29 10.64 38.57
C PRO F 91 -33.88 10.27 38.99
N GLU F 92 -33.21 9.39 38.24
CA GLU F 92 -31.81 9.07 38.51
C GLU F 92 -30.90 10.30 38.43
N ASP F 93 -31.32 11.34 37.71
CA ASP F 93 -30.51 12.53 37.49
C ASP F 93 -30.68 13.61 38.56
N THR F 94 -31.48 13.38 39.60
CA THR F 94 -31.59 14.35 40.69
C THR F 94 -30.25 14.46 41.40
N ALA F 95 -29.66 15.64 41.38
CA ALA F 95 -28.33 15.78 41.99
C ALA F 95 -27.98 17.27 42.06
N VAL F 96 -26.80 17.55 42.64
CA VAL F 96 -26.21 18.88 42.66
C VAL F 96 -25.25 18.97 41.48
N TYR F 97 -25.40 20.02 40.69
CA TYR F 97 -24.62 20.20 39.47
C TYR F 97 -23.63 21.34 39.69
N TYR F 98 -22.35 21.07 39.45
CA TYR F 98 -21.29 22.06 39.63
C TYR F 98 -20.66 22.40 38.29
N CYS F 99 -20.55 23.69 38.00
CA CYS F 99 -19.74 24.14 36.89
C CYS F 99 -18.32 24.37 37.39
N ALA F 100 -17.37 24.17 36.48
CA ALA F 100 -15.98 24.04 36.89
C ALA F 100 -15.04 24.49 35.80
N ARG F 101 -13.94 25.12 36.23
CA ARG F 101 -12.87 25.56 35.35
C ARG F 101 -11.73 24.57 35.48
N TYR F 102 -11.64 23.66 34.51
CA TYR F 102 -10.45 22.85 34.27
C TYR F 102 -9.41 23.71 33.58
N SER F 103 -8.18 23.70 34.09
CA SER F 103 -7.11 24.48 33.51
C SER F 103 -5.97 23.57 33.10
N TYR F 104 -5.25 23.99 32.06
CA TYR F 104 -4.12 23.25 31.53
C TYR F 104 -2.90 23.49 32.40
N PRO F 105 -1.92 22.56 32.38
CA PRO F 105 -1.75 21.39 31.50
C PRO F 105 -2.61 20.16 31.78
N PHE F 106 -2.82 19.76 33.03
CA PHE F 106 -3.38 18.45 33.32
C PHE F 106 -4.75 18.49 33.99
N TYR F 107 -5.58 19.44 33.56
CA TYR F 107 -7.03 19.41 33.81
C TYR F 107 -7.34 19.29 35.29
N SER F 108 -6.66 20.10 36.11
CA SER F 108 -7.03 20.33 37.51
C SER F 108 -8.07 21.43 37.54
N ILE F 109 -9.02 21.33 38.47
CA ILE F 109 -10.20 22.19 38.51
C ILE F 109 -9.93 23.32 39.52
N ASP F 110 -9.36 24.43 39.04
CA ASP F 110 -8.93 25.46 39.99
C ASP F 110 -10.12 26.10 40.68
N TYR F 111 -11.22 26.27 39.96
CA TYR F 111 -12.38 27.02 40.43
C TYR F 111 -13.67 26.28 40.09
N TRP F 112 -14.57 26.21 41.06
CA TRP F 112 -15.85 25.54 40.97
C TRP F 112 -16.99 26.53 41.05
N GLY F 113 -18.19 26.07 40.69
CA GLY F 113 -19.41 26.81 40.88
C GLY F 113 -20.03 26.62 42.25
N GLN F 114 -21.04 27.44 42.54
CA GLN F 114 -21.72 27.42 43.83
C GLN F 114 -22.55 26.14 44.05
N GLY F 115 -22.82 25.36 43.00
CA GLY F 115 -23.66 24.18 43.13
C GLY F 115 -25.11 24.58 42.94
N THR F 116 -25.89 23.78 42.19
CA THR F 116 -27.33 23.99 42.02
C THR F 116 -28.02 22.63 42.13
N LEU F 117 -28.86 22.48 43.14
CA LEU F 117 -29.63 21.24 43.25
C LEU F 117 -30.69 21.22 42.17
N VAL F 118 -30.73 20.14 41.40
CA VAL F 118 -31.80 19.92 40.45
C VAL F 118 -32.48 18.61 40.78
N THR F 119 -33.81 18.65 40.91
CA THR F 119 -34.62 17.52 41.31
C THR F 119 -35.52 17.12 40.16
N VAL F 120 -35.50 15.82 39.82
CA VAL F 120 -36.33 15.29 38.74
C VAL F 120 -37.48 14.50 39.34
N SER F 121 -38.58 15.21 39.58
CA SER F 121 -39.78 14.63 40.16
C SER F 121 -41.06 15.25 39.61
N SER F 122 -42.18 14.61 39.93
CA SER F 122 -43.50 15.06 39.50
C SER F 122 -44.42 15.20 40.71
N GLN G 1 -73.00 21.11 -9.41
CA GLN G 1 -71.59 21.45 -9.54
C GLN G 1 -70.89 21.29 -8.21
N VAL G 2 -70.76 20.06 -7.74
CA VAL G 2 -70.03 19.76 -6.52
C VAL G 2 -69.03 18.64 -6.81
N GLN G 3 -67.84 19.01 -7.24
CA GLN G 3 -66.81 18.04 -7.54
C GLN G 3 -65.72 18.03 -6.47
N LEU G 4 -64.79 17.08 -6.62
CA LEU G 4 -63.73 16.91 -5.64
C LEU G 4 -62.47 16.41 -6.35
N LYS G 5 -61.31 16.81 -5.82
CA LYS G 5 -60.04 16.51 -6.46
C LYS G 5 -59.03 15.95 -5.46
N GLU G 6 -58.29 14.91 -5.90
CA GLU G 6 -57.28 14.27 -5.08
C GLU G 6 -55.91 14.94 -5.26
N SER G 7 -54.98 14.57 -4.39
CA SER G 7 -53.61 15.07 -4.45
C SER G 7 -52.78 14.30 -3.44
N GLY G 8 -51.49 14.19 -3.72
CA GLY G 8 -50.54 13.60 -2.80
C GLY G 8 -49.29 13.03 -3.46
N PRO G 9 -48.62 12.11 -2.75
CA PRO G 9 -47.42 11.49 -3.32
C PRO G 9 -47.75 10.62 -4.52
N GLY G 10 -46.88 10.68 -5.53
CA GLY G 10 -46.96 9.81 -6.69
C GLY G 10 -46.09 8.57 -6.55
N LEU G 11 -45.16 8.61 -5.60
CA LEU G 11 -44.23 7.52 -5.33
C LEU G 11 -44.09 7.32 -3.83
N VAL G 12 -44.18 6.06 -3.38
CA VAL G 12 -43.95 5.71 -1.98
C VAL G 12 -43.15 4.42 -1.91
N ARG G 13 -42.09 4.39 -1.02
CA ARG G 13 -41.22 3.23 -0.85
C ARG G 13 -41.93 2.17 0.01
N PRO G 14 -41.80 0.89 -0.34
CA PRO G 14 -42.58 -0.18 0.32
C PRO G 14 -42.42 -0.26 1.84
N SER G 15 -43.34 -1.04 2.43
CA SER G 15 -43.47 -1.29 3.86
C SER G 15 -43.54 0.02 4.67
N GLN G 16 -43.86 1.11 4.00
CA GLN G 16 -43.99 2.45 4.57
C GLN G 16 -45.50 2.78 4.57
N SER G 17 -45.87 4.04 4.78
CA SER G 17 -47.29 4.41 4.81
C SER G 17 -47.62 5.45 3.75
N LEU G 18 -48.81 5.33 3.13
CA LEU G 18 -49.29 6.28 2.13
C LEU G 18 -50.36 7.20 2.70
N SER G 19 -50.33 8.45 2.24
CA SER G 19 -51.35 9.42 2.61
C SER G 19 -51.74 10.24 1.40
N LEU G 20 -53.06 10.48 1.26
CA LEU G 20 -53.64 11.32 0.20
C LEU G 20 -54.69 12.25 0.78
N THR G 21 -54.85 13.39 0.12
CA THR G 21 -55.79 14.42 0.52
C THR G 21 -56.77 14.66 -0.62
N CYS G 22 -58.07 14.73 -0.29
CA CYS G 22 -59.11 15.05 -1.25
C CYS G 22 -59.84 16.31 -0.80
N SER G 23 -59.67 17.41 -1.54
CA SER G 23 -60.46 18.61 -1.34
C SER G 23 -61.81 18.47 -2.01
N VAL G 24 -62.80 19.16 -1.43
CA VAL G 24 -64.16 19.18 -1.97
C VAL G 24 -64.61 20.62 -2.09
N THR G 25 -65.15 20.99 -3.25
CA THR G 25 -65.60 22.34 -3.49
C THR G 25 -67.06 22.34 -3.91
N GLY G 26 -67.78 23.38 -3.50
CA GLY G 26 -69.20 23.48 -3.81
C GLY G 26 -70.10 23.08 -2.66
N TYR G 27 -69.65 22.19 -1.77
CA TYR G 27 -70.50 21.58 -0.76
C TYR G 27 -69.67 21.16 0.44
N SER G 28 -70.09 21.56 1.65
CA SER G 28 -69.31 21.25 2.84
C SER G 28 -69.37 19.75 3.17
N ILE G 29 -68.21 19.18 3.50
CA ILE G 29 -68.08 17.76 3.77
C ILE G 29 -68.80 17.37 5.04
N THR G 30 -69.34 18.36 5.73
CA THR G 30 -70.10 18.11 6.95
C THR G 30 -71.61 18.30 6.78
N SER G 31 -72.08 18.68 5.59
CA SER G 31 -73.52 18.86 5.43
C SER G 31 -74.22 17.51 5.25
N GLY G 32 -73.66 16.60 4.45
CA GLY G 32 -74.32 15.33 4.19
C GLY G 32 -73.54 14.18 3.53
N TYR G 33 -74.30 13.26 2.95
CA TYR G 33 -73.83 12.11 2.17
C TYR G 33 -72.80 11.27 2.94
N TYR G 34 -71.75 10.78 2.26
CA TYR G 34 -70.70 9.89 2.73
C TYR G 34 -69.56 10.15 1.77
N TRP G 35 -68.34 10.06 2.26
CA TRP G 35 -67.17 10.53 1.53
C TRP G 35 -66.16 9.41 1.44
N ASN G 36 -66.02 8.84 0.25
CA ASN G 36 -65.39 7.54 0.06
C ASN G 36 -63.99 7.66 -0.54
N TRP G 37 -63.29 6.53 -0.48
CA TRP G 37 -61.95 6.35 -1.04
C TRP G 37 -62.00 5.05 -1.83
N ILE G 38 -61.93 5.14 -3.14
CA ILE G 38 -62.04 3.99 -4.02
C ILE G 38 -60.77 3.87 -4.84
N ARG G 39 -60.19 2.69 -4.87
CA ARG G 39 -59.01 2.47 -5.67
C ARG G 39 -59.31 1.56 -6.87
N GLN G 40 -58.44 1.66 -7.87
CA GLN G 40 -58.49 0.83 -9.06
C GLN G 40 -57.11 0.20 -9.29
N PHE G 41 -56.99 -1.11 -8.98
CA PHE G 41 -55.84 -1.98 -9.24
C PHE G 41 -55.40 -1.82 -10.70
N PRO G 42 -54.21 -2.30 -11.08
CA PRO G 42 -53.77 -2.11 -12.47
C PRO G 42 -54.66 -2.79 -13.51
N GLY G 43 -55.16 -3.99 -13.23
CA GLY G 43 -56.00 -4.71 -14.17
C GLY G 43 -57.44 -4.21 -14.29
N ASN G 44 -57.65 -2.92 -13.99
CA ASN G 44 -58.95 -2.24 -14.04
C ASN G 44 -59.93 -2.73 -12.99
N LYS G 45 -59.52 -3.55 -12.03
CA LYS G 45 -60.39 -3.95 -10.93
C LYS G 45 -60.59 -2.80 -9.95
N LEU G 46 -61.78 -2.70 -9.38
CA LEU G 46 -62.13 -1.61 -8.50
C LEU G 46 -62.33 -2.11 -7.07
N GLU G 47 -62.03 -1.23 -6.09
CA GLU G 47 -62.21 -1.62 -4.69
C GLU G 47 -62.41 -0.39 -3.83
N TRP G 48 -63.56 -0.34 -3.16
CA TRP G 48 -63.86 0.69 -2.18
C TRP G 48 -63.02 0.45 -0.93
N MET G 49 -62.39 1.51 -0.41
CA MET G 49 -61.54 1.37 0.77
C MET G 49 -62.24 1.71 2.07
N GLY G 50 -63.11 2.72 2.06
CA GLY G 50 -63.82 3.17 3.25
C GLY G 50 -64.45 4.52 2.99
N TYR G 51 -65.24 4.97 3.96
CA TYR G 51 -65.86 6.30 3.86
C TYR G 51 -65.65 7.06 5.16
N ILE G 52 -66.16 8.30 5.16
CA ILE G 52 -66.20 9.20 6.31
C ILE G 52 -67.51 10.01 6.19
N SER G 53 -68.49 9.71 7.06
CA SER G 53 -69.84 10.28 6.89
C SER G 53 -69.85 11.78 7.18
N TYR G 54 -71.01 12.39 6.98
CA TYR G 54 -71.12 13.82 7.25
C TYR G 54 -70.86 14.14 8.72
N ASP G 55 -71.11 13.19 9.61
CA ASP G 55 -71.02 13.41 11.04
C ASP G 55 -69.68 13.00 11.63
N GLY G 56 -68.85 12.28 10.87
CA GLY G 56 -67.58 11.79 11.34
C GLY G 56 -67.50 10.29 11.56
N SER G 57 -68.62 9.60 11.77
CA SER G 57 -68.50 8.20 12.16
C SER G 57 -68.32 7.36 10.90
N ASN G 58 -67.11 6.88 10.70
CA ASN G 58 -66.72 6.27 9.43
C ASN G 58 -66.67 4.74 9.50
N ASN G 59 -66.59 4.15 8.31
CA ASN G 59 -66.57 2.70 8.13
C ASN G 59 -65.49 2.30 7.13
N TYR G 60 -64.76 1.25 7.47
CA TYR G 60 -63.62 0.80 6.68
C TYR G 60 -63.88 -0.59 6.11
N ASN G 61 -63.12 -0.93 5.05
CA ASN G 61 -63.28 -2.20 4.35
C ASN G 61 -62.59 -3.31 5.13
N PRO G 62 -63.22 -4.49 5.21
CA PRO G 62 -62.58 -5.60 5.93
C PRO G 62 -61.20 -5.97 5.40
N SER G 63 -61.01 -5.98 4.08
CA SER G 63 -59.73 -6.39 3.53
C SER G 63 -58.59 -5.42 3.84
N LEU G 64 -58.81 -4.34 4.59
CA LEU G 64 -57.75 -3.42 4.99
C LEU G 64 -57.63 -3.24 6.50
N LYS G 65 -57.98 -4.28 7.29
CA LYS G 65 -58.11 -4.15 8.74
C LYS G 65 -56.86 -3.57 9.40
N GLY G 66 -57.08 -2.68 10.37
CA GLY G 66 -56.04 -2.13 11.22
C GLY G 66 -54.96 -1.32 10.51
N ARG G 67 -55.12 -1.08 9.20
CA ARG G 67 -54.11 -0.36 8.46
C ARG G 67 -54.68 0.68 7.51
N ILE G 68 -55.89 1.20 7.80
CA ILE G 68 -56.51 2.22 6.95
C ILE G 68 -57.07 3.33 7.83
N SER G 69 -56.75 4.58 7.48
CA SER G 69 -57.17 5.76 8.24
C SER G 69 -57.77 6.81 7.32
N ILE G 70 -58.99 7.26 7.65
CA ILE G 70 -59.73 8.28 6.90
C ILE G 70 -60.19 9.35 7.89
N THR G 71 -59.48 10.48 7.91
CA THR G 71 -59.80 11.61 8.74
C THR G 71 -60.19 12.79 7.86
N ARG G 72 -60.52 13.92 8.49
CA ARG G 72 -61.02 15.07 7.77
C ARG G 72 -60.65 16.36 8.49
N ASP G 73 -60.64 17.44 7.72
CA ASP G 73 -60.34 18.80 8.17
C ASP G 73 -61.45 19.72 7.67
N THR G 74 -62.51 19.87 8.48
CA THR G 74 -63.67 20.65 8.04
C THR G 74 -63.33 22.13 7.86
N SER G 75 -62.31 22.61 8.56
CA SER G 75 -61.94 24.02 8.47
C SER G 75 -61.52 24.41 7.06
N LYS G 76 -60.89 23.50 6.33
CA LYS G 76 -60.47 23.74 4.94
C LYS G 76 -61.16 22.78 3.98
N ASN G 77 -62.13 21.98 4.47
CA ASN G 77 -63.05 21.18 3.65
C ASN G 77 -62.33 20.08 2.83
N GLN G 78 -61.66 19.16 3.52
CA GLN G 78 -61.04 18.04 2.83
C GLN G 78 -61.05 16.80 3.71
N PHE G 79 -60.77 15.65 3.10
CA PHE G 79 -60.60 14.41 3.88
C PHE G 79 -59.43 13.62 3.31
N PHE G 80 -58.77 12.89 4.20
CA PHE G 80 -57.47 12.30 3.91
C PHE G 80 -57.50 10.78 4.06
N LEU G 81 -56.55 10.15 3.37
CA LEU G 81 -56.33 8.71 3.42
C LEU G 81 -54.98 8.44 4.09
N LYS G 82 -54.89 7.31 4.81
CA LYS G 82 -53.65 6.90 5.46
C LYS G 82 -53.59 5.38 5.46
N LEU G 83 -52.73 4.81 4.61
CA LEU G 83 -52.62 3.37 4.43
C LEU G 83 -51.29 2.89 5.01
N ASN G 84 -51.36 2.04 6.03
CA ASN G 84 -50.18 1.54 6.71
C ASN G 84 -49.64 0.30 6.02
N SER G 85 -48.33 0.11 6.14
CA SER G 85 -47.65 -1.07 5.60
C SER G 85 -47.88 -1.23 4.09
N VAL G 86 -47.59 -0.19 3.31
CA VAL G 86 -47.95 -0.18 1.88
C VAL G 86 -47.06 -1.12 1.08
N THR G 87 -47.56 -2.32 0.81
CA THR G 87 -46.85 -3.31 0.01
C THR G 87 -47.02 -2.98 -1.47
N THR G 88 -46.53 -3.91 -2.30
CA THR G 88 -46.60 -3.73 -3.75
C THR G 88 -48.03 -3.85 -4.31
N ASP G 89 -48.88 -4.72 -3.76
CA ASP G 89 -50.23 -4.87 -4.30
C ASP G 89 -51.12 -3.66 -4.01
N ASP G 90 -50.60 -2.63 -3.36
CA ASP G 90 -51.34 -1.43 -3.03
C ASP G 90 -51.02 -0.29 -4.01
N THR G 91 -50.60 -0.63 -5.22
CA THR G 91 -50.40 0.31 -6.32
C THR G 91 -51.68 0.38 -7.14
N ALA G 92 -52.23 1.58 -7.30
CA ALA G 92 -53.54 1.72 -7.95
C ALA G 92 -53.76 3.19 -8.27
N THR G 93 -54.76 3.44 -9.13
CA THR G 93 -55.28 4.79 -9.30
C THR G 93 -56.32 5.06 -8.23
N TYR G 94 -56.05 6.05 -7.38
CA TYR G 94 -56.83 6.32 -6.20
C TYR G 94 -57.84 7.42 -6.48
N TYR G 95 -59.11 7.04 -6.45
CA TYR G 95 -60.22 7.95 -6.62
C TYR G 95 -60.86 8.29 -5.28
N CYS G 96 -61.34 9.52 -5.21
CA CYS G 96 -62.14 10.04 -4.11
C CYS G 96 -63.55 10.27 -4.64
N ALA G 97 -64.58 9.92 -3.87
CA ALA G 97 -65.94 9.95 -4.39
C ALA G 97 -66.96 10.16 -3.28
N ARG G 98 -68.13 10.68 -3.66
CA ARG G 98 -69.22 10.99 -2.75
C ARG G 98 -70.45 10.17 -3.14
N ALA G 99 -71.22 9.69 -2.16
CA ALA G 99 -72.24 8.69 -2.44
C ALA G 99 -73.33 8.74 -1.40
N TYR G 100 -74.59 8.78 -1.82
CA TYR G 100 -75.73 8.42 -0.97
C TYR G 100 -76.43 7.15 -1.40
N ILE G 101 -76.81 7.05 -2.66
CA ILE G 101 -77.38 5.85 -3.22
C ILE G 101 -76.33 5.03 -3.94
N GLY G 102 -75.44 5.71 -4.66
CA GLY G 102 -74.21 5.16 -5.18
C GLY G 102 -73.26 6.32 -5.34
N PHE G 103 -72.00 6.00 -5.63
CA PHE G 103 -70.99 7.03 -5.82
C PHE G 103 -71.37 7.95 -6.96
N ALA G 104 -71.90 9.13 -6.64
CA ALA G 104 -72.47 9.98 -7.68
C ALA G 104 -71.44 10.89 -8.32
N TYR G 105 -70.47 11.35 -7.56
CA TYR G 105 -69.45 12.26 -8.09
C TYR G 105 -68.08 11.74 -7.71
N TRP G 106 -67.24 11.48 -8.71
CA TRP G 106 -65.90 10.99 -8.47
C TRP G 106 -64.88 12.11 -8.68
N GLY G 107 -63.64 11.81 -8.32
CA GLY G 107 -62.53 12.70 -8.58
C GLY G 107 -61.79 12.35 -9.85
N GLN G 108 -60.99 13.30 -10.33
CA GLN G 108 -60.24 13.11 -11.56
C GLN G 108 -59.24 11.95 -11.46
N GLY G 109 -59.02 11.41 -10.28
CA GLY G 109 -58.08 10.32 -10.14
C GLY G 109 -56.67 10.81 -9.94
N THR G 110 -55.90 10.01 -9.20
CA THR G 110 -54.45 10.20 -9.11
C THR G 110 -53.80 8.83 -9.00
N LEU G 111 -52.67 8.67 -9.66
CA LEU G 111 -51.96 7.41 -9.67
C LEU G 111 -50.94 7.38 -8.54
N VAL G 112 -50.88 6.26 -7.84
CA VAL G 112 -49.90 6.00 -6.79
C VAL G 112 -49.18 4.70 -7.14
N THR G 113 -47.85 4.77 -7.16
CA THR G 113 -47.02 3.64 -7.53
C THR G 113 -46.18 3.14 -6.37
N VAL G 114 -46.34 1.86 -6.03
CA VAL G 114 -45.59 1.23 -4.95
C VAL G 114 -45.42 -0.25 -5.26
N ASP H 1 -66.11 -9.28 -0.68
CA ASP H 1 -66.87 -10.37 -0.07
C ASP H 1 -68.19 -10.72 -0.83
N ILE H 2 -68.57 -9.94 -1.84
CA ILE H 2 -69.81 -10.17 -2.60
C ILE H 2 -69.48 -10.23 -4.08
N GLN H 3 -70.16 -11.12 -4.78
CA GLN H 3 -69.71 -11.68 -6.05
C GLN H 3 -70.36 -10.86 -7.17
N LEU H 4 -69.55 -10.34 -8.08
CA LEU H 4 -70.07 -9.59 -9.23
C LEU H 4 -69.38 -10.03 -10.51
N THR H 5 -70.08 -10.83 -11.30
CA THR H 5 -69.59 -11.26 -12.60
C THR H 5 -70.31 -10.50 -13.71
N GLN H 6 -69.55 -9.98 -14.68
CA GLN H 6 -70.09 -9.24 -15.81
C GLN H 6 -69.97 -10.03 -17.12
N SER H 7 -71.03 -9.97 -17.94
CA SER H 7 -71.09 -10.70 -19.20
C SER H 7 -71.93 -9.91 -20.18
N THR H 8 -71.43 -9.71 -21.38
CA THR H 8 -72.12 -8.87 -22.35
C THR H 8 -72.62 -9.67 -23.54
N SER H 9 -73.18 -8.96 -24.51
CA SER H 9 -73.59 -9.57 -25.76
C SER H 9 -72.42 -9.62 -26.75
N SER H 10 -72.73 -9.64 -28.04
CA SER H 10 -71.74 -9.68 -29.13
C SER H 10 -70.56 -8.75 -28.87
N LEU H 11 -69.35 -9.27 -29.11
CA LEU H 11 -68.14 -8.67 -28.55
C LEU H 11 -67.79 -7.35 -29.22
N PRO H 12 -67.51 -7.27 -30.58
CA PRO H 12 -67.50 -5.94 -31.23
C PRO H 12 -68.88 -5.59 -31.80
N ALA H 13 -69.37 -4.41 -31.46
CA ALA H 13 -70.72 -3.99 -31.82
C ALA H 13 -70.71 -3.04 -33.00
N SER H 14 -71.85 -2.98 -33.70
CA SER H 14 -72.05 -2.04 -34.77
C SER H 14 -72.71 -0.79 -34.20
N LEU H 15 -72.27 0.37 -34.66
CA LEU H 15 -72.77 1.63 -34.12
C LEU H 15 -74.27 1.73 -34.35
N GLY H 16 -74.98 2.24 -33.36
CA GLY H 16 -76.43 2.33 -33.45
C GLY H 16 -77.21 1.06 -33.18
N ASP H 17 -76.75 0.19 -32.28
CA ASP H 17 -77.43 -1.06 -32.01
C ASP H 17 -77.55 -1.31 -30.52
N ARG H 18 -78.46 -2.20 -30.16
CA ARG H 18 -78.68 -2.52 -28.77
C ARG H 18 -77.53 -3.37 -28.24
N VAL H 19 -77.02 -2.98 -27.08
CA VAL H 19 -75.96 -3.68 -26.37
C VAL H 19 -76.45 -3.93 -24.95
N THR H 20 -76.24 -5.14 -24.45
CA THR H 20 -76.62 -5.48 -23.09
C THR H 20 -75.39 -5.92 -22.33
N ILE H 21 -75.14 -5.28 -21.20
CA ILE H 21 -74.10 -5.69 -20.25
C ILE H 21 -74.84 -6.28 -19.05
N SER H 22 -74.80 -7.60 -18.93
CA SER H 22 -75.42 -8.26 -17.79
C SER H 22 -74.47 -8.27 -16.59
N CYS H 23 -75.05 -8.48 -15.42
CA CYS H 23 -74.33 -8.51 -14.16
C CYS H 23 -75.00 -9.56 -13.29
N ARG H 24 -74.22 -10.52 -12.81
CA ARG H 24 -74.71 -11.59 -11.94
C ARG H 24 -74.01 -11.50 -10.60
N ALA H 25 -74.80 -11.59 -9.52
CA ALA H 25 -74.31 -11.44 -8.16
C ALA H 25 -74.29 -12.79 -7.44
N GLY H 26 -73.93 -12.77 -6.15
CA GLY H 26 -73.83 -13.98 -5.37
C GLY H 26 -75.13 -14.30 -4.67
N GLN H 27 -75.68 -13.34 -3.93
CA GLN H 27 -76.97 -13.47 -3.24
C GLN H 27 -77.80 -12.22 -3.44
N ASP H 28 -79.10 -12.35 -3.12
CA ASP H 28 -80.09 -11.32 -3.43
C ASP H 28 -79.67 -9.98 -2.82
N ILE H 29 -79.28 -9.04 -3.69
CA ILE H 29 -78.84 -7.72 -3.26
C ILE H 29 -80.00 -6.71 -3.23
N SER H 30 -81.24 -7.20 -3.25
CA SER H 30 -82.44 -6.37 -3.08
C SER H 30 -82.40 -5.15 -4.02
N ASN H 31 -82.02 -5.40 -5.28
CA ASN H 31 -82.05 -4.39 -6.34
C ASN H 31 -81.19 -3.18 -6.01
N HIS H 32 -80.09 -3.40 -5.28
CA HIS H 32 -79.20 -2.30 -4.90
C HIS H 32 -78.00 -2.17 -5.85
N LEU H 33 -78.18 -2.46 -7.14
CA LEU H 33 -77.11 -2.42 -8.13
C LEU H 33 -76.95 -1.03 -8.77
N ASN H 34 -75.71 -0.69 -9.14
CA ASN H 34 -75.39 0.56 -9.82
C ASN H 34 -74.46 0.28 -11.00
N TRP H 35 -74.31 1.28 -11.88
CA TRP H 35 -73.62 1.15 -13.16
C TRP H 35 -72.82 2.39 -13.43
N TYR H 36 -71.53 2.21 -13.77
CA TYR H 36 -70.60 3.30 -13.94
C TYR H 36 -69.95 3.25 -15.32
N GLN H 37 -69.85 4.43 -15.96
CA GLN H 37 -69.24 4.60 -17.29
C GLN H 37 -67.89 5.28 -17.12
N GLN H 38 -66.82 4.52 -17.33
CA GLN H 38 -65.45 5.02 -17.27
C GLN H 38 -64.86 5.01 -18.66
N LYS H 39 -64.72 6.19 -19.26
CA LYS H 39 -63.98 6.26 -20.50
C LYS H 39 -62.49 6.07 -20.21
N PRO H 40 -61.73 5.36 -21.11
CA PRO H 40 -60.27 5.22 -20.92
C PRO H 40 -59.52 6.51 -20.59
N ASP H 41 -60.12 7.65 -20.91
CA ASP H 41 -59.67 8.94 -20.39
C ASP H 41 -59.54 8.94 -18.87
N GLY H 42 -60.21 8.01 -18.16
CA GLY H 42 -60.14 7.90 -16.72
C GLY H 42 -61.39 8.37 -16.00
N THR H 43 -62.14 9.30 -16.61
CA THR H 43 -63.34 9.88 -16.00
C THR H 43 -64.37 8.79 -15.69
N VAL H 44 -64.94 8.84 -14.48
CA VAL H 44 -65.95 7.90 -14.02
C VAL H 44 -67.23 8.67 -13.74
N LYS H 45 -68.34 8.19 -14.29
CA LYS H 45 -69.67 8.76 -14.09
C LYS H 45 -70.60 7.69 -13.55
N LEU H 46 -71.63 8.13 -12.82
CA LEU H 46 -72.76 7.27 -12.48
C LEU H 46 -73.84 7.39 -13.55
N LEU H 47 -74.30 6.24 -14.05
CA LEU H 47 -75.35 6.19 -15.06
C LEU H 47 -76.67 5.68 -14.51
N ILE H 48 -76.62 4.63 -13.68
CA ILE H 48 -77.81 3.96 -13.20
C ILE H 48 -77.60 3.59 -11.72
N TYR H 49 -78.63 3.85 -10.88
CA TYR H 49 -78.55 3.52 -9.45
C TYR H 49 -79.85 2.89 -8.98
N TYR H 50 -79.74 2.02 -7.97
CA TYR H 50 -80.87 1.24 -7.44
C TYR H 50 -81.54 0.45 -8.58
N THR H 51 -80.78 -0.41 -9.22
CA THR H 51 -81.14 -1.01 -10.52
C THR H 51 -81.55 0.12 -11.48
N SER H 52 -82.82 0.27 -11.88
CA SER H 52 -83.27 1.11 -12.99
C SER H 52 -83.11 2.64 -12.90
N ARG H 53 -83.02 3.26 -11.73
CA ARG H 53 -83.06 4.72 -11.76
C ARG H 53 -81.82 5.29 -12.47
N LEU H 54 -82.03 6.15 -13.47
CA LEU H 54 -80.93 6.88 -14.08
C LEU H 54 -80.68 8.20 -13.37
N HIS H 55 -79.42 8.63 -13.41
CA HIS H 55 -79.03 9.95 -13.00
C HIS H 55 -79.58 10.96 -14.01
N SER H 56 -79.43 12.24 -13.68
CA SER H 56 -79.89 13.32 -14.55
C SER H 56 -78.91 13.55 -15.70
N GLY H 57 -79.42 14.02 -16.83
CA GLY H 57 -78.55 14.19 -17.96
C GLY H 57 -78.09 12.91 -18.63
N VAL H 58 -78.32 11.75 -18.03
CA VAL H 58 -78.03 10.47 -18.65
C VAL H 58 -79.08 10.19 -19.73
N PRO H 59 -78.68 10.02 -21.00
CA PRO H 59 -79.68 9.89 -22.07
C PRO H 59 -80.51 8.63 -21.96
N SER H 60 -81.75 8.70 -22.45
CA SER H 60 -82.74 7.66 -22.22
C SER H 60 -82.47 6.35 -23.00
N ARG H 61 -81.40 6.29 -23.80
CA ARG H 61 -80.93 5.00 -24.31
C ARG H 61 -80.52 4.06 -23.17
N PHE H 62 -79.99 4.63 -22.09
CA PHE H 62 -79.54 3.83 -20.96
C PHE H 62 -80.73 3.41 -20.12
N SER H 63 -80.80 2.12 -19.81
CA SER H 63 -81.88 1.57 -19.02
C SER H 63 -81.43 0.25 -18.41
N GLY H 64 -81.61 0.13 -17.09
CA GLY H 64 -81.22 -1.06 -16.37
C GLY H 64 -82.43 -1.85 -15.87
N SER H 65 -82.28 -3.16 -15.80
CA SER H 65 -83.36 -4.05 -15.38
C SER H 65 -82.79 -5.13 -14.48
N GLY H 66 -83.64 -6.07 -14.10
CA GLY H 66 -83.24 -7.19 -13.29
C GLY H 66 -83.67 -7.04 -11.85
N SER H 67 -83.93 -8.17 -11.20
CA SER H 67 -84.44 -8.16 -9.83
C SER H 67 -83.92 -9.42 -9.15
N GLY H 68 -82.94 -9.26 -8.29
CA GLY H 68 -82.54 -10.38 -7.48
C GLY H 68 -81.06 -10.64 -7.55
N THR H 69 -80.66 -11.67 -8.28
CA THR H 69 -79.25 -11.99 -8.45
C THR H 69 -78.74 -11.68 -9.85
N ASP H 70 -79.63 -11.30 -10.77
CA ASP H 70 -79.31 -11.09 -12.18
C ASP H 70 -79.71 -9.68 -12.55
N TYR H 71 -78.79 -8.94 -13.20
CA TYR H 71 -79.07 -7.57 -13.63
C TYR H 71 -78.52 -7.37 -15.04
N SER H 72 -78.55 -6.12 -15.49
CA SER H 72 -78.25 -5.79 -16.87
C SER H 72 -78.23 -4.28 -17.00
N LEU H 73 -77.55 -3.82 -18.04
CA LEU H 73 -77.58 -2.45 -18.54
C LEU H 73 -77.78 -2.55 -20.04
N THR H 74 -78.63 -1.69 -20.59
CA THR H 74 -78.93 -1.77 -22.01
C THR H 74 -78.76 -0.41 -22.64
N ILE H 75 -78.26 -0.39 -23.88
CA ILE H 75 -78.24 0.81 -24.70
C ILE H 75 -79.20 0.60 -25.86
N SER H 76 -80.23 1.46 -25.97
CA SER H 76 -81.24 1.26 -26.98
C SER H 76 -80.67 1.40 -28.38
N ASN H 77 -79.56 2.14 -28.50
CA ASN H 77 -78.73 2.20 -29.69
C ASN H 77 -77.40 2.88 -29.35
N LEU H 78 -76.30 2.29 -29.81
CA LEU H 78 -74.97 2.70 -29.44
C LEU H 78 -74.54 3.96 -30.17
N GLU H 79 -73.57 4.64 -29.60
CA GLU H 79 -73.03 5.84 -30.20
C GLU H 79 -71.58 5.98 -29.79
N GLN H 80 -70.83 6.73 -30.58
CA GLN H 80 -69.39 6.94 -30.39
C GLN H 80 -68.95 7.17 -28.96
N GLU H 81 -69.63 8.07 -28.28
CA GLU H 81 -69.37 8.34 -26.90
C GLU H 81 -69.61 7.08 -26.10
N ASP H 82 -70.76 6.44 -26.27
CA ASP H 82 -71.04 5.29 -25.42
C ASP H 82 -69.92 4.26 -25.48
N ILE H 83 -68.78 4.65 -26.05
CA ILE H 83 -67.65 3.74 -26.28
C ILE H 83 -66.71 3.93 -25.10
N ALA H 84 -66.80 3.00 -24.15
CA ALA H 84 -66.04 3.06 -22.89
C ALA H 84 -66.33 1.79 -22.09
N THR H 85 -66.02 1.80 -20.79
CA THR H 85 -66.10 0.58 -19.98
C THR H 85 -67.10 0.79 -18.86
N TYR H 86 -67.74 -0.31 -18.42
CA TYR H 86 -68.88 -0.23 -17.51
C TYR H 86 -68.73 -1.22 -16.37
N PHE H 87 -68.83 -0.72 -15.14
CA PHE H 87 -68.71 -1.56 -13.94
C PHE H 87 -70.02 -1.58 -13.18
N CYS H 88 -70.57 -2.77 -12.96
CA CYS H 88 -71.67 -2.93 -12.01
C CYS H 88 -71.13 -3.05 -10.61
N GLN H 89 -71.83 -2.42 -9.65
CA GLN H 89 -71.47 -2.32 -8.25
C GLN H 89 -72.73 -2.43 -7.40
N GLN H 90 -72.62 -3.08 -6.25
CA GLN H 90 -73.74 -3.17 -5.32
C GLN H 90 -73.45 -2.40 -4.04
N GLY H 91 -74.49 -2.27 -3.21
CA GLY H 91 -74.48 -1.52 -1.96
C GLY H 91 -75.27 -2.18 -0.85
N ASN H 92 -76.02 -3.22 -1.21
CA ASN H 92 -76.89 -3.92 -0.26
C ASN H 92 -76.12 -4.36 0.98
N THR H 93 -74.91 -4.86 0.82
CA THR H 93 -74.12 -5.43 1.91
C THR H 93 -72.73 -4.83 1.93
N LEU H 94 -72.23 -4.53 3.13
CA LEU H 94 -70.83 -4.12 3.28
C LEU H 94 -69.88 -5.32 3.35
N PRO H 95 -68.77 -5.24 2.60
CA PRO H 95 -68.30 -4.07 1.85
C PRO H 95 -68.85 -3.90 0.42
N TRP H 96 -68.92 -2.64 -0.02
CA TRP H 96 -69.43 -2.34 -1.35
C TRP H 96 -68.42 -2.82 -2.39
N THR H 97 -68.81 -3.80 -3.18
CA THR H 97 -67.93 -4.44 -4.14
C THR H 97 -68.37 -4.14 -5.57
N PHE H 98 -67.41 -4.27 -6.50
CA PHE H 98 -67.57 -3.97 -7.93
C PHE H 98 -67.50 -5.24 -8.78
N GLY H 99 -67.70 -5.06 -10.08
CA GLY H 99 -67.57 -6.12 -11.05
C GLY H 99 -66.36 -5.88 -11.94
N GLY H 100 -66.04 -6.91 -12.74
CA GLY H 100 -64.83 -6.88 -13.55
C GLY H 100 -64.77 -5.72 -14.51
N GLY H 101 -65.91 -5.24 -14.98
CA GLY H 101 -65.95 -4.26 -16.04
C GLY H 101 -66.25 -4.90 -17.37
N SER H 102 -66.55 -4.04 -18.35
CA SER H 102 -66.77 -4.54 -19.69
C SER H 102 -66.45 -3.43 -20.67
N LYS H 103 -65.55 -3.71 -21.62
CA LYS H 103 -65.15 -2.71 -22.59
C LYS H 103 -66.14 -2.69 -23.75
N LEU H 104 -66.66 -1.51 -24.06
CA LEU H 104 -67.58 -1.32 -25.19
C LEU H 104 -66.79 -0.72 -26.34
N GLU H 105 -66.50 -1.56 -27.35
CA GLU H 105 -65.67 -1.17 -28.50
C GLU H 105 -66.41 -1.42 -29.80
N ILE H 106 -66.21 -0.53 -30.77
CA ILE H 106 -66.86 -0.69 -32.07
C ILE H 106 -65.90 -1.09 -33.21
N LYS H 107 -66.18 -0.64 -34.42
CA LYS H 107 -65.38 -0.94 -35.60
C LYS H 107 -65.14 -2.42 -35.74
N GLN I 1 -44.71 -27.44 48.91
CA GLN I 1 -43.62 -27.66 47.97
C GLN I 1 -43.83 -26.99 46.61
N VAL I 2 -43.81 -25.66 46.61
CA VAL I 2 -43.83 -24.87 45.38
C VAL I 2 -42.75 -23.80 45.40
N GLN I 3 -41.52 -24.12 44.98
CA GLN I 3 -40.46 -23.11 45.01
C GLN I 3 -40.14 -22.60 43.59
N LEU I 4 -39.30 -21.57 43.53
CA LEU I 4 -38.98 -20.92 42.26
C LEU I 4 -37.52 -20.46 42.29
N LYS I 5 -36.90 -20.44 41.11
CA LYS I 5 -35.48 -20.15 40.96
C LYS I 5 -35.32 -19.10 39.86
N GLU I 6 -34.42 -18.15 40.12
CA GLU I 6 -34.08 -17.07 39.21
C GLU I 6 -32.98 -17.53 38.27
N SER I 7 -32.67 -16.68 37.28
CA SER I 7 -31.56 -16.92 36.37
C SER I 7 -31.32 -15.68 35.53
N GLY I 8 -30.07 -15.48 35.12
CA GLY I 8 -29.75 -14.48 34.15
C GLY I 8 -28.34 -13.92 34.18
N PRO I 9 -28.16 -12.76 33.55
CA PRO I 9 -26.85 -12.11 33.54
C PRO I 9 -26.48 -11.58 34.91
N GLY I 10 -25.24 -11.81 35.29
CA GLY I 10 -24.72 -11.27 36.52
C GLY I 10 -24.05 -9.92 36.31
N LEU I 11 -23.77 -9.55 35.06
CA LEU I 11 -23.09 -8.30 34.77
C LEU I 11 -23.88 -7.59 33.69
N VAL I 12 -24.16 -6.31 33.92
CA VAL I 12 -24.89 -5.47 32.96
C VAL I 12 -24.22 -4.11 32.90
N ARG I 13 -23.97 -3.61 31.69
CA ARG I 13 -23.27 -2.35 31.47
C ARG I 13 -24.22 -1.17 31.66
N PRO I 14 -23.75 -0.04 32.23
CA PRO I 14 -24.63 1.09 32.54
C PRO I 14 -25.39 1.63 31.33
N SER I 15 -26.41 2.43 31.64
CA SER I 15 -27.31 3.07 30.67
C SER I 15 -27.92 2.06 29.70
N GLN I 16 -27.82 0.77 30.01
CA GLN I 16 -28.32 -0.32 29.21
C GLN I 16 -29.52 -0.94 29.97
N SER I 17 -29.97 -2.13 29.55
CA SER I 17 -31.12 -2.79 30.16
C SER I 17 -30.72 -4.13 30.79
N LEU I 18 -31.36 -4.44 31.93
CA LEU I 18 -31.20 -5.70 32.67
C LEU I 18 -32.42 -6.57 32.44
N SER I 19 -32.20 -7.88 32.38
CA SER I 19 -33.31 -8.83 32.28
C SER I 19 -32.98 -10.09 33.07
N LEU I 20 -34.00 -10.63 33.75
CA LEU I 20 -33.89 -11.88 34.50
C LEU I 20 -35.11 -12.75 34.22
N THR I 21 -34.93 -14.06 34.35
CA THR I 21 -35.98 -15.05 34.15
C THR I 21 -36.19 -15.80 35.46
N CYS I 22 -37.44 -15.96 35.88
CA CYS I 22 -37.73 -16.74 37.08
C CYS I 22 -38.60 -17.93 36.69
N SER I 23 -38.04 -19.13 36.82
CA SER I 23 -38.81 -20.36 36.65
C SER I 23 -39.61 -20.66 37.90
N VAL I 24 -40.78 -21.27 37.73
CA VAL I 24 -41.63 -21.67 38.84
C VAL I 24 -42.03 -23.13 38.64
N THR I 25 -41.87 -23.93 39.68
CA THR I 25 -42.21 -25.35 39.61
C THR I 25 -43.13 -25.73 40.75
N GLY I 26 -44.02 -26.70 40.46
CA GLY I 26 -45.00 -27.21 41.40
C GLY I 26 -46.42 -26.69 41.16
N TYR I 27 -46.50 -25.49 40.58
CA TYR I 27 -47.73 -24.73 40.54
C TYR I 27 -47.68 -23.78 39.35
N SER I 28 -48.74 -23.79 38.54
CA SER I 28 -48.79 -22.94 37.36
C SER I 28 -48.91 -21.47 37.76
N ILE I 29 -48.18 -20.61 37.05
CA ILE I 29 -48.23 -19.18 37.34
C ILE I 29 -49.56 -18.55 36.99
N THR I 30 -50.46 -19.29 36.34
CA THR I 30 -51.78 -18.81 35.98
C THR I 30 -52.86 -19.36 36.89
N SER I 31 -52.48 -20.14 37.91
CA SER I 31 -53.45 -20.75 38.82
C SER I 31 -53.88 -19.79 39.93
N GLY I 32 -52.96 -18.99 40.49
CA GLY I 32 -53.30 -18.07 41.55
C GLY I 32 -52.26 -17.05 41.98
N TYR I 33 -52.45 -16.55 43.21
CA TYR I 33 -51.54 -15.65 43.99
C TYR I 33 -51.16 -14.37 43.26
N TYR I 34 -49.87 -14.00 43.28
CA TYR I 34 -49.21 -12.83 42.74
C TYR I 34 -47.74 -13.21 42.62
N TRP I 35 -47.08 -12.71 41.59
CA TRP I 35 -45.74 -13.18 41.24
C TRP I 35 -44.83 -11.96 41.13
N ASN I 36 -43.99 -11.80 42.15
CA ASN I 36 -43.31 -10.55 42.44
C ASN I 36 -41.84 -10.60 42.05
N TRP I 37 -41.24 -9.41 42.09
CA TRP I 37 -39.81 -9.19 41.87
C TRP I 37 -39.36 -8.27 42.99
N ILE I 38 -38.53 -8.80 43.89
CA ILE I 38 -38.03 -8.07 45.05
C ILE I 38 -36.52 -8.03 44.96
N ARG I 39 -35.94 -6.85 45.02
CA ARG I 39 -34.49 -6.74 44.98
C ARG I 39 -33.96 -6.32 46.33
N GLN I 40 -32.69 -6.63 46.59
CA GLN I 40 -32.03 -6.28 47.85
C GLN I 40 -30.76 -5.51 47.57
N PHE I 41 -30.81 -4.18 47.78
CA PHE I 41 -29.70 -3.23 47.70
C PHE I 41 -28.49 -3.75 48.47
N PRO I 42 -27.29 -3.20 48.24
CA PRO I 42 -26.11 -3.72 48.94
C PRO I 42 -26.16 -3.57 50.45
N GLY I 43 -26.72 -2.47 50.94
CA GLY I 43 -26.82 -2.26 52.37
C GLY I 43 -27.93 -3.06 53.04
N ASN I 44 -28.26 -4.22 52.48
CA ASN I 44 -29.29 -5.14 52.96
C ASN I 44 -30.69 -4.54 52.86
N LYS I 45 -30.86 -3.39 52.23
CA LYS I 45 -32.19 -2.81 52.07
C LYS I 45 -33.02 -3.58 51.04
N LEU I 46 -34.32 -3.71 51.31
CA LEU I 46 -35.24 -4.45 50.44
C LEU I 46 -36.17 -3.48 49.73
N GLU I 47 -36.62 -3.87 48.55
CA GLU I 47 -37.52 -3.01 47.78
C GLU I 47 -38.34 -3.85 46.82
N TRP I 48 -39.67 -3.82 46.97
CA TRP I 48 -40.54 -4.49 46.01
C TRP I 48 -40.58 -3.69 44.71
N MET I 49 -40.45 -4.39 43.58
CA MET I 49 -40.40 -3.78 42.25
C MET I 49 -41.72 -3.85 41.49
N GLY I 50 -42.46 -4.95 41.62
CA GLY I 50 -43.71 -5.13 40.90
C GLY I 50 -44.14 -6.59 40.97
N TYR I 51 -45.37 -6.84 40.52
CA TYR I 51 -45.87 -8.21 40.43
C TYR I 51 -46.51 -8.44 39.08
N ILE I 52 -46.98 -9.68 38.88
CA ILE I 52 -47.73 -10.11 37.71
C ILE I 52 -48.78 -11.09 38.22
N SER I 53 -50.04 -10.64 38.29
CA SER I 53 -51.05 -11.44 38.96
C SER I 53 -51.37 -12.70 38.15
N TYR I 54 -52.17 -13.57 38.75
CA TYR I 54 -52.49 -14.86 38.14
C TYR I 54 -53.23 -14.70 36.81
N ASP I 55 -53.96 -13.61 36.64
CA ASP I 55 -54.75 -13.40 35.44
C ASP I 55 -54.10 -12.46 34.43
N GLY I 56 -52.90 -11.95 34.70
CA GLY I 56 -52.21 -11.11 33.74
C GLY I 56 -52.16 -9.63 34.06
N SER I 57 -53.07 -9.06 34.83
CA SER I 57 -53.07 -7.60 35.02
C SER I 57 -52.13 -7.27 36.17
N ASN I 58 -50.97 -6.71 35.83
CA ASN I 58 -49.87 -6.55 36.77
C ASN I 58 -49.79 -5.13 37.32
N ASN I 59 -48.99 -4.98 38.38
CA ASN I 59 -48.78 -3.70 39.04
C ASN I 59 -47.29 -3.51 39.29
N TYR I 60 -46.81 -2.28 39.06
CA TYR I 60 -45.40 -1.93 39.19
C TYR I 60 -45.24 -0.91 40.31
N ASN I 61 -44.01 -0.78 40.80
CA ASN I 61 -43.71 0.17 41.86
C ASN I 61 -43.55 1.57 41.28
N PRO I 62 -44.12 2.58 41.96
CA PRO I 62 -44.00 3.97 41.45
C PRO I 62 -42.58 4.46 41.26
N SER I 63 -41.65 4.13 42.17
CA SER I 63 -40.26 4.58 42.03
C SER I 63 -39.55 3.96 40.81
N LEU I 64 -40.24 3.14 40.01
CA LEU I 64 -39.69 2.57 38.79
C LEU I 64 -40.49 2.95 37.54
N LYS I 65 -41.12 4.13 37.52
CA LYS I 65 -42.02 4.51 36.43
C LYS I 65 -41.35 4.45 35.05
N GLY I 66 -42.10 3.93 34.07
CA GLY I 66 -41.70 3.89 32.67
C GLY I 66 -40.50 3.06 32.31
N ARG I 67 -39.94 2.32 33.29
CA ARG I 67 -38.76 1.53 33.00
C ARG I 67 -38.79 0.12 33.63
N ILE I 68 -39.98 -0.45 33.87
CA ILE I 68 -40.05 -1.79 34.42
C ILE I 68 -41.09 -2.59 33.65
N SER I 69 -40.71 -3.79 33.22
CA SER I 69 -41.57 -4.67 32.45
C SER I 69 -41.55 -6.04 33.12
N ILE I 70 -42.74 -6.56 33.44
CA ILE I 70 -42.87 -7.88 34.06
C ILE I 70 -43.89 -8.65 33.23
N THR I 71 -43.41 -9.54 32.36
CA THR I 71 -44.22 -10.37 31.49
C THR I 71 -44.12 -11.82 31.95
N ARG I 72 -44.80 -12.71 31.25
CA ARG I 72 -44.81 -14.12 31.65
C ARG I 72 -45.02 -15.00 30.44
N ASP I 73 -44.58 -16.26 30.55
CA ASP I 73 -44.67 -17.27 29.49
C ASP I 73 -45.28 -18.55 30.06
N THR I 74 -46.61 -18.67 29.98
CA THR I 74 -47.32 -19.81 30.58
C THR I 74 -47.00 -21.14 29.92
N SER I 75 -46.60 -21.14 28.64
CA SER I 75 -46.28 -22.42 27.98
C SER I 75 -45.12 -23.12 28.68
N LYS I 76 -44.17 -22.35 29.24
CA LYS I 76 -43.04 -22.90 29.97
C LYS I 76 -42.98 -22.40 31.44
N ASN I 77 -44.03 -21.75 31.94
CA ASN I 77 -44.24 -21.49 33.39
C ASN I 77 -43.18 -20.56 33.99
N GLN I 78 -43.02 -19.36 33.44
CA GLN I 78 -42.08 -18.44 34.07
C GLN I 78 -42.56 -16.99 33.89
N PHE I 79 -41.92 -16.10 34.63
CA PHE I 79 -42.14 -14.66 34.45
C PHE I 79 -40.81 -13.95 34.49
N PHE I 80 -40.74 -12.83 33.78
CA PHE I 80 -39.50 -12.14 33.51
C PHE I 80 -39.53 -10.71 34.03
N LEU I 81 -38.34 -10.17 34.27
CA LEU I 81 -38.16 -8.78 34.65
C LEU I 81 -37.41 -8.07 33.53
N LYS I 82 -37.65 -6.77 33.38
CA LYS I 82 -36.94 -5.95 32.40
C LYS I 82 -36.84 -4.54 32.98
N LEU I 83 -35.63 -4.13 33.33
CA LEU I 83 -35.35 -2.83 33.95
C LEU I 83 -34.61 -1.96 32.93
N ASN I 84 -35.22 -0.84 32.52
CA ASN I 84 -34.64 0.02 31.50
C ASN I 84 -33.65 1.01 32.11
N SER I 85 -32.60 1.35 31.34
CA SER I 85 -31.60 2.34 31.71
C SER I 85 -30.97 2.01 33.07
N VAL I 86 -30.39 0.80 33.19
CA VAL I 86 -29.93 0.33 34.51
C VAL I 86 -28.71 1.11 34.98
N THR I 87 -28.93 2.08 35.86
CA THR I 87 -27.86 2.89 36.39
C THR I 87 -27.07 2.10 37.43
N THR I 88 -26.13 2.78 38.09
CA THR I 88 -25.29 2.16 39.11
C THR I 88 -26.08 1.75 40.36
N ASP I 89 -27.10 2.52 40.76
CA ASP I 89 -27.85 2.16 41.97
C ASP I 89 -28.73 0.94 41.79
N ASP I 90 -28.73 0.28 40.64
CA ASP I 90 -29.57 -0.88 40.40
C ASP I 90 -28.82 -2.18 40.64
N THR I 91 -27.76 -2.16 41.44
CA THR I 91 -27.02 -3.36 41.80
C THR I 91 -27.60 -3.91 43.10
N ALA I 92 -28.07 -5.16 43.06
CA ALA I 92 -28.84 -5.73 44.15
C ALA I 92 -28.97 -7.23 43.98
N THR I 93 -29.33 -7.91 45.07
CA THR I 93 -29.73 -9.31 45.00
C THR I 93 -31.20 -9.36 44.56
N TYR I 94 -31.47 -9.98 43.41
CA TYR I 94 -32.79 -9.96 42.80
C TYR I 94 -33.54 -11.26 43.13
N TYR I 95 -34.58 -11.15 43.94
CA TYR I 95 -35.43 -12.27 44.32
C TYR I 95 -36.74 -12.23 43.53
N CYS I 96 -37.27 -13.41 43.23
CA CYS I 96 -38.65 -13.55 42.75
C CYS I 96 -39.41 -14.32 43.82
N ALA I 97 -40.68 -13.98 44.02
CA ALA I 97 -41.47 -14.51 45.13
C ALA I 97 -42.94 -14.48 44.77
N ARG I 98 -43.71 -15.31 45.49
CA ARG I 98 -45.14 -15.48 45.31
C ARG I 98 -45.85 -15.03 46.59
N ALA I 99 -46.96 -14.31 46.46
CA ALA I 99 -47.50 -13.62 47.62
C ALA I 99 -49.00 -13.39 47.50
N TYR I 100 -49.78 -13.87 48.49
CA TYR I 100 -51.17 -13.51 48.71
C TYR I 100 -51.42 -12.66 49.95
N ILE I 101 -50.94 -13.09 51.12
CA ILE I 101 -51.03 -12.27 52.32
C ILE I 101 -49.73 -11.52 52.54
N GLY I 102 -48.62 -12.22 52.33
CA GLY I 102 -47.27 -11.70 52.24
C GLY I 102 -46.50 -12.70 51.41
N PHE I 103 -45.30 -12.29 51.01
CA PHE I 103 -44.42 -13.12 50.18
C PHE I 103 -44.10 -14.43 50.88
N ALA I 104 -44.75 -15.52 50.47
CA ALA I 104 -44.68 -16.77 51.21
C ALA I 104 -43.50 -17.64 50.80
N TYR I 105 -43.18 -17.67 49.51
CA TYR I 105 -42.09 -18.49 48.98
C TYR I 105 -41.23 -17.62 48.10
N TRP I 106 -39.94 -17.53 48.42
CA TRP I 106 -38.98 -16.73 47.68
C TRP I 106 -38.11 -17.61 46.79
N GLY I 107 -37.29 -16.94 45.98
CA GLY I 107 -36.26 -17.60 45.22
C GLY I 107 -34.94 -17.49 45.96
N GLN I 108 -33.99 -18.33 45.56
CA GLN I 108 -32.70 -18.37 46.24
C GLN I 108 -31.91 -17.06 46.12
N GLY I 109 -32.34 -16.14 45.29
CA GLY I 109 -31.57 -14.92 45.04
C GLY I 109 -30.62 -15.08 43.87
N THR I 110 -30.43 -13.98 43.15
CA THR I 110 -29.41 -13.87 42.11
C THR I 110 -28.87 -12.46 42.18
N LEU I 111 -27.56 -12.34 42.03
CA LEU I 111 -26.93 -11.03 42.12
C LEU I 111 -26.79 -10.44 40.72
N VAL I 112 -27.13 -9.15 40.60
CA VAL I 112 -26.87 -8.38 39.38
C VAL I 112 -26.07 -7.15 39.78
N THR I 113 -24.94 -6.96 39.10
CA THR I 113 -23.94 -5.92 39.36
C THR I 113 -23.79 -5.06 38.11
N VAL I 114 -23.70 -3.74 38.28
CA VAL I 114 -23.55 -2.79 37.18
C VAL I 114 -22.36 -1.88 37.49
N SER I 115 -21.37 -1.90 36.62
CA SER I 115 -20.20 -1.04 36.77
C SER I 115 -19.67 -0.61 35.41
N SER I 116 -18.67 0.26 35.42
CA SER I 116 -18.07 0.74 34.19
C SER I 116 -17.02 -0.23 33.66
N ASP J 1 -46.24 2.88 50.59
CA ASP J 1 -46.00 4.32 50.46
C ASP J 1 -45.51 4.86 51.79
N ILE J 2 -45.72 4.06 52.82
CA ILE J 2 -45.43 4.47 54.19
C ILE J 2 -44.03 4.03 54.56
N GLN J 3 -43.40 4.83 55.42
CA GLN J 3 -42.06 4.55 55.90
C GLN J 3 -42.16 3.66 57.14
N LEU J 4 -41.57 2.47 57.06
CA LEU J 4 -41.45 1.56 58.19
C LEU J 4 -40.11 1.77 58.89
N THR J 5 -40.18 2.01 60.21
CA THR J 5 -39.01 2.20 61.06
C THR J 5 -39.04 1.11 62.13
N GLN J 6 -38.13 0.14 62.00
CA GLN J 6 -37.83 -0.81 63.07
C GLN J 6 -36.97 -0.09 64.10
N SER J 7 -37.51 0.03 65.32
CA SER J 7 -36.92 0.96 66.28
C SER J 7 -35.67 0.36 66.88
N THR J 8 -35.17 -0.67 66.25
CA THR J 8 -34.00 -1.37 66.73
C THR J 8 -33.19 -1.85 65.54
N SER J 9 -31.85 -1.81 65.68
CA SER J 9 -30.94 -2.37 64.69
C SER J 9 -29.62 -2.76 65.37
N SER J 10 -29.37 -4.06 65.43
CA SER J 10 -28.12 -4.67 65.91
C SER J 10 -27.81 -4.36 67.38
N LEU J 11 -28.81 -4.69 68.31
CA LEU J 11 -28.69 -4.46 69.76
C LEU J 11 -28.16 -5.71 70.46
N PRO J 12 -27.15 -5.57 71.34
CA PRO J 12 -26.51 -6.77 71.93
C PRO J 12 -27.50 -7.70 72.63
N ALA J 13 -27.43 -8.99 72.27
CA ALA J 13 -28.31 -10.04 72.79
C ALA J 13 -27.46 -11.25 73.21
N SER J 14 -28.15 -12.30 73.68
CA SER J 14 -27.53 -13.52 74.20
C SER J 14 -28.27 -14.73 73.65
N LEU J 15 -28.04 -15.89 74.27
CA LEU J 15 -28.68 -17.15 73.88
C LEU J 15 -29.96 -17.33 74.70
N GLY J 16 -30.97 -16.56 74.32
CA GLY J 16 -32.28 -16.62 74.93
C GLY J 16 -32.94 -15.26 75.08
N ASP J 17 -32.18 -14.20 74.80
CA ASP J 17 -32.59 -12.83 75.08
C ASP J 17 -32.77 -12.05 73.78
N ARG J 18 -33.96 -11.50 73.57
CA ARG J 18 -34.29 -10.64 72.43
C ARG J 18 -34.45 -9.21 72.93
N VAL J 19 -33.65 -8.29 72.38
CA VAL J 19 -33.51 -6.94 72.92
C VAL J 19 -34.39 -6.37 71.80
N THR J 20 -35.44 -5.64 72.18
CA THR J 20 -36.13 -4.58 71.43
C THR J 20 -36.67 -4.75 69.99
N ILE J 21 -37.54 -5.73 69.73
CA ILE J 21 -37.86 -5.99 68.31
C ILE J 21 -39.17 -5.35 67.86
N SER J 22 -39.17 -4.03 67.67
CA SER J 22 -40.39 -3.31 67.31
C SER J 22 -40.35 -2.84 65.86
N CYS J 23 -41.52 -2.55 65.31
CA CYS J 23 -41.67 -2.13 63.92
C CYS J 23 -42.82 -1.14 63.83
N ARG J 24 -42.54 0.14 63.60
CA ARG J 24 -43.56 1.19 63.62
C ARG J 24 -43.69 1.86 62.26
N ALA J 25 -44.93 2.01 61.79
CA ALA J 25 -45.20 2.61 60.49
C ALA J 25 -45.43 4.11 60.64
N GLY J 26 -45.04 4.86 59.61
CA GLY J 26 -45.27 6.30 59.61
C GLY J 26 -46.70 6.67 59.98
N GLN J 27 -47.64 5.85 59.54
CA GLN J 27 -49.03 6.16 59.72
C GLN J 27 -49.66 5.01 60.51
N ASP J 28 -50.25 4.07 59.79
CA ASP J 28 -50.88 2.88 60.34
C ASP J 28 -51.17 1.95 59.18
N ILE J 29 -51.07 0.63 59.43
CA ILE J 29 -51.15 -0.36 58.37
C ILE J 29 -52.21 -1.42 58.70
N SER J 30 -52.99 -1.16 59.75
CA SER J 30 -54.17 -1.97 60.10
C SER J 30 -53.80 -3.44 60.32
N ASN J 31 -52.80 -3.65 61.21
CA ASN J 31 -52.44 -4.98 61.69
C ASN J 31 -52.11 -5.96 60.57
N HIS J 32 -51.59 -5.44 59.44
CA HIS J 32 -51.26 -6.25 58.27
C HIS J 32 -49.75 -6.33 58.03
N LEU J 33 -48.98 -6.39 59.10
CA LEU J 33 -47.51 -6.41 59.03
C LEU J 33 -46.98 -7.83 59.01
N ASN J 34 -46.15 -8.13 58.02
CA ASN J 34 -45.56 -9.46 57.86
C ASN J 34 -44.08 -9.43 58.18
N TRP J 35 -43.57 -10.53 58.75
CA TRP J 35 -42.18 -10.63 59.23
C TRP J 35 -41.43 -11.74 58.49
N TYR J 36 -40.11 -11.54 58.29
CA TYR J 36 -39.27 -12.43 57.51
C TYR J 36 -37.93 -12.67 58.19
N GLN J 37 -37.35 -13.84 57.95
CA GLN J 37 -36.01 -14.20 58.44
C GLN J 37 -35.11 -14.42 57.24
N GLN J 38 -33.93 -13.81 57.29
CA GLN J 38 -32.96 -13.90 56.20
C GLN J 38 -31.59 -14.30 56.78
N LYS J 39 -31.21 -15.58 56.60
CA LYS J 39 -29.97 -16.10 57.11
C LYS J 39 -28.79 -15.65 56.25
N PRO J 40 -27.59 -15.55 56.84
CA PRO J 40 -26.43 -15.05 56.08
C PRO J 40 -26.06 -15.86 54.83
N ASP J 41 -26.67 -17.03 54.61
CA ASP J 41 -26.48 -17.72 53.33
C ASP J 41 -27.24 -17.02 52.20
N GLY J 42 -28.35 -16.34 52.51
CA GLY J 42 -29.07 -15.56 51.54
C GLY J 42 -30.56 -15.82 51.42
N THR J 43 -31.05 -16.90 52.03
CA THR J 43 -32.43 -17.32 51.84
C THR J 43 -33.39 -16.42 52.63
N VAL J 44 -34.68 -16.48 52.26
CA VAL J 44 -35.73 -15.66 52.88
C VAL J 44 -36.99 -16.51 53.05
N LYS J 45 -37.60 -16.43 54.24
CA LYS J 45 -38.77 -17.24 54.52
C LYS J 45 -39.80 -16.42 55.28
N LEU J 46 -41.08 -16.58 54.91
CA LEU J 46 -42.18 -15.87 55.56
C LEU J 46 -42.44 -16.50 56.93
N LEU J 47 -42.11 -15.77 57.99
CA LEU J 47 -42.28 -16.28 59.35
C LEU J 47 -43.71 -16.13 59.82
N ILE J 48 -44.21 -14.90 59.86
CA ILE J 48 -45.52 -14.61 60.43
C ILE J 48 -46.18 -13.54 59.56
N TYR J 49 -47.36 -13.84 59.04
CA TYR J 49 -48.15 -12.83 58.35
C TYR J 49 -49.31 -12.36 59.21
N TYR J 50 -49.75 -11.12 58.96
CA TYR J 50 -50.96 -10.56 59.55
C TYR J 50 -50.85 -10.49 61.08
N THR J 51 -50.16 -9.47 61.56
CA THR J 51 -49.77 -9.39 62.99
C THR J 51 -49.17 -10.75 63.37
N SER J 52 -49.87 -11.60 64.14
CA SER J 52 -49.31 -12.84 64.70
C SER J 52 -50.15 -14.03 64.26
N ARG J 53 -49.94 -14.48 63.02
CA ARG J 53 -50.69 -15.59 62.45
C ARG J 53 -49.70 -16.49 61.70
N LEU J 54 -48.96 -17.30 62.47
CA LEU J 54 -47.78 -17.99 61.95
C LEU J 54 -48.10 -18.81 60.70
N HIS J 55 -47.24 -18.70 59.69
CA HIS J 55 -47.40 -19.45 58.46
C HIS J 55 -47.41 -20.94 58.75
N SER J 56 -48.06 -21.69 57.86
CA SER J 56 -48.13 -23.14 57.97
C SER J 56 -46.79 -23.71 57.56
N GLY J 57 -45.98 -24.09 58.55
CA GLY J 57 -44.70 -24.72 58.28
C GLY J 57 -43.57 -24.13 59.12
N VAL J 58 -43.69 -22.87 59.52
CA VAL J 58 -42.65 -22.19 60.29
C VAL J 58 -42.41 -22.98 61.57
N PRO J 59 -41.16 -23.38 61.88
CA PRO J 59 -40.88 -24.10 63.13
C PRO J 59 -40.92 -23.18 64.34
N SER J 60 -42.12 -23.03 64.93
CA SER J 60 -42.38 -21.97 65.90
C SER J 60 -41.50 -22.09 67.14
N ARG J 61 -40.75 -21.02 67.39
CA ARG J 61 -40.07 -20.78 68.65
C ARG J 61 -40.43 -19.41 69.18
N PHE J 62 -41.26 -18.67 68.44
CA PHE J 62 -41.52 -17.27 68.67
C PHE J 62 -42.90 -16.92 68.11
N SER J 63 -43.28 -15.65 68.23
CA SER J 63 -44.53 -15.13 67.69
C SER J 63 -44.47 -13.62 67.69
N GLY J 64 -45.36 -13.00 66.89
CA GLY J 64 -45.40 -11.57 66.71
C GLY J 64 -46.53 -10.93 67.51
N SER J 65 -46.62 -9.60 67.44
CA SER J 65 -47.55 -8.86 68.27
C SER J 65 -47.64 -7.41 67.76
N GLY J 66 -48.44 -6.62 68.45
CA GLY J 66 -48.64 -5.22 68.17
C GLY J 66 -49.93 -4.97 67.40
N SER J 67 -50.33 -3.70 67.35
CA SER J 67 -51.55 -3.33 66.63
C SER J 67 -51.52 -1.86 66.28
N GLY J 68 -51.84 -1.55 65.02
CA GLY J 68 -51.90 -0.17 64.58
C GLY J 68 -50.59 0.40 64.08
N THR J 69 -49.93 1.21 64.89
CA THR J 69 -48.67 1.80 64.47
C THR J 69 -47.51 0.84 64.71
N ASP J 70 -47.47 0.21 65.89
CA ASP J 70 -46.35 -0.62 66.29
C ASP J 70 -46.73 -2.09 66.27
N TYR J 71 -45.74 -2.93 65.93
CA TYR J 71 -45.84 -4.37 66.01
C TYR J 71 -44.50 -4.93 66.48
N SER J 72 -44.55 -5.90 67.39
CA SER J 72 -43.36 -6.48 67.98
C SER J 72 -43.20 -7.94 67.55
N LEU J 73 -42.00 -8.47 67.79
CA LEU J 73 -41.70 -9.88 67.54
C LEU J 73 -40.99 -10.42 68.78
N THR J 74 -41.69 -11.24 69.55
CA THR J 74 -41.13 -11.85 70.75
C THR J 74 -40.55 -13.23 70.40
N ILE J 75 -39.43 -13.58 71.02
CA ILE J 75 -38.77 -14.87 70.86
C ILE J 75 -38.58 -15.49 72.23
N SER J 76 -38.88 -16.79 72.33
CA SER J 76 -38.74 -17.53 73.58
C SER J 76 -37.28 -17.59 74.00
N ASN J 77 -36.49 -18.39 73.29
CA ASN J 77 -35.08 -18.57 73.59
C ASN J 77 -34.38 -18.87 72.28
N LEU J 78 -33.38 -18.05 71.94
CA LEU J 78 -32.68 -18.20 70.67
C LEU J 78 -31.91 -19.51 70.62
N GLU J 79 -31.29 -19.78 69.47
CA GLU J 79 -30.48 -20.96 69.23
C GLU J 79 -29.19 -20.55 68.55
N GLN J 80 -28.11 -21.33 68.72
CA GLN J 80 -26.84 -21.01 68.03
C GLN J 80 -26.86 -21.14 66.51
N GLU J 81 -28.01 -21.49 65.90
CA GLU J 81 -28.16 -21.52 64.45
C GLU J 81 -29.39 -20.74 63.99
N ASP J 82 -30.11 -20.13 64.93
CA ASP J 82 -31.23 -19.22 64.66
C ASP J 82 -30.76 -17.79 64.98
N ILE J 83 -29.97 -17.24 64.06
CA ILE J 83 -29.45 -15.87 64.14
C ILE J 83 -29.46 -15.25 62.74
N ALA J 84 -30.19 -14.15 62.54
CA ALA J 84 -30.34 -13.61 61.20
C ALA J 84 -30.89 -12.19 61.28
N THR J 85 -30.81 -11.46 60.17
CA THR J 85 -31.50 -10.18 60.06
C THR J 85 -33.00 -10.41 59.82
N TYR J 86 -33.84 -9.66 60.53
CA TYR J 86 -35.29 -9.81 60.47
C TYR J 86 -35.94 -8.57 59.86
N PHE J 87 -36.97 -8.79 59.05
CA PHE J 87 -37.63 -7.75 58.28
C PHE J 87 -39.12 -7.72 58.58
N CYS J 88 -39.70 -6.52 58.52
CA CYS J 88 -41.13 -6.34 58.63
C CYS J 88 -41.62 -5.57 57.41
N GLN J 89 -42.65 -6.07 56.75
CA GLN J 89 -43.18 -5.48 55.53
C GLN J 89 -44.66 -5.16 55.72
N GLN J 90 -45.07 -3.97 55.30
CA GLN J 90 -46.46 -3.53 55.43
C GLN J 90 -47.27 -4.03 54.25
N GLY J 91 -48.43 -4.63 54.53
CA GLY J 91 -49.30 -5.10 53.47
C GLY J 91 -50.63 -4.39 53.46
N ASN J 92 -50.61 -3.07 53.66
CA ASN J 92 -51.85 -2.31 53.78
C ASN J 92 -52.10 -1.34 52.65
N THR J 93 -51.09 -0.60 52.20
CA THR J 93 -51.22 0.26 51.04
C THR J 93 -50.12 -0.07 50.03
N LEU J 94 -50.24 0.48 48.83
CA LEU J 94 -49.25 0.24 47.78
C LEU J 94 -48.57 1.56 47.42
N PRO J 95 -47.23 1.53 47.23
CA PRO J 95 -46.29 0.40 47.07
C PRO J 95 -45.84 -0.29 48.33
N TRP J 96 -45.68 -1.62 48.25
CA TRP J 96 -45.26 -2.39 49.42
C TRP J 96 -43.83 -2.03 49.81
N THR J 97 -43.59 -1.93 51.11
CA THR J 97 -42.26 -1.56 51.59
C THR J 97 -41.92 -2.39 52.81
N PHE J 98 -40.62 -2.65 52.97
CA PHE J 98 -40.08 -3.35 54.12
C PHE J 98 -39.42 -2.37 55.09
N GLY J 99 -39.10 -2.88 56.27
CA GLY J 99 -38.28 -2.15 57.22
C GLY J 99 -36.80 -2.25 56.87
N GLY J 100 -35.99 -1.71 57.76
CA GLY J 100 -34.56 -1.68 57.51
C GLY J 100 -33.78 -2.88 58.00
N GLY J 101 -34.46 -3.87 58.59
CA GLY J 101 -33.81 -5.09 59.05
C GLY J 101 -33.07 -4.96 60.37
N SER J 102 -33.15 -5.97 61.22
CA SER J 102 -32.45 -5.97 62.50
C SER J 102 -31.77 -7.32 62.69
N LYS J 103 -30.50 -7.31 63.08
CA LYS J 103 -29.72 -8.53 63.22
C LYS J 103 -29.42 -8.95 64.65
N LEU J 104 -29.19 -10.24 64.84
CA LEU J 104 -28.87 -10.76 66.16
C LEU J 104 -27.45 -11.30 66.15
N GLU J 105 -26.74 -11.13 67.26
CA GLU J 105 -25.37 -11.61 67.32
C GLU J 105 -24.95 -11.89 68.76
#